data_7QH9
#
_entry.id   7QH9
#
_cell.length_a   58.870
_cell.length_b   70.570
_cell.length_c   137.380
_cell.angle_alpha   89.971
_cell.angle_beta   90.013
_cell.angle_gamma   90.020
#
_symmetry.space_group_name_H-M   'P 1'
#
loop_
_entity.id
_entity.type
_entity.pdbx_description
1 polymer TarM(Se)_G117R-4RboP
2 non-polymer '[(2~{R},3~{S},4~{S})-2,3,4-tris(oxidanyl)-5-phosphonooxy-pentyl] [(2~{S},3~{R},4~{R})-2,3,4-tris(oxidanyl)-5-phosphonooxy-pentyl] hydrogen phosphate'
3 non-polymer 1,2-ETHANEDIOL
4 non-polymer 'CHLORIDE ION'
5 water water
#
_entity_poly.entity_id   1
_entity_poly.type   'polypeptide(L)'
_entity_poly.pdbx_seq_one_letter_code
;MHHHHHHSGENLYFQSMKQTYMIVNELDVNKGGMTTAMLTRSKFFLDNEISGDIITFDFKANYKDILKELVQSKKMDKRT
QMHNPFIYFKNISNLQHKKYNYTMTRNLSNLLKDSVEIKENSRISRFFNIMSREYLAYKRETEQETIFDLFKNNLRYKRI
YFYKGKIVKTEVFNSDNNLIAEQFYDDNGYLYLYRQINPEKKSIGKTYLVCKEKQFKNNVEFCSYFLDKLIPDINDNIII
CDGPGSFPKILKTNHKNVKKFAVIHVNHYKNFDDTGAVKKQEDYILRNANKINGVVMLTEAQKKDIIEKYKITNAYVISN
FINITDDYRDKNDNKVVGHISRLVPQKGLPYLIDVAKKVVEQDNSVEFHLYGTGEEKSKIENLIQESNLTNNVKLLGYTT
NAIEKIKDFRCVISTSQFEGQGLSLIEAMLLKKPVVAFDVKYGPSDFVKDGKNGYLIENKDIKKMANKILKLLHDKELSK
SLGKHGRDTIIDMYQPEKLMVKWKQLFN
;
_entity_poly.pdbx_strand_id   AAA,BBB,CCC,DDD
#
# COMPACT_ATOMS: atom_id res chain seq x y z
N MET A 17 21.94 5.79 -31.14
CA MET A 17 20.98 4.73 -31.56
C MET A 17 19.60 5.33 -31.84
N LYS A 18 18.74 4.56 -32.53
CA LYS A 18 17.38 4.96 -33.01
C LYS A 18 16.41 5.18 -31.84
N GLN A 19 15.51 6.16 -31.97
CA GLN A 19 14.48 6.54 -30.97
C GLN A 19 13.08 6.37 -31.56
N THR A 20 12.13 5.88 -30.77
CA THR A 20 10.74 5.58 -31.21
C THR A 20 9.75 6.60 -30.62
N TYR A 21 8.69 6.88 -31.36
CA TYR A 21 7.60 7.82 -30.98
C TYR A 21 6.26 7.15 -31.27
N MET A 22 5.71 6.39 -30.33
CA MET A 22 4.40 5.71 -30.50
C MET A 22 3.29 6.76 -30.55
N ILE A 23 2.16 6.51 -31.22
CA ILE A 23 1.13 7.56 -31.43
C ILE A 23 -0.26 7.05 -31.01
N VAL A 24 -1.00 7.85 -30.25
CA VAL A 24 -2.41 7.56 -29.83
C VAL A 24 -3.07 8.90 -29.48
N ASN A 25 -4.40 8.98 -29.55
CA ASN A 25 -5.11 10.27 -29.31
C ASN A 25 -4.92 10.68 -27.84
N GLU A 26 -5.36 9.85 -26.89
CA GLU A 26 -5.24 10.22 -25.45
C GLU A 26 -4.61 9.10 -24.62
N LEU A 27 -4.20 9.51 -23.42
CA LEU A 27 -3.56 8.67 -22.40
C LEU A 27 -4.14 9.13 -21.06
N ASP A 28 -4.65 8.17 -20.28
CA ASP A 28 -5.27 8.42 -18.95
C ASP A 28 -5.20 7.12 -18.13
N VAL A 29 -5.74 7.18 -16.91
CA VAL A 29 -5.89 6.02 -15.99
C VAL A 29 -7.19 5.29 -16.36
N ASN A 30 -7.32 4.05 -15.89
CA ASN A 30 -8.52 3.19 -16.12
C ASN A 30 -8.59 2.77 -17.60
N LYS A 31 -7.60 3.14 -18.41
CA LYS A 31 -7.48 2.64 -19.80
C LYS A 31 -6.52 1.45 -19.78
N GLY A 32 -7.01 0.24 -20.09
CA GLY A 32 -6.24 -1.01 -19.93
C GLY A 32 -6.05 -1.77 -21.22
N GLY A 33 -6.38 -1.18 -22.38
CA GLY A 33 -6.22 -1.84 -23.68
C GLY A 33 -4.98 -1.37 -24.41
N MET A 34 -5.18 -0.59 -25.47
CA MET A 34 -4.08 -0.07 -26.33
C MET A 34 -3.00 0.55 -25.44
N THR A 35 -3.40 1.41 -24.51
CA THR A 35 -2.46 2.16 -23.63
C THR A 35 -1.53 1.16 -22.94
N THR A 36 -2.07 0.17 -22.25
CA THR A 36 -1.27 -0.86 -21.51
C THR A 36 -0.26 -1.50 -22.48
N ALA A 37 -0.72 -1.94 -23.66
CA ALA A 37 0.11 -2.61 -24.67
C ALA A 37 1.24 -1.69 -25.16
N MET A 38 0.94 -0.42 -25.45
CA MET A 38 1.91 0.61 -25.92
C MET A 38 2.95 0.89 -24.84
N LEU A 39 2.48 1.04 -23.59
CA LEU A 39 3.32 1.32 -22.40
C LEU A 39 4.17 0.10 -22.04
N THR A 40 3.63 -1.11 -22.20
CA THR A 40 4.39 -2.38 -21.97
C THR A 40 5.49 -2.45 -23.04
N ARG A 41 5.15 -2.22 -24.31
CA ARG A 41 6.08 -2.21 -25.47
C ARG A 41 7.25 -1.26 -25.20
N SER A 42 6.98 -0.07 -24.63
CA SER A 42 8.01 0.94 -24.34
C SER A 42 9.05 0.37 -23.36
N LYS A 43 8.60 -0.32 -22.31
CA LYS A 43 9.48 -0.87 -21.26
C LYS A 43 10.56 -1.73 -21.92
N PHE A 44 10.14 -2.73 -22.71
CA PHE A 44 11.07 -3.67 -23.38
C PHE A 44 11.99 -2.89 -24.33
N PHE A 45 11.46 -1.88 -25.02
CA PHE A 45 12.24 -1.06 -25.98
C PHE A 45 13.41 -0.40 -25.26
N LEU A 46 13.14 0.28 -24.14
CA LEU A 46 14.18 0.99 -23.36
C LEU A 46 15.27 -0.01 -22.95
N ASP A 47 14.86 -1.21 -22.54
CA ASP A 47 15.78 -2.30 -22.13
C ASP A 47 16.66 -2.72 -23.32
N ASN A 48 16.15 -2.53 -24.54
CA ASN A 48 16.88 -2.86 -25.80
C ASN A 48 17.44 -1.56 -26.41
N GLU A 49 17.87 -0.63 -25.54
CA GLU A 49 18.51 0.70 -25.81
C GLU A 49 17.82 1.46 -26.95
N ILE A 50 16.48 1.43 -26.99
CA ILE A 50 15.63 2.17 -27.97
C ILE A 50 14.57 2.93 -27.16
N SER A 51 14.41 4.23 -27.39
CA SER A 51 13.40 5.08 -26.67
C SER A 51 12.00 4.67 -27.11
N GLY A 52 11.04 4.66 -26.18
CA GLY A 52 9.65 4.27 -26.47
C GLY A 52 8.65 5.37 -26.12
N ASP A 53 8.96 6.61 -26.47
CA ASP A 53 8.15 7.82 -26.12
C ASP A 53 6.76 7.75 -26.76
N ILE A 54 5.75 8.32 -26.09
CA ILE A 54 4.33 8.37 -26.55
C ILE A 54 4.03 9.76 -27.13
N ILE A 55 3.13 9.83 -28.11
CA ILE A 55 2.60 11.10 -28.67
C ILE A 55 1.08 11.07 -28.52
N THR A 56 0.52 12.06 -27.84
CA THR A 56 -0.94 12.25 -27.68
C THR A 56 -1.33 13.57 -28.35
N PHE A 57 -2.62 13.84 -28.55
CA PHE A 57 -3.07 15.07 -29.26
C PHE A 57 -4.15 15.85 -28.50
N ASP A 58 -4.62 15.38 -27.34
CA ASP A 58 -5.75 16.03 -26.63
C ASP A 58 -5.24 17.00 -25.57
N PHE A 59 -6.10 17.91 -25.10
CA PHE A 59 -5.76 18.88 -24.03
C PHE A 59 -6.25 18.36 -22.67
N LYS A 60 -5.29 18.10 -21.79
CA LYS A 60 -5.56 17.83 -20.36
C LYS A 60 -4.75 18.87 -19.56
N ALA A 61 -5.44 19.72 -18.79
CA ALA A 61 -4.82 20.78 -17.97
C ALA A 61 -3.91 20.14 -16.92
N ASN A 62 -4.32 18.95 -16.45
CA ASN A 62 -3.67 18.13 -15.37
C ASN A 62 -2.94 16.92 -15.96
N TYR A 63 -2.52 16.99 -17.23
CA TYR A 63 -1.83 15.88 -17.94
C TYR A 63 -0.58 15.45 -17.16
N LYS A 64 0.02 16.36 -16.38
CA LYS A 64 1.23 16.10 -15.56
C LYS A 64 0.88 15.15 -14.40
N ASP A 65 -0.28 15.34 -13.77
CA ASP A 65 -0.71 14.49 -12.62
C ASP A 65 -1.02 13.08 -13.13
N ILE A 66 -1.74 12.97 -14.25
CA ILE A 66 -2.13 11.68 -14.90
C ILE A 66 -0.87 10.87 -15.25
N LEU A 67 0.19 11.49 -15.77
CA LEU A 67 1.46 10.81 -16.17
C LEU A 67 2.18 10.29 -14.92
N LYS A 68 2.12 11.02 -13.80
CA LYS A 68 2.82 10.67 -12.53
C LYS A 68 2.12 9.48 -11.86
N GLU A 69 0.79 9.39 -11.93
CA GLU A 69 0.01 8.28 -11.31
C GLU A 69 0.34 6.99 -12.05
N LEU A 70 0.42 7.05 -13.38
CA LEU A 70 0.74 5.85 -14.22
C LEU A 70 2.11 5.31 -13.82
N VAL A 71 3.11 6.18 -13.64
CA VAL A 71 4.48 5.77 -13.24
C VAL A 71 4.43 5.19 -11.83
N GLN A 72 3.71 5.84 -10.91
CA GLN A 72 3.62 5.40 -9.49
C GLN A 72 2.90 4.05 -9.40
N SER A 73 1.96 3.79 -10.33
CA SER A 73 1.18 2.52 -10.34
C SER A 73 1.95 1.45 -11.14
N LYS A 74 3.22 1.71 -11.47
CA LYS A 74 4.09 0.77 -12.22
C LYS A 74 3.41 0.36 -13.54
N LYS A 75 2.59 1.24 -14.11
CA LYS A 75 1.94 1.00 -15.43
C LYS A 75 2.73 1.74 -16.50
N MET A 76 3.33 2.87 -16.16
CA MET A 76 4.17 3.66 -17.09
C MET A 76 5.62 3.60 -16.60
N ASP A 77 6.59 3.72 -17.52
CA ASP A 77 8.02 3.67 -17.20
C ASP A 77 8.51 5.11 -17.01
N LYS A 78 9.31 5.37 -15.97
CA LYS A 78 9.89 6.71 -15.68
C LYS A 78 10.66 7.22 -16.91
N ARG A 79 11.21 6.31 -17.72
CA ARG A 79 12.03 6.60 -18.92
C ARG A 79 11.13 6.97 -20.10
N THR A 80 9.84 6.63 -20.06
CA THR A 80 8.87 6.94 -21.14
C THR A 80 8.37 8.37 -20.96
N GLN A 81 8.51 9.21 -22.00
CA GLN A 81 8.03 10.61 -21.98
C GLN A 81 6.83 10.73 -22.91
N MET A 82 6.01 11.77 -22.72
CA MET A 82 4.79 11.95 -23.55
C MET A 82 4.83 13.32 -24.23
N HIS A 83 4.72 13.32 -25.55
CA HIS A 83 4.71 14.56 -26.37
C HIS A 83 3.26 14.87 -26.75
N ASN A 84 2.83 16.10 -26.47
CA ASN A 84 1.46 16.63 -26.69
C ASN A 84 1.55 17.99 -27.38
N PRO A 85 0.65 18.37 -28.33
CA PRO A 85 0.77 19.66 -29.01
C PRO A 85 0.33 20.84 -28.14
N PHE A 86 -0.36 20.57 -27.03
CA PHE A 86 -0.73 21.64 -26.08
C PHE A 86 0.48 21.92 -25.19
N ILE A 87 1.22 20.88 -24.78
CA ILE A 87 2.45 21.00 -23.92
C ILE A 87 3.59 21.62 -24.76
N TYR A 88 3.85 21.09 -25.95
CA TYR A 88 4.91 21.53 -26.91
C TYR A 88 4.78 23.03 -27.21
N PHE A 89 3.69 23.46 -27.86
CA PHE A 89 3.48 24.86 -28.32
C PHE A 89 3.24 25.81 -27.15
N LYS A 90 3.14 25.32 -25.91
CA LYS A 90 3.00 26.17 -24.71
C LYS A 90 4.41 26.53 -24.25
N ASN A 91 5.30 25.52 -24.23
CA ASN A 91 6.72 25.62 -23.81
C ASN A 91 7.49 26.56 -24.78
N ILE A 92 7.09 26.59 -26.05
CA ILE A 92 7.66 27.47 -27.12
C ILE A 92 7.05 28.88 -26.98
N SER A 93 5.74 28.99 -26.73
CA SER A 93 5.03 30.28 -26.55
C SER A 93 5.52 30.99 -25.28
N ASN A 94 5.85 30.21 -24.24
CA ASN A 94 6.36 30.67 -22.92
C ASN A 94 7.66 31.46 -23.07
N LEU A 95 8.45 31.19 -24.12
CA LEU A 95 9.81 31.79 -24.37
C LEU A 95 9.68 33.25 -24.79
N GLN A 96 8.57 33.61 -25.44
CA GLN A 96 8.40 34.92 -26.13
C GLN A 96 7.93 36.01 -25.16
N HIS A 97 7.77 35.71 -23.86
CA HIS A 97 7.38 36.72 -22.84
C HIS A 97 8.15 36.50 -21.54
N LYS A 98 8.24 37.55 -20.72
CA LYS A 98 9.00 37.54 -19.45
C LYS A 98 8.03 37.63 -18.27
N LYS A 99 7.13 38.62 -18.27
CA LYS A 99 6.15 38.90 -17.18
C LYS A 99 4.81 38.20 -17.46
N TYR A 100 4.03 37.92 -16.41
CA TYR A 100 2.68 37.33 -16.55
C TYR A 100 1.73 38.45 -16.97
N ASN A 101 0.95 38.21 -18.02
CA ASN A 101 -0.05 39.19 -18.51
C ASN A 101 -1.40 38.89 -17.85
N TYR A 102 -1.82 39.72 -16.90
CA TYR A 102 -3.12 39.57 -16.20
C TYR A 102 -4.23 40.24 -17.01
N THR A 103 -4.00 40.52 -18.30
CA THR A 103 -4.98 41.22 -19.17
C THR A 103 -6.33 40.50 -19.09
N MET A 104 -6.36 39.22 -19.47
CA MET A 104 -7.62 38.42 -19.48
C MET A 104 -8.24 38.46 -18.08
N THR A 105 -7.44 38.23 -17.04
CA THR A 105 -7.92 38.19 -15.63
C THR A 105 -8.53 39.56 -15.28
N ARG A 106 -7.88 40.65 -15.68
CA ARG A 106 -8.34 42.02 -15.34
C ARG A 106 -9.57 42.35 -16.18
N ASN A 107 -9.62 41.89 -17.43
CA ASN A 107 -10.80 42.08 -18.31
C ASN A 107 -12.01 41.51 -17.57
N LEU A 108 -11.83 40.37 -16.90
CA LEU A 108 -12.89 39.68 -16.11
C LEU A 108 -13.14 40.46 -14.82
N SER A 109 -12.07 40.93 -14.16
CA SER A 109 -12.14 41.77 -12.95
C SER A 109 -12.94 43.05 -13.26
N ASN A 110 -12.95 43.45 -14.54
CA ASN A 110 -13.61 44.66 -15.09
C ASN A 110 -15.06 44.36 -15.51
N LEU A 111 -15.39 43.11 -15.86
CA LEU A 111 -16.75 42.73 -16.28
C LEU A 111 -17.63 42.63 -15.03
N LEU A 112 -17.04 42.17 -13.93
CA LEU A 112 -17.73 41.89 -12.65
C LEU A 112 -17.36 42.97 -11.61
N LYS A 113 -16.77 44.10 -12.04
CA LYS A 113 -16.23 45.17 -11.16
C LYS A 113 -17.32 45.73 -10.21
N ASP A 114 -18.51 46.05 -10.71
CA ASP A 114 -19.63 46.59 -9.89
C ASP A 114 -20.83 45.64 -10.00
N SER A 115 -20.75 44.48 -9.32
CA SER A 115 -21.78 43.42 -9.31
C SER A 115 -21.87 42.76 -7.92
N VAL A 116 -23.09 42.43 -7.49
CA VAL A 116 -23.37 41.79 -6.18
C VAL A 116 -22.99 40.30 -6.26
N GLU A 117 -22.27 39.78 -5.26
CA GLU A 117 -21.78 38.37 -5.22
C GLU A 117 -22.70 37.47 -4.36
N ILE A 118 -23.70 36.84 -5.00
CA ILE A 118 -24.67 35.94 -4.30
C ILE A 118 -24.05 34.54 -4.14
N LYS A 119 -23.35 34.31 -3.03
CA LYS A 119 -22.70 33.01 -2.70
C LYS A 119 -23.78 31.99 -2.30
N GLU A 120 -24.18 31.11 -3.23
CA GLU A 120 -25.17 30.02 -3.04
C GLU A 120 -24.67 29.02 -1.99
N ASN A 121 -23.38 28.66 -2.06
CA ASN A 121 -22.66 27.75 -1.11
C ASN A 121 -21.16 28.09 -1.15
N SER A 122 -20.32 27.24 -0.57
CA SER A 122 -18.84 27.40 -0.54
C SER A 122 -18.23 27.24 -1.94
N ARG A 123 -18.97 26.66 -2.90
CA ARG A 123 -18.50 26.37 -4.29
C ARG A 123 -19.19 27.31 -5.30
N ILE A 124 -20.52 27.37 -5.30
CA ILE A 124 -21.32 28.14 -6.30
C ILE A 124 -21.55 29.59 -5.83
N SER A 125 -21.50 30.54 -6.78
CA SER A 125 -21.66 32.01 -6.61
C SER A 125 -22.18 32.61 -7.92
N ARG A 126 -23.00 33.65 -7.83
CA ARG A 126 -23.55 34.34 -9.02
C ARG A 126 -23.34 35.85 -8.90
N PHE A 127 -23.05 36.51 -10.02
CA PHE A 127 -22.82 37.98 -10.08
C PHE A 127 -23.95 38.67 -10.84
N PHE A 128 -24.46 39.74 -10.26
CA PHE A 128 -25.59 40.52 -10.83
C PHE A 128 -25.19 41.99 -10.89
N ASN A 129 -25.20 42.59 -12.09
CA ASN A 129 -24.95 44.04 -12.25
C ASN A 129 -26.28 44.77 -12.08
N ILE A 130 -26.40 45.59 -11.04
CA ILE A 130 -27.65 46.34 -10.73
C ILE A 130 -27.98 47.25 -11.92
N MET A 131 -26.97 47.95 -12.46
CA MET A 131 -27.14 48.88 -13.61
C MET A 131 -27.61 48.10 -14.84
N SER A 132 -27.06 46.90 -15.04
CA SER A 132 -27.41 46.04 -16.21
C SER A 132 -28.74 45.33 -15.97
N ARG A 133 -29.18 45.25 -14.71
CA ARG A 133 -30.47 44.61 -14.32
C ARG A 133 -30.54 43.19 -14.91
N GLU A 134 -29.41 42.47 -14.91
CA GLU A 134 -29.32 41.09 -15.47
C GLU A 134 -28.12 40.38 -14.84
N TYR A 135 -28.25 39.08 -14.58
CA TYR A 135 -27.15 38.23 -14.05
C TYR A 135 -26.02 38.21 -15.09
N LEU A 136 -24.79 38.53 -14.67
CA LEU A 136 -23.61 38.65 -15.55
C LEU A 136 -22.87 37.30 -15.68
N ALA A 137 -22.60 36.58 -14.58
CA ALA A 137 -21.77 35.34 -14.57
C ALA A 137 -21.95 34.47 -13.32
N TYR A 138 -21.58 33.19 -13.44
CA TYR A 138 -21.57 32.17 -12.35
C TYR A 138 -20.13 31.74 -12.03
N LYS A 139 -19.83 31.47 -10.75
CA LYS A 139 -18.47 31.07 -10.32
C LYS A 139 -18.53 29.72 -9.58
N ARG A 140 -17.82 28.71 -10.07
CA ARG A 140 -17.71 27.39 -9.38
C ARG A 140 -16.29 27.24 -8.83
N GLU A 141 -16.12 27.32 -7.51
CA GLU A 141 -14.78 27.28 -6.88
C GLU A 141 -14.59 25.94 -6.16
N THR A 142 -13.54 25.20 -6.50
CA THR A 142 -13.17 23.92 -5.85
C THR A 142 -11.68 23.96 -5.49
N GLU A 143 -11.09 22.82 -5.13
CA GLU A 143 -9.66 22.73 -4.77
C GLU A 143 -8.83 22.78 -6.06
N GLN A 144 -8.11 23.89 -6.27
CA GLN A 144 -7.18 24.11 -7.41
C GLN A 144 -7.95 24.24 -8.74
N GLU A 145 -9.28 24.38 -8.73
CA GLU A 145 -10.05 24.61 -9.97
C GLU A 145 -11.13 25.67 -9.71
N THR A 146 -11.18 26.70 -10.56
CA THR A 146 -12.20 27.78 -10.45
C THR A 146 -12.74 28.09 -11.85
N ILE A 147 -14.04 27.90 -12.04
CA ILE A 147 -14.68 28.06 -13.38
C ILE A 147 -15.63 29.27 -13.34
N PHE A 148 -15.66 30.02 -14.44
CA PHE A 148 -16.56 31.19 -14.65
C PHE A 148 -17.40 30.94 -15.91
N ASP A 149 -18.72 30.99 -15.77
CA ASP A 149 -19.66 30.92 -16.91
C ASP A 149 -20.30 32.30 -17.03
N LEU A 150 -20.03 32.99 -18.15
CA LEU A 150 -20.49 34.38 -18.44
C LEU A 150 -21.74 34.35 -19.32
N PHE A 151 -22.72 35.19 -19.02
CA PHE A 151 -24.04 35.14 -19.71
C PHE A 151 -24.37 36.50 -20.33
N LYS A 152 -25.29 36.48 -21.29
CA LYS A 152 -25.83 37.70 -21.96
C LYS A 152 -27.30 37.45 -22.26
N ASN A 153 -28.21 38.05 -21.50
CA ASN A 153 -29.67 37.79 -21.57
C ASN A 153 -29.93 36.34 -21.14
N ASN A 154 -29.32 35.93 -20.02
CA ASN A 154 -29.47 34.57 -19.42
C ASN A 154 -29.06 33.51 -20.46
N LEU A 155 -28.09 33.82 -21.32
CA LEU A 155 -27.59 32.88 -22.35
C LEU A 155 -26.08 32.77 -22.23
N ARG A 156 -25.56 31.57 -21.96
CA ARG A 156 -24.10 31.36 -21.75
C ARG A 156 -23.37 31.59 -23.08
N TYR A 157 -22.44 32.55 -23.09
CA TYR A 157 -21.63 32.89 -24.29
C TYR A 157 -20.15 32.57 -24.07
N LYS A 158 -19.69 32.43 -22.82
CA LYS A 158 -18.25 32.18 -22.50
C LYS A 158 -18.11 31.38 -21.21
N ARG A 159 -16.97 30.68 -21.08
CA ARG A 159 -16.55 29.91 -19.89
C ARG A 159 -15.05 30.12 -19.67
N ILE A 160 -14.67 30.68 -18.52
CA ILE A 160 -13.22 30.91 -18.18
C ILE A 160 -12.77 29.83 -17.18
N TYR A 161 -11.75 29.05 -17.56
CA TYR A 161 -11.15 27.99 -16.70
C TYR A 161 -9.90 28.53 -16.01
N PHE A 162 -9.80 28.27 -14.73
CA PHE A 162 -8.63 28.58 -13.87
C PHE A 162 -8.16 27.27 -13.25
N TYR A 163 -6.85 27.05 -13.23
CA TYR A 163 -6.20 25.86 -12.68
C TYR A 163 -4.80 26.29 -12.21
N LYS A 164 -4.56 26.13 -10.92
CA LYS A 164 -3.28 26.44 -10.22
C LYS A 164 -3.03 27.96 -10.22
N GLY A 165 -4.10 28.76 -10.14
CA GLY A 165 -4.04 30.24 -10.01
C GLY A 165 -4.11 30.96 -11.35
N LYS A 166 -3.78 30.29 -12.45
CA LYS A 166 -3.72 30.95 -13.79
C LYS A 166 -4.86 30.45 -14.69
N ILE A 167 -5.27 31.30 -15.63
CA ILE A 167 -6.20 30.98 -16.75
C ILE A 167 -5.49 29.89 -17.55
N VAL A 168 -6.16 28.78 -17.82
CA VAL A 168 -5.56 27.66 -18.61
C VAL A 168 -6.23 27.59 -19.98
N LYS A 169 -7.53 27.92 -20.05
CA LYS A 169 -8.38 27.73 -21.26
C LYS A 169 -9.68 28.53 -21.14
N THR A 170 -10.20 29.02 -22.26
CA THR A 170 -11.55 29.63 -22.31
C THR A 170 -12.39 28.92 -23.39
N GLU A 171 -13.67 28.73 -23.09
CA GLU A 171 -14.65 28.04 -23.97
C GLU A 171 -15.70 29.06 -24.41
N VAL A 172 -15.96 29.18 -25.72
CA VAL A 172 -17.02 30.10 -26.24
C VAL A 172 -18.23 29.28 -26.73
N PHE A 173 -19.43 29.72 -26.35
CA PHE A 173 -20.71 29.04 -26.67
C PHE A 173 -21.59 29.92 -27.56
N ASN A 174 -22.64 29.32 -28.12
CA ASN A 174 -23.59 30.02 -29.05
C ASN A 174 -24.94 30.18 -28.34
N SER A 175 -26.00 30.40 -29.12
CA SER A 175 -27.38 30.58 -28.62
C SER A 175 -27.90 29.25 -28.04
N ASP A 176 -27.54 28.12 -28.65
CA ASP A 176 -28.01 26.78 -28.23
C ASP A 176 -27.09 26.25 -27.11
N ASN A 177 -26.17 27.09 -26.63
CA ASN A 177 -25.19 26.72 -25.57
C ASN A 177 -24.31 25.56 -26.06
N ASN A 178 -24.03 25.51 -27.35
CA ASN A 178 -23.14 24.47 -27.94
C ASN A 178 -21.75 25.09 -28.11
N LEU A 179 -20.69 24.32 -27.84
CA LEU A 179 -19.30 24.82 -27.93
C LEU A 179 -18.99 25.19 -29.39
N ILE A 180 -18.63 26.45 -29.63
CA ILE A 180 -18.28 26.91 -31.01
C ILE A 180 -16.77 27.17 -31.11
N ALA A 181 -16.09 27.59 -30.05
CA ALA A 181 -14.62 27.81 -30.07
C ALA A 181 -13.96 27.60 -28.69
N GLU A 182 -12.71 27.12 -28.71
CA GLU A 182 -11.82 26.89 -27.54
C GLU A 182 -10.56 27.75 -27.69
N GLN A 183 -10.08 28.35 -26.60
CA GLN A 183 -8.84 29.18 -26.57
C GLN A 183 -7.88 28.65 -25.48
N PHE A 184 -6.60 28.47 -25.80
CA PHE A 184 -5.60 27.86 -24.89
C PHE A 184 -4.54 28.91 -24.53
N TYR A 185 -4.24 29.08 -23.25
CA TYR A 185 -3.32 30.14 -22.78
C TYR A 185 -2.03 29.53 -22.24
N ASP A 186 -0.92 30.26 -22.37
CA ASP A 186 0.42 29.79 -21.91
C ASP A 186 0.62 30.15 -20.44
N ASP A 187 1.83 29.97 -19.91
CA ASP A 187 2.08 30.20 -18.46
C ASP A 187 2.38 31.68 -18.23
N ASN A 188 2.45 32.51 -19.28
CA ASN A 188 2.64 33.97 -19.12
C ASN A 188 1.29 34.68 -19.38
N GLY A 189 0.19 33.90 -19.48
CA GLY A 189 -1.19 34.41 -19.60
C GLY A 189 -1.55 34.90 -21.00
N TYR A 190 -0.91 34.38 -22.05
CA TYR A 190 -1.12 34.81 -23.46
C TYR A 190 -1.81 33.72 -24.30
N LEU A 191 -2.62 34.14 -25.27
CA LEU A 191 -3.36 33.24 -26.18
C LEU A 191 -2.38 32.70 -27.24
N TYR A 192 -2.01 31.42 -27.16
CA TYR A 192 -1.06 30.79 -28.11
C TYR A 192 -1.79 29.89 -29.10
N LEU A 193 -2.98 29.41 -28.74
CA LEU A 193 -3.76 28.46 -29.56
C LEU A 193 -5.25 28.76 -29.40
N TYR A 194 -6.01 28.58 -30.47
CA TYR A 194 -7.49 28.67 -30.48
C TYR A 194 -8.02 27.95 -31.72
N ARG A 195 -9.25 27.43 -31.64
CA ARG A 195 -9.81 26.66 -32.77
C ARG A 195 -11.31 26.85 -32.88
N GLN A 196 -11.81 26.65 -34.09
CA GLN A 196 -13.26 26.62 -34.38
C GLN A 196 -13.74 25.20 -34.07
N ILE A 197 -14.93 25.07 -33.50
CA ILE A 197 -15.56 23.74 -33.24
C ILE A 197 -16.96 23.77 -33.84
N ASN A 198 -17.27 22.89 -34.79
CA ASN A 198 -18.64 22.78 -35.36
C ASN A 198 -19.60 22.56 -34.19
N PRO A 199 -20.62 23.43 -34.00
CA PRO A 199 -21.50 23.35 -32.83
C PRO A 199 -22.23 22.01 -32.67
N GLU A 200 -23.04 21.61 -33.65
CA GLU A 200 -23.88 20.38 -33.57
C GLU A 200 -23.01 19.16 -33.86
N LYS A 201 -22.14 19.22 -34.88
CA LYS A 201 -21.30 18.07 -35.30
C LYS A 201 -20.24 17.79 -34.25
N LYS A 202 -20.01 18.74 -33.31
CA LYS A 202 -19.02 18.58 -32.21
C LYS A 202 -17.64 18.22 -32.79
N SER A 203 -17.35 18.62 -34.03
CA SER A 203 -16.07 18.33 -34.71
C SER A 203 -15.11 19.53 -34.67
N ILE A 204 -13.81 19.25 -34.52
CA ILE A 204 -12.72 20.28 -34.52
C ILE A 204 -12.50 20.77 -35.95
N GLY A 205 -12.59 22.08 -36.16
CA GLY A 205 -12.41 22.73 -37.47
C GLY A 205 -11.16 23.60 -37.54
N LYS A 206 -11.32 24.85 -38.02
CA LYS A 206 -10.21 25.80 -38.23
C LYS A 206 -9.42 26.02 -36.93
N THR A 207 -8.18 25.52 -36.88
CA THR A 207 -7.24 25.66 -35.73
C THR A 207 -6.25 26.79 -36.06
N TYR A 208 -6.03 27.72 -35.13
CA TYR A 208 -5.13 28.88 -35.38
C TYR A 208 -3.99 28.89 -34.37
N LEU A 209 -2.76 28.62 -34.83
CA LEU A 209 -1.55 28.76 -33.98
C LEU A 209 -1.16 30.25 -33.96
N VAL A 210 -0.86 30.82 -32.80
CA VAL A 210 -0.62 32.29 -32.70
C VAL A 210 0.88 32.58 -32.82
N CYS A 211 1.74 31.82 -32.15
CA CYS A 211 3.21 32.07 -32.17
C CYS A 211 3.76 31.79 -33.57
N LYS A 212 3.14 30.87 -34.31
CA LYS A 212 3.48 30.62 -35.74
C LYS A 212 2.69 31.58 -36.61
N GLU A 213 1.64 32.20 -36.05
CA GLU A 213 0.69 33.05 -36.81
C GLU A 213 0.16 32.24 -38.00
N LYS A 214 -0.13 30.96 -37.79
CA LYS A 214 -0.54 30.02 -38.87
C LYS A 214 -2.00 29.63 -38.70
N GLN A 215 -2.61 29.11 -39.77
CA GLN A 215 -4.02 28.64 -39.75
C GLN A 215 -4.07 27.21 -40.30
N PHE A 216 -4.70 26.31 -39.56
CA PHE A 216 -4.89 24.90 -39.98
C PHE A 216 -6.36 24.67 -40.29
N LYS A 217 -6.65 23.89 -41.33
CA LYS A 217 -8.04 23.65 -41.81
C LYS A 217 -8.80 22.80 -40.77
N ASN A 218 -8.11 21.83 -40.14
CA ASN A 218 -8.67 20.81 -39.19
C ASN A 218 -7.62 20.45 -38.11
N ASN A 219 -7.95 19.55 -37.17
CA ASN A 219 -6.99 19.09 -36.12
C ASN A 219 -5.90 18.23 -36.78
N VAL A 220 -6.30 17.42 -37.77
CA VAL A 220 -5.40 16.51 -38.54
C VAL A 220 -4.22 17.31 -39.11
N GLU A 221 -4.48 18.47 -39.74
CA GLU A 221 -3.46 19.38 -40.34
C GLU A 221 -2.50 19.86 -39.24
N PHE A 222 -3.05 20.44 -38.16
CA PHE A 222 -2.30 20.97 -36.99
C PHE A 222 -1.36 19.90 -36.43
N CYS A 223 -1.89 18.69 -36.19
CA CYS A 223 -1.13 17.57 -35.58
C CYS A 223 0.00 17.10 -36.52
N SER A 224 -0.23 17.09 -37.84
CA SER A 224 0.81 16.75 -38.85
C SER A 224 1.96 17.75 -38.72
N TYR A 225 1.62 19.04 -38.62
CA TYR A 225 2.56 20.17 -38.41
C TYR A 225 3.27 19.97 -37.07
N PHE A 226 2.53 19.49 -36.05
CA PHE A 226 3.10 19.22 -34.71
C PHE A 226 4.11 18.08 -34.79
N LEU A 227 3.84 17.04 -35.60
CA LEU A 227 4.77 15.89 -35.77
C LEU A 227 6.03 16.33 -36.52
N ASP A 228 5.87 17.21 -37.52
CA ASP A 228 6.97 17.78 -38.34
C ASP A 228 7.87 18.65 -37.44
N LYS A 229 7.28 19.34 -36.47
CA LYS A 229 7.96 20.25 -35.51
C LYS A 229 8.60 19.46 -34.36
N LEU A 230 8.08 18.28 -34.03
CA LEU A 230 8.58 17.44 -32.89
C LEU A 230 9.58 16.40 -33.42
N ILE A 231 9.15 15.48 -34.27
CA ILE A 231 10.01 14.37 -34.77
C ILE A 231 10.95 14.94 -35.83
N PRO A 232 12.28 14.98 -35.59
CA PRO A 232 13.23 15.42 -36.61
C PRO A 232 13.30 14.36 -37.71
N ASP A 233 12.91 14.69 -38.94
CA ASP A 233 12.98 13.74 -40.09
C ASP A 233 14.41 13.17 -40.14
N ILE A 234 14.57 11.87 -39.91
CA ILE A 234 15.89 11.18 -39.96
C ILE A 234 15.65 9.66 -39.93
N ASN A 235 16.55 8.89 -40.54
CA ASN A 235 16.43 7.41 -40.68
C ASN A 235 16.27 6.79 -39.28
N ASP A 236 16.79 7.44 -38.24
CA ASP A 236 16.79 6.91 -36.85
C ASP A 236 15.39 7.04 -36.24
N ASN A 237 14.77 8.22 -36.32
CA ASN A 237 13.47 8.54 -35.67
C ASN A 237 12.32 7.78 -36.36
N ILE A 238 11.83 6.71 -35.73
CA ILE A 238 10.74 5.83 -36.26
C ILE A 238 9.40 6.14 -35.54
N ILE A 239 8.30 6.23 -36.31
CA ILE A 239 6.93 6.55 -35.79
C ILE A 239 6.05 5.29 -35.87
N ILE A 240 5.44 4.89 -34.73
CA ILE A 240 4.54 3.71 -34.63
C ILE A 240 3.11 4.19 -34.32
N CYS A 241 2.22 4.18 -35.31
CA CYS A 241 0.82 4.60 -35.09
C CYS A 241 0.05 3.42 -34.53
N ASP A 242 -0.44 3.54 -33.29
CA ASP A 242 -1.22 2.48 -32.63
C ASP A 242 -2.71 2.83 -32.65
N GLY A 243 -3.04 4.09 -32.37
CA GLY A 243 -4.43 4.58 -32.38
C GLY A 243 -4.99 4.58 -33.80
N PRO A 244 -6.11 3.86 -34.07
CA PRO A 244 -6.66 3.79 -35.43
C PRO A 244 -7.09 5.17 -35.98
N GLY A 245 -7.82 5.96 -35.18
CA GLY A 245 -8.28 7.31 -35.54
C GLY A 245 -7.16 8.33 -35.58
N SER A 246 -5.97 7.97 -35.09
CA SER A 246 -4.78 8.86 -35.08
C SER A 246 -4.05 8.81 -36.43
N PHE A 247 -4.29 7.79 -37.25
CA PHE A 247 -3.54 7.55 -38.53
C PHE A 247 -3.58 8.72 -39.52
N PRO A 248 -4.73 9.39 -39.86
CA PRO A 248 -4.70 10.47 -40.85
C PRO A 248 -3.62 11.53 -40.54
N LYS A 249 -3.46 11.85 -39.26
CA LYS A 249 -2.46 12.83 -38.73
C LYS A 249 -1.04 12.36 -39.03
N ILE A 250 -0.85 11.04 -39.23
CA ILE A 250 0.49 10.43 -39.50
C ILE A 250 0.67 10.20 -41.00
N LEU A 251 -0.41 9.83 -41.73
CA LEU A 251 -0.35 9.56 -43.20
C LEU A 251 -0.01 10.86 -43.94
N LYS A 252 -0.55 11.99 -43.50
CA LYS A 252 -0.41 13.31 -44.18
C LYS A 252 0.71 14.14 -43.55
N THR A 253 1.92 13.58 -43.40
CA THR A 253 3.10 14.32 -42.85
C THR A 253 4.14 14.61 -43.93
N ASN A 254 4.98 15.63 -43.68
CA ASN A 254 6.00 16.15 -44.62
C ASN A 254 7.35 15.45 -44.40
N HIS A 255 7.41 14.49 -43.47
CA HIS A 255 8.64 13.71 -43.18
C HIS A 255 9.02 12.89 -44.42
N LYS A 256 10.30 12.84 -44.77
CA LYS A 256 10.80 12.02 -45.90
C LYS A 256 11.80 10.99 -45.40
N ASN A 257 12.42 11.22 -44.25
CA ASN A 257 13.48 10.32 -43.72
C ASN A 257 12.96 9.54 -42.51
N VAL A 258 11.85 9.98 -41.90
CA VAL A 258 11.28 9.33 -40.68
C VAL A 258 10.46 8.11 -41.11
N LYS A 259 10.74 6.95 -40.52
CA LYS A 259 10.01 5.67 -40.80
C LYS A 259 8.63 5.68 -40.12
N LYS A 260 7.64 5.04 -40.73
CA LYS A 260 6.24 5.01 -40.18
C LYS A 260 5.53 3.66 -40.39
N PHE A 261 5.33 2.93 -39.29
CA PHE A 261 4.61 1.62 -39.25
C PHE A 261 3.29 1.79 -38.49
N ALA A 262 2.22 1.14 -38.98
CA ALA A 262 0.89 1.13 -38.34
C ALA A 262 0.69 -0.21 -37.65
N VAL A 263 0.00 -0.24 -36.51
CA VAL A 263 -0.32 -1.55 -35.85
C VAL A 263 -1.83 -1.68 -35.63
N ILE A 264 -2.39 -2.72 -36.25
CA ILE A 264 -3.83 -3.09 -36.13
C ILE A 264 -3.95 -3.92 -34.83
N HIS A 265 -4.62 -3.37 -33.82
CA HIS A 265 -4.78 -4.00 -32.49
C HIS A 265 -5.95 -4.99 -32.53
N VAL A 266 -7.19 -4.49 -32.53
CA VAL A 266 -8.42 -5.33 -32.54
C VAL A 266 -8.68 -5.85 -33.97
N ASN A 267 -9.57 -6.85 -34.09
CA ASN A 267 -10.08 -7.48 -35.35
C ASN A 267 -10.59 -6.39 -36.31
N HIS A 268 -10.09 -6.37 -37.54
CA HIS A 268 -10.36 -5.31 -38.56
C HIS A 268 -11.78 -5.41 -39.13
N TYR A 269 -12.39 -6.60 -39.18
CA TYR A 269 -13.76 -6.79 -39.73
C TYR A 269 -14.79 -6.07 -38.87
N LYS A 270 -15.90 -5.64 -39.50
CA LYS A 270 -17.06 -5.03 -38.79
C LYS A 270 -17.66 -6.11 -37.90
N ASN A 271 -17.67 -5.90 -36.59
CA ASN A 271 -18.03 -6.91 -35.57
C ASN A 271 -19.48 -7.40 -35.74
N PHE A 272 -19.70 -8.72 -35.53
CA PHE A 272 -20.99 -9.45 -35.62
C PHE A 272 -21.61 -9.34 -37.02
N ASP A 273 -20.78 -9.17 -38.06
CA ASP A 273 -21.21 -9.03 -39.47
C ASP A 273 -20.69 -10.22 -40.29
N ASP A 274 -21.51 -10.71 -41.21
CA ASP A 274 -21.19 -11.86 -42.12
C ASP A 274 -20.98 -11.39 -43.57
N THR A 275 -21.22 -10.10 -43.86
CA THR A 275 -21.20 -9.49 -45.23
C THR A 275 -19.76 -9.17 -45.68
N GLY A 276 -18.74 -9.52 -44.89
CA GLY A 276 -17.33 -9.29 -45.22
C GLY A 276 -16.95 -7.81 -45.15
N ALA A 277 -17.64 -7.03 -44.32
CA ALA A 277 -17.38 -5.58 -44.12
C ALA A 277 -16.17 -5.40 -43.20
N VAL A 278 -15.52 -4.24 -43.27
CA VAL A 278 -14.33 -3.92 -42.44
C VAL A 278 -14.53 -2.54 -41.79
N LYS A 279 -14.28 -2.43 -40.48
CA LYS A 279 -14.45 -1.17 -39.71
C LYS A 279 -13.82 -0.01 -40.49
N LYS A 280 -14.57 1.08 -40.68
CA LYS A 280 -14.14 2.25 -41.48
C LYS A 280 -12.73 2.71 -41.06
N GLN A 281 -12.53 3.01 -39.78
CA GLN A 281 -11.24 3.51 -39.24
C GLN A 281 -10.10 2.60 -39.73
N GLU A 282 -10.26 1.29 -39.53
CA GLU A 282 -9.25 0.23 -39.83
C GLU A 282 -9.19 -0.06 -41.35
N ASP A 283 -10.25 0.26 -42.09
CA ASP A 283 -10.33 0.12 -43.58
C ASP A 283 -9.39 1.14 -44.23
N TYR A 284 -9.43 2.39 -43.75
CA TYR A 284 -8.63 3.53 -44.27
C TYR A 284 -7.13 3.31 -44.03
N ILE A 285 -6.75 2.76 -42.86
CA ILE A 285 -5.33 2.50 -42.46
C ILE A 285 -4.73 1.46 -43.42
N LEU A 286 -5.55 0.52 -43.93
CA LEU A 286 -5.12 -0.59 -44.82
C LEU A 286 -5.13 -0.18 -46.30
N ARG A 287 -5.93 0.81 -46.71
CA ARG A 287 -5.98 1.27 -48.14
C ARG A 287 -4.78 2.18 -48.42
N ASN A 288 -4.25 2.84 -47.39
CA ASN A 288 -3.08 3.73 -47.52
C ASN A 288 -1.83 2.97 -47.06
N ALA A 289 -1.90 1.64 -47.00
CA ALA A 289 -0.81 0.79 -46.48
C ALA A 289 0.49 1.06 -47.24
N ASN A 290 0.39 1.17 -48.57
CA ASN A 290 1.54 1.43 -49.47
C ASN A 290 2.32 2.65 -48.98
N LYS A 291 1.61 3.70 -48.57
CA LYS A 291 2.24 4.99 -48.16
C LYS A 291 3.03 4.78 -46.86
N ILE A 292 2.68 3.78 -46.06
CA ILE A 292 3.36 3.47 -44.76
C ILE A 292 4.55 2.55 -45.06
N ASN A 293 5.45 2.40 -44.08
CA ASN A 293 6.66 1.54 -44.21
C ASN A 293 6.26 0.08 -43.94
N GLY A 294 5.01 -0.16 -43.49
CA GLY A 294 4.50 -1.51 -43.21
C GLY A 294 3.34 -1.47 -42.23
N VAL A 295 2.36 -2.36 -42.41
CA VAL A 295 1.17 -2.45 -41.51
C VAL A 295 1.31 -3.72 -40.66
N VAL A 296 1.74 -3.59 -39.41
CA VAL A 296 2.04 -4.78 -38.55
C VAL A 296 0.77 -5.21 -37.83
N MET A 297 0.60 -6.52 -37.61
CA MET A 297 -0.55 -7.09 -36.85
C MET A 297 -0.08 -8.27 -35.96
N LEU A 298 -0.83 -8.54 -34.89
CA LEU A 298 -0.51 -9.53 -33.83
C LEU A 298 -0.44 -10.98 -34.38
N THR A 299 -1.44 -11.45 -35.14
CA THR A 299 -1.56 -12.87 -35.61
C THR A 299 -1.22 -13.03 -37.10
N GLU A 300 -0.75 -14.22 -37.47
CA GLU A 300 -0.39 -14.60 -38.87
C GLU A 300 -1.68 -14.76 -39.70
N ALA A 301 -2.76 -15.22 -39.06
CA ALA A 301 -4.09 -15.43 -39.68
C ALA A 301 -4.63 -14.11 -40.23
N GLN A 302 -4.35 -12.99 -39.55
CA GLN A 302 -4.78 -11.64 -39.97
C GLN A 302 -3.93 -11.19 -41.16
N LYS A 303 -2.66 -11.63 -41.25
CA LYS A 303 -1.76 -11.28 -42.37
C LYS A 303 -2.32 -11.86 -43.68
N LYS A 304 -3.04 -12.99 -43.58
CA LYS A 304 -3.69 -13.65 -44.75
C LYS A 304 -4.94 -12.84 -45.12
N ASP A 305 -5.87 -12.67 -44.17
CA ASP A 305 -7.15 -11.97 -44.42
C ASP A 305 -6.88 -10.52 -44.86
N ILE A 306 -5.71 -9.97 -44.53
CA ILE A 306 -5.34 -8.58 -44.94
C ILE A 306 -4.81 -8.63 -46.37
N ILE A 307 -4.01 -9.65 -46.71
CA ILE A 307 -3.50 -9.86 -48.09
C ILE A 307 -4.68 -10.28 -48.96
N GLU A 308 -5.81 -10.66 -48.35
CA GLU A 308 -7.05 -10.99 -49.10
C GLU A 308 -7.85 -9.70 -49.30
N LYS A 309 -8.05 -8.92 -48.23
CA LYS A 309 -8.93 -7.73 -48.31
C LYS A 309 -8.20 -6.57 -49.01
N TYR A 310 -6.88 -6.52 -48.98
CA TYR A 310 -6.12 -5.35 -49.52
C TYR A 310 -4.90 -5.77 -50.34
N LYS A 311 -4.65 -7.07 -50.53
CA LYS A 311 -3.48 -7.57 -51.30
C LYS A 311 -2.23 -6.75 -50.94
N ILE A 312 -1.81 -6.80 -49.67
CA ILE A 312 -0.69 -5.96 -49.16
C ILE A 312 0.59 -6.82 -49.13
N THR A 313 1.75 -6.18 -49.33
CA THR A 313 3.07 -6.85 -49.28
C THR A 313 3.90 -6.28 -48.11
N ASN A 314 3.38 -5.28 -47.42
CA ASN A 314 4.11 -4.58 -46.33
C ASN A 314 3.66 -5.12 -44.97
N ALA A 315 2.61 -5.94 -44.93
CA ALA A 315 2.05 -6.49 -43.67
C ALA A 315 3.14 -7.31 -42.95
N TYR A 316 3.44 -6.98 -41.70
CA TYR A 316 4.40 -7.74 -40.86
C TYR A 316 3.64 -8.40 -39.71
N VAL A 317 4.22 -9.42 -39.09
CA VAL A 317 3.54 -10.13 -37.97
C VAL A 317 4.45 -10.10 -36.72
N ILE A 318 4.15 -9.19 -35.79
CA ILE A 318 4.84 -9.11 -34.47
C ILE A 318 3.75 -9.05 -33.40
N SER A 319 3.81 -9.97 -32.44
CA SER A 319 2.87 -10.09 -31.30
C SER A 319 3.16 -9.00 -30.27
N ASN A 320 2.13 -8.56 -29.55
CA ASN A 320 2.24 -7.59 -28.43
C ASN A 320 2.86 -8.32 -27.23
N PHE A 321 4.00 -7.82 -26.71
CA PHE A 321 4.81 -8.43 -25.61
C PHE A 321 3.88 -8.97 -24.50
N ILE A 322 4.12 -10.23 -24.09
CA ILE A 322 3.34 -10.93 -23.03
C ILE A 322 4.02 -10.65 -21.68
N ASN A 323 3.45 -9.77 -20.86
CA ASN A 323 4.03 -9.39 -19.55
C ASN A 323 3.45 -10.28 -18.45
N ILE A 324 3.46 -11.59 -18.64
CA ILE A 324 2.95 -12.55 -17.61
C ILE A 324 4.01 -13.64 -17.38
N THR A 325 4.52 -13.75 -16.15
CA THR A 325 5.50 -14.78 -15.76
C THR A 325 5.03 -15.44 -14.46
N ASP A 326 3.80 -15.94 -14.44
CA ASP A 326 3.16 -16.51 -13.22
C ASP A 326 3.46 -18.00 -13.14
N ASP A 327 4.13 -18.44 -12.06
CA ASP A 327 4.40 -19.89 -11.81
C ASP A 327 3.84 -20.26 -10.44
N TYR A 328 3.04 -21.33 -10.36
CA TYR A 328 2.34 -21.74 -9.11
C TYR A 328 1.99 -23.24 -9.10
N ARG A 329 1.56 -23.73 -7.94
CA ARG A 329 1.15 -25.15 -7.71
C ARG A 329 -0.37 -25.21 -7.62
N ASP A 330 -1.03 -25.76 -8.65
CA ASP A 330 -2.51 -25.88 -8.71
C ASP A 330 -2.94 -27.15 -7.97
N LYS A 331 -3.72 -27.01 -6.90
CA LYS A 331 -4.24 -28.15 -6.10
C LYS A 331 -5.75 -28.02 -5.90
N ASN A 332 -6.33 -26.86 -6.24
CA ASN A 332 -7.77 -26.58 -6.06
C ASN A 332 -8.56 -27.34 -7.11
N ASP A 333 -8.92 -28.59 -6.83
CA ASP A 333 -9.68 -29.46 -7.77
C ASP A 333 -11.19 -29.26 -7.51
N ASN A 334 -11.73 -28.12 -7.96
CA ASN A 334 -13.19 -27.85 -7.84
C ASN A 334 -13.79 -27.74 -9.24
N LYS A 335 -14.99 -28.27 -9.43
CA LYS A 335 -15.72 -28.22 -10.73
C LYS A 335 -16.19 -26.78 -10.97
N VAL A 336 -15.31 -25.92 -11.50
CA VAL A 336 -15.65 -24.49 -11.75
C VAL A 336 -15.01 -23.99 -13.06
N VAL A 337 -15.83 -23.37 -13.91
CA VAL A 337 -15.41 -22.80 -15.23
C VAL A 337 -15.38 -21.27 -15.11
N GLY A 338 -14.24 -20.66 -15.44
CA GLY A 338 -14.01 -19.19 -15.33
C GLY A 338 -13.93 -18.47 -16.66
N HIS A 339 -14.40 -17.20 -16.71
CA HIS A 339 -14.37 -16.33 -17.93
C HIS A 339 -14.11 -14.86 -17.57
N ILE A 340 -12.87 -14.53 -17.23
CA ILE A 340 -12.44 -13.13 -16.89
C ILE A 340 -12.32 -12.31 -18.18
N SER A 341 -13.33 -11.49 -18.46
CA SER A 341 -13.39 -10.56 -19.62
C SER A 341 -14.56 -9.59 -19.43
N ARG A 342 -14.47 -8.38 -20.00
CA ARG A 342 -15.52 -7.34 -19.89
C ARG A 342 -16.81 -7.90 -20.51
N LEU A 343 -17.97 -7.47 -20.03
CA LEU A 343 -19.28 -7.96 -20.53
C LEU A 343 -19.64 -7.23 -21.83
N VAL A 344 -18.80 -7.36 -22.86
CA VAL A 344 -19.00 -6.71 -24.18
C VAL A 344 -19.53 -7.77 -25.14
N PRO A 345 -20.32 -7.39 -26.18
CA PRO A 345 -20.91 -8.37 -27.11
C PRO A 345 -19.88 -9.33 -27.71
N GLN A 346 -18.68 -8.84 -28.01
CA GLN A 346 -17.63 -9.65 -28.70
C GLN A 346 -17.33 -10.92 -27.89
N LYS A 347 -17.62 -10.93 -26.60
CA LYS A 347 -17.35 -12.10 -25.71
C LYS A 347 -18.44 -13.16 -25.86
N GLY A 348 -19.61 -12.78 -26.41
CA GLY A 348 -20.73 -13.71 -26.68
C GLY A 348 -21.06 -14.58 -25.47
N LEU A 349 -21.44 -13.95 -24.35
CA LEU A 349 -21.76 -14.65 -23.08
C LEU A 349 -23.03 -15.49 -23.26
N PRO A 350 -23.88 -15.20 -24.27
CA PRO A 350 -25.12 -15.95 -24.45
C PRO A 350 -24.82 -17.41 -24.85
N TYR A 351 -23.70 -17.61 -25.55
CA TYR A 351 -23.25 -18.97 -25.94
C TYR A 351 -22.74 -19.67 -24.68
N LEU A 352 -22.08 -18.93 -23.79
CA LEU A 352 -21.54 -19.48 -22.52
C LEU A 352 -22.70 -20.05 -21.69
N ILE A 353 -23.88 -19.43 -21.71
CA ILE A 353 -25.06 -19.92 -20.92
C ILE A 353 -25.70 -21.11 -21.64
N ASP A 354 -25.48 -21.29 -22.95
CA ASP A 354 -25.97 -22.49 -23.69
C ASP A 354 -25.06 -23.66 -23.31
N VAL A 355 -23.75 -23.43 -23.31
CA VAL A 355 -22.70 -24.42 -22.93
C VAL A 355 -22.99 -24.88 -21.49
N ALA A 356 -23.28 -23.94 -20.59
CA ALA A 356 -23.60 -24.20 -19.16
C ALA A 356 -24.90 -25.02 -19.04
N LYS A 357 -25.88 -24.77 -19.91
CA LYS A 357 -27.20 -25.47 -19.90
C LYS A 357 -27.00 -26.96 -20.21
N LYS A 358 -26.04 -27.29 -21.09
CA LYS A 358 -25.72 -28.67 -21.50
C LYS A 358 -24.76 -29.32 -20.50
N VAL A 359 -23.88 -28.53 -19.87
CA VAL A 359 -22.88 -28.98 -18.87
C VAL A 359 -23.62 -29.40 -17.58
N VAL A 360 -24.48 -28.53 -17.04
CA VAL A 360 -25.25 -28.75 -15.79
C VAL A 360 -26.37 -29.78 -16.02
N GLU A 361 -26.66 -30.15 -17.28
CA GLU A 361 -27.68 -31.16 -17.66
C GLU A 361 -27.15 -32.56 -17.30
N GLN A 362 -25.86 -32.81 -17.54
CA GLN A 362 -25.21 -34.10 -17.17
C GLN A 362 -24.75 -34.00 -15.71
N ASP A 363 -23.72 -33.21 -15.46
CA ASP A 363 -23.15 -33.03 -14.09
C ASP A 363 -23.77 -31.78 -13.47
N ASN A 364 -24.65 -31.96 -12.49
CA ASN A 364 -25.35 -30.85 -11.80
C ASN A 364 -24.44 -30.25 -10.72
N SER A 365 -23.18 -30.66 -10.66
CA SER A 365 -22.20 -30.19 -9.64
C SER A 365 -21.16 -29.28 -10.29
N VAL A 366 -21.44 -28.77 -11.48
CA VAL A 366 -20.47 -27.93 -12.24
C VAL A 366 -20.91 -26.46 -12.10
N GLU A 367 -20.01 -25.61 -11.59
CA GLU A 367 -20.32 -24.17 -11.37
C GLU A 367 -19.62 -23.31 -12.45
N PHE A 368 -20.32 -22.28 -12.90
CA PHE A 368 -19.83 -21.32 -13.93
C PHE A 368 -19.64 -19.94 -13.27
N HIS A 369 -18.40 -19.46 -13.26
CA HIS A 369 -18.05 -18.13 -12.69
C HIS A 369 -17.65 -17.17 -13.82
N LEU A 370 -18.38 -16.07 -13.96
CA LEU A 370 -18.07 -15.02 -14.96
C LEU A 370 -17.66 -13.75 -14.22
N TYR A 371 -16.47 -13.22 -14.52
CA TYR A 371 -15.92 -11.99 -13.91
C TYR A 371 -15.85 -10.89 -14.98
N GLY A 372 -16.18 -9.66 -14.58
CA GLY A 372 -16.11 -8.46 -15.45
C GLY A 372 -17.32 -7.54 -15.31
N THR A 373 -17.19 -6.33 -15.85
CA THR A 373 -18.25 -5.28 -15.83
C THR A 373 -18.38 -4.70 -17.24
N GLY A 374 -19.62 -4.52 -17.72
CA GLY A 374 -19.90 -3.95 -19.04
C GLY A 374 -21.38 -3.85 -19.39
N GLU A 375 -21.67 -3.68 -20.68
CA GLU A 375 -23.01 -3.36 -21.25
C GLU A 375 -23.99 -4.56 -21.16
N GLU A 376 -23.54 -5.78 -20.84
CA GLU A 376 -24.44 -6.98 -20.80
C GLU A 376 -24.46 -7.58 -19.38
N LYS A 377 -24.97 -6.83 -18.41
CA LYS A 377 -25.17 -7.30 -17.02
C LYS A 377 -26.61 -7.79 -16.85
N SER A 378 -27.58 -7.03 -17.36
CA SER A 378 -29.02 -7.35 -17.32
C SER A 378 -29.34 -8.42 -18.37
N LYS A 379 -28.62 -8.41 -19.49
CA LYS A 379 -28.77 -9.41 -20.58
C LYS A 379 -28.46 -10.80 -20.02
N ILE A 380 -27.35 -10.91 -19.28
CA ILE A 380 -26.88 -12.17 -18.64
C ILE A 380 -27.80 -12.55 -17.48
N GLU A 381 -28.28 -11.58 -16.70
CA GLU A 381 -29.15 -11.83 -15.51
C GLU A 381 -30.48 -12.47 -15.96
N ASN A 382 -31.05 -12.02 -17.08
CA ASN A 382 -32.31 -12.56 -17.67
C ASN A 382 -32.02 -13.92 -18.31
N LEU A 383 -30.80 -14.08 -18.88
CA LEU A 383 -30.34 -15.34 -19.53
C LEU A 383 -30.14 -16.42 -18.47
N ILE A 384 -29.52 -16.09 -17.33
CA ILE A 384 -29.26 -17.03 -16.18
C ILE A 384 -30.61 -17.42 -15.57
N GLN A 385 -31.56 -16.48 -15.46
CA GLN A 385 -32.94 -16.72 -14.94
C GLN A 385 -33.63 -17.76 -15.83
N GLU A 386 -33.41 -17.69 -17.16
CA GLU A 386 -33.89 -18.68 -18.13
C GLU A 386 -33.10 -19.99 -17.94
N SER A 387 -33.79 -21.13 -17.95
CA SER A 387 -33.24 -22.50 -17.69
C SER A 387 -32.99 -22.73 -16.19
N ASN A 388 -32.90 -21.64 -15.41
CA ASN A 388 -32.76 -21.56 -13.92
C ASN A 388 -31.45 -22.19 -13.43
N LEU A 389 -30.32 -21.77 -14.03
CA LEU A 389 -28.96 -22.14 -13.59
C LEU A 389 -28.40 -21.01 -12.74
N THR A 390 -29.13 -20.61 -11.69
CA THR A 390 -28.83 -19.45 -10.80
C THR A 390 -27.60 -19.75 -9.93
N ASN A 391 -27.59 -20.86 -9.19
CA ASN A 391 -26.50 -21.24 -8.26
C ASN A 391 -25.26 -21.67 -9.07
N ASN A 392 -25.45 -22.22 -10.27
CA ASN A 392 -24.38 -22.71 -11.17
C ASN A 392 -23.69 -21.51 -11.85
N VAL A 393 -24.39 -20.80 -12.73
CA VAL A 393 -23.83 -19.64 -13.50
C VAL A 393 -24.05 -18.33 -12.71
N LYS A 394 -22.97 -17.75 -12.18
CA LYS A 394 -23.02 -16.52 -11.34
C LYS A 394 -22.03 -15.46 -11.85
N LEU A 395 -22.28 -14.19 -11.52
CA LEU A 395 -21.45 -13.03 -11.97
C LEU A 395 -20.70 -12.42 -10.77
N LEU A 396 -19.37 -12.53 -10.78
CA LEU A 396 -18.47 -12.10 -9.67
C LEU A 396 -18.14 -10.61 -9.77
N GLY A 397 -18.38 -9.98 -10.92
CA GLY A 397 -18.14 -8.53 -11.11
C GLY A 397 -16.66 -8.23 -11.32
N TYR A 398 -16.28 -6.95 -11.24
CA TYR A 398 -14.89 -6.48 -11.45
C TYR A 398 -14.04 -6.88 -10.23
N THR A 399 -12.82 -7.37 -10.47
CA THR A 399 -11.86 -7.71 -9.39
C THR A 399 -10.45 -7.30 -9.83
N THR A 400 -9.70 -6.65 -8.94
CA THR A 400 -8.27 -6.28 -9.15
C THR A 400 -7.44 -7.56 -9.20
N ASN A 401 -7.62 -8.43 -8.21
CA ASN A 401 -6.91 -9.73 -8.09
C ASN A 401 -7.59 -10.75 -9.01
N ALA A 402 -7.10 -10.86 -10.25
CA ALA A 402 -7.60 -11.81 -11.27
C ALA A 402 -6.93 -13.18 -11.07
N ILE A 403 -5.60 -13.20 -10.99
CA ILE A 403 -4.72 -14.41 -10.89
C ILE A 403 -5.22 -15.34 -9.78
N GLU A 404 -5.52 -14.81 -8.59
CA GLU A 404 -5.95 -15.59 -7.38
C GLU A 404 -7.23 -16.40 -7.64
N LYS A 405 -8.28 -15.80 -8.20
CA LYS A 405 -9.57 -16.51 -8.45
C LYS A 405 -9.42 -17.39 -9.71
N ILE A 406 -8.48 -17.06 -10.60
CA ILE A 406 -8.17 -17.85 -11.83
C ILE A 406 -7.48 -19.15 -11.38
N LYS A 407 -6.52 -19.04 -10.45
CA LYS A 407 -5.80 -20.22 -9.90
C LYS A 407 -6.79 -21.25 -9.37
N ASP A 408 -8.00 -20.84 -8.99
CA ASP A 408 -8.99 -21.75 -8.37
C ASP A 408 -9.82 -22.47 -9.44
N PHE A 409 -10.10 -21.81 -10.57
CA PHE A 409 -10.95 -22.38 -11.65
C PHE A 409 -10.28 -23.63 -12.22
N ARG A 410 -11.07 -24.63 -12.60
CA ARG A 410 -10.55 -25.89 -13.20
C ARG A 410 -10.22 -25.65 -14.67
N CYS A 411 -11.07 -24.92 -15.40
CA CYS A 411 -10.88 -24.63 -16.84
C CYS A 411 -11.41 -23.24 -17.21
N VAL A 412 -11.00 -22.72 -18.38
CA VAL A 412 -11.36 -21.36 -18.88
C VAL A 412 -11.99 -21.45 -20.27
N ILE A 413 -13.28 -21.11 -20.38
CA ILE A 413 -14.05 -21.15 -21.67
C ILE A 413 -14.04 -19.75 -22.30
N SER A 414 -13.88 -19.69 -23.63
CA SER A 414 -13.92 -18.44 -24.42
C SER A 414 -14.96 -18.59 -25.54
N THR A 415 -16.14 -17.98 -25.37
CA THR A 415 -17.24 -18.00 -26.37
C THR A 415 -17.16 -16.74 -27.26
N SER A 416 -16.07 -15.97 -27.13
CA SER A 416 -15.78 -14.75 -27.92
C SER A 416 -15.88 -15.07 -29.42
N GLN A 417 -16.58 -14.24 -30.18
CA GLN A 417 -16.79 -14.43 -31.65
C GLN A 417 -15.65 -13.77 -32.44
N PHE A 418 -14.95 -12.80 -31.84
CA PHE A 418 -13.79 -12.08 -32.44
C PHE A 418 -12.86 -11.63 -31.32
N GLU A 419 -11.58 -11.48 -31.63
CA GLU A 419 -10.53 -11.04 -30.67
C GLU A 419 -9.29 -10.58 -31.44
N GLY A 420 -8.35 -9.94 -30.75
CA GLY A 420 -7.09 -9.46 -31.35
C GLY A 420 -6.04 -10.56 -31.37
N GLN A 421 -5.74 -11.15 -30.22
CA GLN A 421 -4.71 -12.19 -30.07
C GLN A 421 -5.16 -13.25 -29.07
N GLY A 422 -6.26 -13.00 -28.35
CA GLY A 422 -6.75 -13.87 -27.27
C GLY A 422 -5.93 -13.70 -26.00
N LEU A 423 -5.79 -12.46 -25.54
CA LEU A 423 -4.99 -12.13 -24.33
C LEU A 423 -5.58 -12.83 -23.10
N SER A 424 -6.92 -12.88 -22.99
CA SER A 424 -7.63 -13.48 -21.84
C SER A 424 -7.19 -14.95 -21.66
N LEU A 425 -7.04 -15.68 -22.77
CA LEU A 425 -6.72 -17.12 -22.73
C LEU A 425 -5.21 -17.29 -22.57
N ILE A 426 -4.42 -16.50 -23.30
CA ILE A 426 -2.93 -16.53 -23.22
C ILE A 426 -2.53 -16.37 -21.75
N GLU A 427 -3.36 -15.67 -20.96
CA GLU A 427 -3.09 -15.41 -19.53
C GLU A 427 -3.49 -16.64 -18.70
N ALA A 428 -4.65 -17.23 -18.99
CA ALA A 428 -5.16 -18.43 -18.29
C ALA A 428 -4.18 -19.60 -18.53
N MET A 429 -3.59 -19.66 -19.71
CA MET A 429 -2.57 -20.70 -20.06
C MET A 429 -1.36 -20.50 -19.16
N LEU A 430 -0.89 -19.26 -19.05
CA LEU A 430 0.28 -18.91 -18.20
C LEU A 430 -0.04 -19.28 -16.75
N LEU A 431 -1.33 -19.39 -16.39
CA LEU A 431 -1.73 -19.86 -15.05
C LEU A 431 -2.01 -21.37 -15.11
N LYS A 432 -1.23 -22.11 -15.92
CA LYS A 432 -1.33 -23.59 -16.06
C LYS A 432 -2.78 -24.08 -15.98
N LYS A 433 -3.67 -23.57 -16.84
CA LYS A 433 -5.12 -23.95 -16.83
C LYS A 433 -5.56 -24.43 -18.21
N PRO A 434 -6.37 -25.52 -18.33
CA PRO A 434 -6.89 -25.95 -19.64
C PRO A 434 -7.89 -24.95 -20.23
N VAL A 435 -8.03 -24.91 -21.55
CA VAL A 435 -8.86 -23.87 -22.23
C VAL A 435 -9.70 -24.49 -23.35
N VAL A 436 -11.03 -24.46 -23.22
CA VAL A 436 -11.93 -24.87 -24.34
C VAL A 436 -12.43 -23.58 -25.00
N ALA A 437 -11.75 -23.10 -26.04
CA ALA A 437 -12.05 -21.79 -26.66
C ALA A 437 -12.60 -22.00 -28.07
N PHE A 438 -13.56 -21.15 -28.48
CA PHE A 438 -14.14 -21.18 -29.85
C PHE A 438 -13.10 -20.69 -30.84
N ASP A 439 -12.88 -21.41 -31.95
CA ASP A 439 -11.98 -20.94 -33.03
C ASP A 439 -12.47 -19.54 -33.44
N VAL A 440 -11.70 -18.50 -33.11
CA VAL A 440 -12.13 -17.08 -33.29
C VAL A 440 -11.46 -16.50 -34.53
N LYS A 441 -11.98 -15.38 -35.04
CA LYS A 441 -11.31 -14.60 -36.11
C LYS A 441 -10.03 -14.03 -35.51
N TYR A 442 -8.87 -14.56 -35.91
CA TYR A 442 -7.55 -14.17 -35.36
C TYR A 442 -7.59 -14.35 -33.84
N GLY A 443 -7.92 -15.55 -33.38
CA GLY A 443 -8.12 -15.84 -31.94
C GLY A 443 -7.30 -17.05 -31.48
N PRO A 444 -7.98 -18.07 -30.92
CA PRO A 444 -7.30 -19.20 -30.28
C PRO A 444 -6.51 -20.14 -31.20
N SER A 445 -6.86 -20.17 -32.49
CA SER A 445 -6.25 -21.08 -33.50
C SER A 445 -4.73 -20.90 -33.51
N ASP A 446 -4.21 -19.81 -32.94
CA ASP A 446 -2.77 -19.49 -32.98
C ASP A 446 -2.03 -20.15 -31.81
N PHE A 447 -2.72 -20.52 -30.74
CA PHE A 447 -2.05 -21.07 -29.53
C PHE A 447 -2.76 -22.31 -28.99
N VAL A 448 -4.09 -22.36 -29.02
CA VAL A 448 -4.86 -23.50 -28.44
C VAL A 448 -4.64 -24.73 -29.32
N LYS A 449 -3.86 -25.71 -28.84
CA LYS A 449 -3.63 -26.98 -29.55
C LYS A 449 -4.65 -28.01 -29.03
N ASP A 450 -5.61 -28.40 -29.86
CA ASP A 450 -6.71 -29.32 -29.46
C ASP A 450 -6.10 -30.61 -28.89
N GLY A 451 -6.37 -30.92 -27.62
CA GLY A 451 -5.91 -32.15 -26.95
C GLY A 451 -4.55 -31.98 -26.28
N LYS A 452 -3.70 -31.06 -26.76
CA LYS A 452 -2.34 -30.85 -26.20
C LYS A 452 -2.41 -29.88 -25.01
N ASN A 453 -3.07 -28.73 -25.18
CA ASN A 453 -3.14 -27.71 -24.10
C ASN A 453 -4.60 -27.28 -23.86
N GLY A 454 -5.53 -27.62 -24.76
CA GLY A 454 -6.94 -27.21 -24.62
C GLY A 454 -7.84 -27.87 -25.63
N TYR A 455 -8.90 -27.18 -26.06
CA TYR A 455 -9.91 -27.71 -27.02
C TYR A 455 -10.45 -26.58 -27.89
N LEU A 456 -9.84 -26.36 -29.06
CA LEU A 456 -10.32 -25.35 -30.04
C LEU A 456 -11.59 -25.91 -30.69
N ILE A 457 -12.75 -25.41 -30.28
CA ILE A 457 -14.07 -25.90 -30.79
C ILE A 457 -14.54 -24.93 -31.88
N GLU A 458 -15.09 -25.45 -32.97
CA GLU A 458 -15.67 -24.63 -34.06
C GLU A 458 -16.77 -23.75 -33.48
N ASN A 459 -16.86 -22.48 -33.92
CA ASN A 459 -17.82 -21.50 -33.36
C ASN A 459 -19.25 -22.02 -33.54
N LYS A 460 -20.15 -21.63 -32.64
CA LYS A 460 -21.59 -22.00 -32.66
C LYS A 460 -21.75 -23.54 -32.59
N ASP A 461 -20.90 -24.22 -31.82
CA ASP A 461 -21.05 -25.68 -31.58
C ASP A 461 -21.08 -25.92 -30.07
N ILE A 462 -22.15 -25.46 -29.41
CA ILE A 462 -22.36 -25.62 -27.94
C ILE A 462 -22.06 -27.08 -27.56
N LYS A 463 -22.68 -28.04 -28.25
CA LYS A 463 -22.58 -29.49 -27.92
C LYS A 463 -21.10 -29.92 -27.90
N LYS A 464 -20.29 -29.52 -28.89
CA LYS A 464 -18.85 -29.91 -28.98
C LYS A 464 -18.08 -29.28 -27.82
N MET A 465 -18.36 -28.01 -27.49
CA MET A 465 -17.69 -27.25 -26.39
C MET A 465 -18.05 -27.86 -25.03
N ALA A 466 -19.35 -28.16 -24.81
CA ALA A 466 -19.90 -28.71 -23.55
C ALA A 466 -19.21 -30.03 -23.17
N ASN A 467 -19.38 -31.09 -23.96
CA ASN A 467 -18.83 -32.47 -23.71
C ASN A 467 -17.32 -32.41 -23.45
N LYS A 468 -16.57 -31.55 -24.14
CA LYS A 468 -15.11 -31.39 -23.95
C LYS A 468 -14.85 -30.70 -22.60
N ILE A 469 -15.60 -29.65 -22.27
CA ILE A 469 -15.49 -28.92 -20.97
C ILE A 469 -15.79 -29.89 -19.84
N LEU A 470 -16.80 -30.75 -20.02
CA LEU A 470 -17.15 -31.79 -19.02
C LEU A 470 -15.99 -32.77 -18.88
N LYS A 471 -15.31 -33.09 -19.98
CA LYS A 471 -14.20 -34.08 -19.98
C LYS A 471 -13.05 -33.56 -19.12
N LEU A 472 -12.78 -32.25 -19.19
CA LEU A 472 -11.70 -31.61 -18.38
C LEU A 472 -12.09 -31.68 -16.90
N LEU A 473 -13.35 -31.35 -16.59
CA LEU A 473 -13.87 -31.33 -15.19
C LEU A 473 -13.89 -32.75 -14.63
N HIS A 474 -14.13 -33.76 -15.47
CA HIS A 474 -14.27 -35.17 -15.03
C HIS A 474 -12.92 -35.89 -15.16
N ASP A 475 -11.81 -35.16 -15.24
CA ASP A 475 -10.45 -35.75 -15.29
C ASP A 475 -9.46 -34.79 -14.63
N LYS A 476 -9.28 -34.91 -13.32
CA LYS A 476 -8.38 -34.02 -12.53
C LYS A 476 -6.99 -33.99 -13.17
N GLU A 477 -6.53 -35.10 -13.74
CA GLU A 477 -5.15 -35.21 -14.30
C GLU A 477 -5.11 -34.56 -15.68
N LEU A 478 -5.94 -35.01 -16.62
CA LEU A 478 -5.93 -34.49 -18.02
C LEU A 478 -5.92 -32.95 -17.97
N SER A 479 -6.83 -32.36 -17.19
CA SER A 479 -6.97 -30.89 -17.06
C SER A 479 -5.65 -30.27 -16.59
N LYS A 480 -5.00 -30.86 -15.58
CA LYS A 480 -3.72 -30.36 -15.00
C LYS A 480 -2.58 -30.55 -16.01
N SER A 481 -2.58 -31.66 -16.77
CA SER A 481 -1.53 -32.00 -17.76
C SER A 481 -1.61 -31.08 -18.98
N LEU A 482 -2.82 -30.89 -19.52
CA LEU A 482 -3.11 -29.98 -20.67
C LEU A 482 -2.65 -28.57 -20.28
N GLY A 483 -3.10 -28.10 -19.12
CA GLY A 483 -2.74 -26.79 -18.54
C GLY A 483 -1.25 -26.61 -18.32
N LYS A 484 -0.54 -27.67 -17.90
CA LYS A 484 0.93 -27.64 -17.65
C LYS A 484 1.67 -27.27 -18.95
N HIS A 485 1.19 -27.81 -20.08
CA HIS A 485 1.68 -27.57 -21.46
C HIS A 485 1.39 -26.12 -21.85
N GLY A 486 0.16 -25.65 -21.58
CA GLY A 486 -0.34 -24.29 -21.86
C GLY A 486 0.65 -23.18 -21.53
N ARG A 487 1.20 -23.16 -20.31
CA ARG A 487 2.16 -22.10 -19.86
C ARG A 487 3.44 -22.18 -20.71
N ASP A 488 3.95 -23.39 -20.96
CA ASP A 488 5.20 -23.66 -21.74
C ASP A 488 4.97 -23.28 -23.20
N THR A 489 3.77 -23.51 -23.73
CA THR A 489 3.42 -23.21 -25.14
C THR A 489 3.52 -21.69 -25.35
N ILE A 490 2.92 -20.90 -24.45
CA ILE A 490 2.90 -19.41 -24.55
C ILE A 490 4.33 -18.90 -24.42
N ILE A 491 5.06 -19.37 -23.40
CA ILE A 491 6.46 -18.91 -23.14
C ILE A 491 7.32 -19.18 -24.37
N ASP A 492 7.03 -20.26 -25.11
CA ASP A 492 7.86 -20.69 -26.27
C ASP A 492 7.59 -19.78 -27.49
N MET A 493 6.32 -19.54 -27.83
CA MET A 493 5.92 -18.74 -29.03
C MET A 493 6.25 -17.26 -28.82
N TYR A 494 5.83 -16.70 -27.69
CA TYR A 494 5.95 -15.25 -27.39
C TYR A 494 7.20 -15.02 -26.51
N GLN A 495 8.36 -14.87 -27.18
CA GLN A 495 9.70 -14.65 -26.57
C GLN A 495 10.14 -13.20 -26.76
N PRO A 496 10.37 -12.42 -25.67
CA PRO A 496 10.78 -11.02 -25.79
C PRO A 496 12.01 -10.76 -26.69
N GLU A 497 13.11 -11.48 -26.47
CA GLU A 497 14.42 -11.29 -27.19
C GLU A 497 14.24 -11.43 -28.71
N LYS A 498 13.38 -12.36 -29.17
CA LYS A 498 13.09 -12.61 -30.61
C LYS A 498 11.98 -11.65 -31.09
N LEU A 499 11.00 -11.33 -30.23
CA LEU A 499 9.95 -10.34 -30.55
C LEU A 499 10.64 -9.02 -30.82
N MET A 500 11.58 -8.64 -29.94
CA MET A 500 12.39 -7.41 -30.05
C MET A 500 13.22 -7.48 -31.34
N VAL A 501 13.69 -8.68 -31.71
CA VAL A 501 14.51 -8.93 -32.92
C VAL A 501 13.63 -8.69 -34.17
N LYS A 502 12.36 -9.11 -34.14
CA LYS A 502 11.39 -8.87 -35.24
C LYS A 502 11.17 -7.37 -35.40
N TRP A 503 11.02 -6.64 -34.29
CA TRP A 503 10.90 -5.16 -34.25
C TRP A 503 12.17 -4.55 -34.85
N LYS A 504 13.33 -4.97 -34.34
CA LYS A 504 14.67 -4.49 -34.79
C LYS A 504 14.84 -4.71 -36.29
N GLN A 505 14.33 -5.82 -36.84
CA GLN A 505 14.43 -6.15 -38.29
C GLN A 505 13.65 -5.14 -39.14
N LEU A 506 12.60 -4.53 -38.59
CA LEU A 506 11.77 -3.48 -39.28
C LEU A 506 12.50 -2.14 -39.19
N PHE A 507 13.18 -1.88 -38.07
CA PHE A 507 13.89 -0.60 -37.81
C PHE A 507 15.24 -0.57 -38.57
N ASN A 508 15.89 -1.73 -38.77
CA ASN A 508 17.19 -1.85 -39.47
C ASN A 508 16.95 -1.97 -40.98
N MET B 17 21.13 71.69 1.83
CA MET B 17 19.74 72.12 2.20
C MET B 17 18.91 70.87 2.51
N LYS B 18 17.58 70.99 2.52
CA LYS B 18 16.64 69.86 2.74
C LYS B 18 16.61 68.98 1.48
N GLN B 19 16.62 67.66 1.66
CA GLN B 19 16.60 66.68 0.54
C GLN B 19 15.28 65.91 0.56
N THR B 20 14.77 65.54 -0.61
CA THR B 20 13.48 64.82 -0.74
C THR B 20 13.68 63.48 -1.47
N TYR B 21 12.87 62.49 -1.10
CA TYR B 21 12.89 61.15 -1.70
C TYR B 21 11.44 60.70 -1.92
N MET B 22 10.84 61.08 -3.05
CA MET B 22 9.45 60.67 -3.39
C MET B 22 9.41 59.15 -3.55
N ILE B 23 8.33 58.49 -3.15
CA ILE B 23 8.28 57.00 -3.11
C ILE B 23 7.12 56.48 -3.98
N VAL B 24 7.38 55.49 -4.82
CA VAL B 24 6.37 54.79 -5.66
C VAL B 24 6.88 53.38 -5.92
N ASN B 25 6.05 52.46 -6.40
CA ASN B 25 6.52 51.08 -6.68
C ASN B 25 7.38 51.08 -7.95
N GLU B 26 6.93 51.68 -9.06
CA GLU B 26 7.74 51.65 -10.32
C GLU B 26 7.65 52.95 -11.15
N LEU B 27 8.52 52.99 -12.15
CA LEU B 27 8.68 54.08 -13.14
C LEU B 27 8.81 53.43 -14.52
N ASP B 28 8.10 53.97 -15.51
CA ASP B 28 8.14 53.51 -16.92
C ASP B 28 7.44 54.55 -17.78
N VAL B 29 7.63 54.49 -19.10
CA VAL B 29 6.94 55.39 -20.07
C VAL B 29 5.51 54.85 -20.29
N ASN B 30 4.68 55.64 -20.97
CA ASN B 30 3.22 55.37 -21.14
C ASN B 30 2.59 55.38 -19.74
N LYS B 31 2.97 56.36 -18.92
CA LYS B 31 2.49 56.50 -17.52
C LYS B 31 1.43 57.61 -17.46
N GLY B 32 0.47 57.47 -16.55
CA GLY B 32 -0.58 58.47 -16.29
C GLY B 32 -0.10 59.56 -15.35
N GLY B 33 -1.03 60.21 -14.65
CA GLY B 33 -0.77 61.37 -13.79
C GLY B 33 0.18 61.03 -12.64
N MET B 34 -0.11 59.95 -11.90
CA MET B 34 0.62 59.61 -10.66
C MET B 34 2.11 59.90 -10.80
N THR B 35 2.79 59.28 -11.77
CA THR B 35 4.26 59.41 -11.93
C THR B 35 4.59 60.76 -12.58
N THR B 36 3.77 61.22 -13.53
CA THR B 36 3.96 62.54 -14.19
C THR B 36 3.92 63.63 -13.13
N ALA B 37 3.01 63.52 -12.15
CA ALA B 37 2.82 64.50 -11.06
C ALA B 37 4.04 64.50 -10.13
N MET B 38 4.66 63.33 -9.91
CA MET B 38 5.88 63.16 -9.07
C MET B 38 7.08 63.75 -9.80
N LEU B 39 7.22 63.45 -11.09
CA LEU B 39 8.30 63.95 -11.98
C LEU B 39 8.16 65.47 -12.14
N THR B 40 6.94 66.01 -12.25
CA THR B 40 6.71 67.49 -12.37
C THR B 40 7.01 68.15 -11.01
N ARG B 41 6.63 67.51 -9.88
CA ARG B 41 6.88 67.98 -8.49
C ARG B 41 8.39 68.16 -8.28
N SER B 42 9.19 67.21 -8.78
CA SER B 42 10.67 67.20 -8.72
C SER B 42 11.25 68.46 -9.40
N LYS B 43 10.77 68.81 -10.60
CA LYS B 43 11.23 70.00 -11.38
C LYS B 43 11.11 71.27 -10.51
N PHE B 44 9.90 71.55 -10.02
CA PHE B 44 9.58 72.75 -9.21
C PHE B 44 10.40 72.76 -7.94
N PHE B 45 10.48 71.64 -7.23
CA PHE B 45 11.29 71.50 -5.99
C PHE B 45 12.74 71.88 -6.29
N LEU B 46 13.32 71.29 -7.34
CA LEU B 46 14.76 71.48 -7.66
C LEU B 46 15.03 72.96 -7.92
N ASP B 47 14.16 73.63 -8.69
CA ASP B 47 14.30 75.08 -8.97
C ASP B 47 14.24 75.87 -7.65
N ASN B 48 13.71 75.26 -6.58
CA ASN B 48 13.60 75.90 -5.24
C ASN B 48 14.63 75.29 -4.27
N GLU B 49 15.81 74.92 -4.80
CA GLU B 49 17.00 74.38 -4.08
C GLU B 49 16.66 73.20 -3.16
N ILE B 50 15.66 72.38 -3.51
CA ILE B 50 15.27 71.14 -2.78
C ILE B 50 15.23 69.99 -3.79
N SER B 51 16.05 68.95 -3.60
CA SER B 51 16.11 67.77 -4.52
C SER B 51 14.80 66.99 -4.46
N GLY B 52 14.39 66.42 -5.59
CA GLY B 52 13.13 65.64 -5.72
C GLY B 52 13.39 64.24 -6.23
N ASP B 53 14.38 63.54 -5.66
CA ASP B 53 14.82 62.17 -6.05
C ASP B 53 13.67 61.16 -5.90
N ILE B 54 13.55 60.22 -6.83
CA ILE B 54 12.48 59.19 -6.85
C ILE B 54 13.01 57.86 -6.25
N ILE B 55 12.13 57.08 -5.62
CA ILE B 55 12.46 55.73 -5.09
C ILE B 55 11.44 54.72 -5.64
N THR B 56 11.93 53.70 -6.35
CA THR B 56 11.14 52.57 -6.90
C THR B 56 11.61 51.29 -6.23
N PHE B 57 10.83 50.20 -6.29
CA PHE B 57 11.17 48.93 -5.60
C PHE B 57 11.21 47.71 -6.54
N ASP B 58 10.87 47.87 -7.82
CA ASP B 58 10.77 46.73 -8.78
C ASP B 58 12.12 46.47 -9.46
N PHE B 59 12.20 45.38 -10.24
CA PHE B 59 13.43 45.02 -10.99
C PHE B 59 13.21 45.23 -12.48
N LYS B 60 13.93 46.21 -13.02
CA LYS B 60 14.04 46.44 -14.47
C LYS B 60 15.52 46.36 -14.80
N ALA B 61 15.93 45.29 -15.49
CA ALA B 61 17.33 45.07 -15.92
C ALA B 61 17.77 46.25 -16.80
N ASN B 62 16.82 46.87 -17.51
CA ASN B 62 17.02 48.01 -18.43
C ASN B 62 16.52 49.32 -17.81
N TYR B 63 16.50 49.45 -16.48
CA TYR B 63 15.99 50.67 -15.81
C TYR B 63 16.70 51.92 -16.35
N LYS B 64 17.99 51.81 -16.69
CA LYS B 64 18.83 52.92 -17.23
C LYS B 64 18.19 53.46 -18.52
N ASP B 65 17.94 52.58 -19.50
CA ASP B 65 17.34 52.92 -20.82
C ASP B 65 15.99 53.61 -20.58
N ILE B 66 15.14 53.04 -19.72
CA ILE B 66 13.79 53.59 -19.34
C ILE B 66 13.96 55.01 -18.80
N LEU B 67 14.93 55.26 -17.91
CA LEU B 67 15.13 56.59 -17.25
C LEU B 67 15.68 57.62 -18.25
N LYS B 68 16.50 57.20 -19.23
CA LYS B 68 17.09 58.12 -20.24
C LYS B 68 16.01 58.64 -21.19
N GLU B 69 15.04 57.78 -21.55
CA GLU B 69 13.89 58.14 -22.42
C GLU B 69 12.98 59.14 -21.70
N LEU B 70 12.79 58.98 -20.39
CA LEU B 70 11.96 59.90 -19.55
C LEU B 70 12.57 61.31 -19.57
N VAL B 71 13.90 61.40 -19.55
CA VAL B 71 14.67 62.69 -19.57
C VAL B 71 14.70 63.22 -21.01
N GLN B 72 14.92 62.35 -21.99
CA GLN B 72 14.97 62.73 -23.44
C GLN B 72 13.59 63.22 -23.90
N SER B 73 12.50 62.61 -23.40
CA SER B 73 11.10 62.98 -23.75
C SER B 73 10.63 64.17 -22.90
N LYS B 74 11.55 64.82 -22.17
CA LYS B 74 11.32 66.02 -21.31
C LYS B 74 10.34 65.69 -20.15
N LYS B 75 9.78 64.49 -20.10
CA LYS B 75 8.81 64.04 -19.05
C LYS B 75 9.52 63.97 -17.69
N MET B 76 10.86 64.04 -17.67
CA MET B 76 11.69 63.97 -16.45
C MET B 76 12.90 64.90 -16.60
N ASP B 77 13.42 65.39 -15.47
CA ASP B 77 14.57 66.33 -15.39
C ASP B 77 15.87 65.52 -15.23
N LYS B 78 16.93 65.95 -15.92
CA LYS B 78 18.29 65.33 -15.90
C LYS B 78 18.87 65.33 -14.48
N ARG B 79 18.39 66.22 -13.61
CA ARG B 79 18.87 66.35 -12.21
C ARG B 79 18.05 65.45 -11.28
N THR B 80 16.92 64.88 -11.73
CA THR B 80 16.14 63.92 -10.93
C THR B 80 16.81 62.55 -11.03
N GLN B 81 17.20 61.98 -9.90
CA GLN B 81 17.87 60.66 -9.80
C GLN B 81 16.91 59.69 -9.10
N MET B 82 16.81 58.46 -9.59
CA MET B 82 15.90 57.42 -9.04
C MET B 82 16.71 56.34 -8.31
N HIS B 83 16.23 55.95 -7.13
CA HIS B 83 16.86 54.92 -6.25
C HIS B 83 16.04 53.63 -6.28
N ASN B 84 16.72 52.51 -6.52
CA ASN B 84 16.12 51.16 -6.65
C ASN B 84 16.92 50.19 -5.78
N PRO B 85 16.29 49.26 -5.02
CA PRO B 85 17.06 48.35 -4.16
C PRO B 85 17.89 47.33 -4.95
N PHE B 86 17.48 47.00 -6.17
CA PHE B 86 18.24 46.10 -7.06
C PHE B 86 19.52 46.83 -7.49
N ILE B 87 19.40 48.11 -7.88
CA ILE B 87 20.55 48.97 -8.33
C ILE B 87 21.49 49.24 -7.14
N TYR B 88 20.94 49.62 -6.00
CA TYR B 88 21.67 49.98 -4.74
C TYR B 88 22.54 48.81 -4.31
N PHE B 89 21.93 47.68 -3.93
CA PHE B 89 22.65 46.49 -3.40
C PHE B 89 23.49 45.81 -4.49
N LYS B 90 23.25 46.08 -5.78
CA LYS B 90 24.12 45.55 -6.87
C LYS B 90 25.44 46.30 -6.83
N ASN B 91 25.38 47.62 -6.61
CA ASN B 91 26.56 48.53 -6.58
C ASN B 91 27.42 48.25 -5.34
N ILE B 92 26.81 47.79 -4.24
CA ILE B 92 27.51 47.42 -2.98
C ILE B 92 28.15 46.04 -3.17
N SER B 93 27.44 45.09 -3.78
CA SER B 93 27.95 43.72 -4.06
C SER B 93 29.11 43.78 -5.06
N ASN B 94 28.98 44.63 -6.08
CA ASN B 94 29.94 44.88 -7.19
C ASN B 94 31.35 45.20 -6.65
N LEU B 95 31.43 45.70 -5.41
CA LEU B 95 32.68 46.18 -4.75
C LEU B 95 33.48 45.00 -4.22
N GLN B 96 32.80 43.94 -3.76
CA GLN B 96 33.41 42.82 -3.00
C GLN B 96 34.11 41.81 -3.93
N HIS B 97 34.20 42.07 -5.23
CA HIS B 97 34.93 41.19 -6.18
C HIS B 97 35.67 42.03 -7.21
N LYS B 98 36.66 41.44 -7.90
CA LYS B 98 37.49 42.15 -8.89
C LYS B 98 37.19 41.63 -10.30
N LYS B 99 37.32 40.33 -10.52
CA LYS B 99 37.16 39.69 -11.85
C LYS B 99 35.74 39.10 -11.99
N TYR B 100 35.28 38.93 -13.23
CA TYR B 100 33.95 38.33 -13.51
C TYR B 100 34.00 36.84 -13.27
N ASN B 101 33.02 36.33 -12.53
CA ASN B 101 32.92 34.89 -12.19
C ASN B 101 31.88 34.23 -13.09
N TYR B 102 32.37 33.43 -14.03
CA TYR B 102 31.56 32.68 -15.03
C TYR B 102 31.02 31.38 -14.42
N THR B 103 31.07 31.21 -13.08
CA THR B 103 30.53 30.01 -12.36
C THR B 103 29.18 29.61 -12.96
N MET B 104 28.19 30.53 -12.95
CA MET B 104 26.82 30.28 -13.46
C MET B 104 26.89 29.82 -14.92
N THR B 105 27.61 30.55 -15.77
CA THR B 105 27.72 30.26 -17.24
C THR B 105 28.40 28.91 -17.46
N ARG B 106 29.47 28.60 -16.71
CA ARG B 106 30.22 27.31 -16.83
C ARG B 106 29.26 26.17 -16.49
N ASN B 107 28.49 26.33 -15.40
CA ASN B 107 27.46 25.35 -14.95
C ASN B 107 26.47 25.12 -16.10
N LEU B 108 25.97 26.18 -16.73
CA LEU B 108 24.99 26.10 -17.85
C LEU B 108 25.67 25.51 -19.09
N SER B 109 26.94 25.82 -19.34
CA SER B 109 27.71 25.26 -20.47
C SER B 109 27.97 23.77 -20.21
N ASN B 110 28.00 23.36 -18.94
CA ASN B 110 28.26 21.96 -18.47
C ASN B 110 26.97 21.14 -18.55
N LEU B 111 25.80 21.79 -18.52
CA LEU B 111 24.47 21.15 -18.57
C LEU B 111 24.20 20.74 -20.03
N LEU B 112 24.65 21.57 -20.96
CA LEU B 112 24.44 21.43 -22.42
C LEU B 112 25.77 21.04 -23.11
N LYS B 113 26.73 20.47 -22.36
CA LYS B 113 28.11 20.16 -22.85
C LYS B 113 28.06 19.21 -24.06
N ASP B 114 27.22 18.18 -24.02
CA ASP B 114 27.06 17.21 -25.14
C ASP B 114 25.58 17.04 -25.43
N SER B 115 25.05 17.94 -26.25
CA SER B 115 23.63 18.03 -26.67
C SER B 115 23.56 18.70 -28.05
N VAL B 116 22.80 18.12 -28.98
CA VAL B 116 22.67 18.62 -30.38
C VAL B 116 21.79 19.88 -30.35
N GLU B 117 22.12 20.86 -31.19
CA GLU B 117 21.36 22.13 -31.29
C GLU B 117 20.25 21.97 -32.34
N ILE B 118 19.00 22.18 -31.94
CA ILE B 118 17.83 22.09 -32.87
C ILE B 118 17.35 23.52 -33.15
N LYS B 119 18.05 24.25 -34.01
CA LYS B 119 17.72 25.67 -34.31
C LYS B 119 16.43 25.72 -35.12
N GLU B 120 15.30 26.03 -34.47
CA GLU B 120 13.98 26.16 -35.14
C GLU B 120 14.05 27.35 -36.10
N ASN B 121 14.34 28.55 -35.58
CA ASN B 121 14.53 29.77 -36.41
C ASN B 121 15.77 30.50 -35.90
N SER B 122 16.13 31.63 -36.52
CA SER B 122 17.30 32.46 -36.12
C SER B 122 17.22 32.86 -34.64
N ARG B 123 16.02 32.86 -34.05
CA ARG B 123 15.78 33.23 -32.63
C ARG B 123 15.68 31.98 -31.75
N ILE B 124 14.67 31.13 -32.00
CA ILE B 124 14.31 29.95 -31.15
C ILE B 124 15.22 28.75 -31.52
N SER B 125 15.61 27.98 -30.48
CA SER B 125 16.48 26.77 -30.55
C SER B 125 16.24 25.87 -29.32
N ARG B 126 16.55 24.58 -29.44
CA ARG B 126 16.38 23.57 -28.35
C ARG B 126 17.65 22.72 -28.23
N PHE B 127 17.84 22.07 -27.07
CA PHE B 127 19.00 21.19 -26.78
C PHE B 127 18.52 19.82 -26.30
N PHE B 128 19.16 18.76 -26.77
CA PHE B 128 18.79 17.35 -26.47
C PHE B 128 20.04 16.51 -26.16
N ASN B 129 20.12 15.98 -24.94
CA ASN B 129 21.21 15.08 -24.48
C ASN B 129 20.87 13.65 -24.93
N ILE B 130 21.70 13.06 -25.78
CA ILE B 130 21.45 11.71 -26.37
C ILE B 130 21.57 10.63 -25.27
N MET B 131 22.33 10.90 -24.19
CA MET B 131 22.46 9.95 -23.05
C MET B 131 21.19 10.01 -22.19
N SER B 132 20.60 11.20 -22.06
CA SER B 132 19.39 11.42 -21.22
C SER B 132 18.13 11.10 -22.02
N ARG B 133 18.24 11.02 -23.35
CA ARG B 133 17.10 10.71 -24.26
C ARG B 133 15.92 11.63 -23.94
N GLU B 134 16.19 12.90 -23.64
CA GLU B 134 15.15 13.93 -23.32
C GLU B 134 15.70 15.31 -23.63
N TYR B 135 14.84 16.26 -23.97
CA TYR B 135 15.25 17.67 -24.22
C TYR B 135 15.71 18.28 -22.89
N LEU B 136 16.81 19.03 -22.93
CA LEU B 136 17.44 19.61 -21.71
C LEU B 136 17.05 21.09 -21.55
N ALA B 137 16.99 21.86 -22.64
CA ALA B 137 16.78 23.32 -22.54
C ALA B 137 16.14 23.91 -23.81
N TYR B 138 15.79 25.19 -23.75
CA TYR B 138 15.19 25.96 -24.86
C TYR B 138 15.86 27.34 -24.91
N LYS B 139 16.43 27.73 -26.06
CA LYS B 139 17.18 29.00 -26.18
C LYS B 139 16.42 30.01 -27.06
N ARG B 140 15.97 31.11 -26.47
CA ARG B 140 15.33 32.27 -27.16
C ARG B 140 16.40 33.37 -27.27
N GLU B 141 16.80 33.73 -28.50
CA GLU B 141 17.89 34.72 -28.71
C GLU B 141 17.36 35.93 -29.49
N THR B 142 17.53 37.13 -28.93
CA THR B 142 17.14 38.40 -29.59
C THR B 142 18.34 39.36 -29.53
N GLU B 143 18.17 40.58 -30.05
CA GLU B 143 19.20 41.64 -29.94
C GLU B 143 19.29 42.07 -28.46
N GLN B 144 20.46 41.87 -27.84
CA GLN B 144 20.79 42.29 -26.45
C GLN B 144 20.05 41.41 -25.42
N GLU B 145 19.29 40.38 -25.81
CA GLU B 145 18.54 39.56 -24.83
C GLU B 145 18.63 38.07 -25.20
N THR B 146 19.03 37.22 -24.27
CA THR B 146 19.10 35.75 -24.49
C THR B 146 18.56 34.98 -23.28
N ILE B 147 17.43 34.29 -23.50
CA ILE B 147 16.72 33.52 -22.43
C ILE B 147 16.92 32.01 -22.66
N PHE B 148 17.16 31.28 -21.57
CA PHE B 148 17.30 29.80 -21.49
C PHE B 148 16.23 29.24 -20.56
N ASP B 149 15.34 28.41 -21.10
CA ASP B 149 14.33 27.69 -20.28
C ASP B 149 14.87 26.27 -20.14
N LEU B 150 15.18 25.85 -18.91
CA LEU B 150 15.78 24.52 -18.62
C LEU B 150 14.68 23.54 -18.14
N PHE B 151 14.72 22.31 -18.63
CA PHE B 151 13.68 21.27 -18.38
C PHE B 151 14.27 20.03 -17.69
N LYS B 152 13.40 19.30 -16.98
CA LYS B 152 13.70 18.04 -16.27
C LYS B 152 12.46 17.14 -16.36
N ASN B 153 12.49 16.18 -17.29
CA ASN B 153 11.38 15.24 -17.61
C ASN B 153 10.22 16.07 -18.18
N ASN B 154 10.48 16.81 -19.27
CA ASN B 154 9.51 17.61 -20.09
C ASN B 154 8.80 18.68 -19.23
N LEU B 155 9.41 19.12 -18.11
CA LEU B 155 8.84 20.14 -17.19
C LEU B 155 9.88 21.22 -16.91
N ARG B 156 9.51 22.49 -17.06
CA ARG B 156 10.43 23.64 -16.86
C ARG B 156 10.64 23.90 -15.37
N TYR B 157 11.91 23.82 -14.93
CA TYR B 157 12.34 24.03 -13.53
C TYR B 157 13.14 25.33 -13.38
N LYS B 158 13.67 25.90 -14.47
CA LYS B 158 14.51 27.11 -14.38
C LYS B 158 14.38 27.98 -15.64
N ARG B 159 14.78 29.25 -15.54
CA ARG B 159 14.77 30.22 -16.66
C ARG B 159 15.92 31.21 -16.48
N ILE B 160 16.99 31.08 -17.28
CA ILE B 160 18.19 31.97 -17.19
C ILE B 160 17.96 33.20 -18.06
N TYR B 161 18.34 34.39 -17.59
CA TYR B 161 18.21 35.66 -18.34
C TYR B 161 19.60 36.24 -18.63
N PHE B 162 19.88 36.52 -19.90
CA PHE B 162 21.12 37.20 -20.33
C PHE B 162 20.72 38.57 -20.86
N TYR B 163 21.38 39.61 -20.36
CA TYR B 163 21.18 41.00 -20.83
C TYR B 163 22.54 41.68 -20.89
N LYS B 164 22.87 42.16 -22.09
CA LYS B 164 24.09 42.94 -22.44
C LYS B 164 25.35 42.06 -22.26
N GLY B 165 25.21 40.75 -22.44
CA GLY B 165 26.32 39.77 -22.39
C GLY B 165 26.37 39.03 -21.06
N LYS B 166 26.04 39.71 -19.97
CA LYS B 166 26.14 39.12 -18.61
C LYS B 166 24.81 38.50 -18.22
N ILE B 167 24.82 37.41 -17.46
CA ILE B 167 23.59 36.80 -16.88
C ILE B 167 23.07 37.79 -15.83
N VAL B 168 21.80 38.16 -15.89
CA VAL B 168 21.25 39.22 -15.01
C VAL B 168 20.32 38.62 -13.95
N LYS B 169 19.53 37.58 -14.28
CA LYS B 169 18.51 37.05 -13.35
C LYS B 169 18.16 35.60 -13.69
N THR B 170 17.76 34.80 -12.70
CA THR B 170 17.26 33.42 -12.92
C THR B 170 15.93 33.22 -12.20
N GLU B 171 14.96 32.56 -12.85
CA GLU B 171 13.61 32.30 -12.30
C GLU B 171 13.48 30.79 -12.04
N VAL B 172 13.05 30.39 -10.84
CA VAL B 172 12.82 28.95 -10.51
C VAL B 172 11.31 28.64 -10.54
N PHE B 173 10.95 27.56 -11.21
CA PHE B 173 9.55 27.11 -11.42
C PHE B 173 9.30 25.74 -10.77
N ASN B 174 8.02 25.44 -10.54
CA ASN B 174 7.57 24.15 -9.97
C ASN B 174 6.96 23.28 -11.08
N SER B 175 6.33 22.17 -10.69
CA SER B 175 5.68 21.22 -11.62
C SER B 175 4.59 21.92 -12.44
N ASP B 176 3.92 22.93 -11.87
CA ASP B 176 2.80 23.65 -12.54
C ASP B 176 3.37 24.83 -13.34
N ASN B 177 4.69 24.93 -13.47
CA ASN B 177 5.38 26.03 -14.18
C ASN B 177 4.97 27.39 -13.56
N ASN B 178 4.98 27.48 -12.24
CA ASN B 178 4.67 28.75 -11.52
C ASN B 178 5.95 29.23 -10.84
N LEU B 179 6.34 30.49 -11.05
CA LEU B 179 7.59 31.03 -10.45
C LEU B 179 7.46 30.97 -8.94
N ILE B 180 8.41 30.27 -8.31
CA ILE B 180 8.47 30.05 -6.84
C ILE B 180 9.70 30.78 -6.29
N ALA B 181 10.75 30.99 -7.10
CA ALA B 181 11.97 31.70 -6.67
C ALA B 181 12.59 32.53 -7.80
N GLU B 182 13.16 33.68 -7.42
CA GLU B 182 13.90 34.63 -8.28
C GLU B 182 15.31 34.79 -7.70
N GLN B 183 16.32 34.93 -8.57
CA GLN B 183 17.73 35.11 -8.15
C GLN B 183 18.35 36.26 -8.96
N PHE B 184 18.95 37.25 -8.29
CA PHE B 184 19.48 38.48 -8.91
C PHE B 184 21.01 38.50 -8.78
N TYR B 185 21.69 38.74 -9.90
CA TYR B 185 23.17 38.65 -9.98
C TYR B 185 23.83 40.03 -10.16
N ASP B 186 24.97 40.25 -9.50
CA ASP B 186 25.73 41.52 -9.60
C ASP B 186 26.54 41.59 -10.91
N ASP B 187 27.35 42.61 -11.08
CA ASP B 187 28.09 42.81 -12.35
C ASP B 187 29.39 42.01 -12.35
N ASN B 188 29.75 41.34 -11.25
CA ASN B 188 30.94 40.44 -11.19
C ASN B 188 30.48 38.98 -11.32
N GLY B 189 29.18 38.77 -11.58
CA GLY B 189 28.54 37.46 -11.84
C GLY B 189 28.16 36.72 -10.57
N TYR B 190 27.99 37.42 -9.45
CA TYR B 190 27.70 36.80 -8.13
C TYR B 190 26.26 37.04 -7.71
N LEU B 191 25.68 36.02 -7.08
CA LEU B 191 24.28 36.08 -6.57
C LEU B 191 24.28 36.94 -5.32
N TYR B 192 23.69 38.14 -5.40
CA TYR B 192 23.58 39.08 -4.25
C TYR B 192 22.16 39.07 -3.69
N LEU B 193 21.16 38.65 -4.45
CA LEU B 193 19.76 38.71 -3.97
C LEU B 193 18.97 37.50 -4.49
N TYR B 194 18.20 36.85 -3.62
CA TYR B 194 17.28 35.75 -4.02
C TYR B 194 16.07 35.75 -3.09
N ARG B 195 14.87 35.66 -3.64
CA ARG B 195 13.62 35.75 -2.85
C ARG B 195 12.72 34.57 -3.16
N GLN B 196 11.85 34.21 -2.22
CA GLN B 196 10.81 33.17 -2.45
C GLN B 196 9.55 33.86 -2.97
N ILE B 197 8.76 33.18 -3.79
CA ILE B 197 7.49 33.72 -4.35
C ILE B 197 6.40 32.66 -4.12
N ASN B 198 5.23 33.05 -3.61
CA ASN B 198 4.09 32.12 -3.45
C ASN B 198 3.69 31.62 -4.83
N PRO B 199 3.55 30.30 -5.09
CA PRO B 199 3.30 29.81 -6.45
C PRO B 199 1.95 30.24 -7.08
N GLU B 200 0.82 29.90 -6.44
CA GLU B 200 -0.54 30.21 -6.95
C GLU B 200 -0.88 31.69 -6.73
N LYS B 201 -0.50 32.27 -5.58
CA LYS B 201 -0.83 33.67 -5.20
C LYS B 201 0.01 34.67 -6.01
N LYS B 202 1.24 34.30 -6.38
CA LYS B 202 2.26 35.14 -7.07
C LYS B 202 2.60 36.36 -6.19
N SER B 203 2.98 36.10 -4.93
CA SER B 203 3.31 37.13 -3.90
C SER B 203 4.76 36.96 -3.41
N ILE B 204 5.48 38.07 -3.24
CA ILE B 204 6.89 38.08 -2.73
C ILE B 204 6.89 37.61 -1.28
N GLY B 205 7.72 36.60 -0.99
CA GLY B 205 7.89 36.01 0.35
C GLY B 205 9.28 36.26 0.91
N LYS B 206 9.90 35.23 1.50
CA LYS B 206 11.22 35.32 2.18
C LYS B 206 12.32 35.74 1.20
N THR B 207 12.90 36.93 1.47
CA THR B 207 13.99 37.56 0.66
C THR B 207 15.32 37.35 1.40
N TYR B 208 16.37 36.96 0.69
CA TYR B 208 17.70 36.73 1.30
C TYR B 208 18.74 37.64 0.63
N LEU B 209 19.23 38.63 1.36
CA LEU B 209 20.31 39.53 0.86
C LEU B 209 21.65 38.83 1.13
N VAL B 210 22.26 38.22 0.10
CA VAL B 210 23.50 37.40 0.28
C VAL B 210 24.58 38.29 0.92
N CYS B 211 24.84 39.47 0.36
CA CYS B 211 25.74 40.45 1.02
C CYS B 211 25.12 40.81 2.36
N LYS B 212 25.86 40.62 3.46
CA LYS B 212 25.39 40.82 4.86
C LYS B 212 24.61 39.60 5.34
N GLU B 213 24.49 38.56 4.50
CA GLU B 213 23.82 37.28 4.84
C GLU B 213 22.52 37.58 5.60
N LYS B 214 21.70 38.49 5.08
CA LYS B 214 20.46 38.93 5.78
C LYS B 214 19.26 38.16 5.22
N GLN B 215 18.24 37.95 6.04
CA GLN B 215 16.99 37.28 5.64
C GLN B 215 15.83 38.22 5.98
N PHE B 216 14.88 38.36 5.05
CA PHE B 216 13.68 39.21 5.20
C PHE B 216 12.43 38.35 4.98
N LYS B 217 11.39 38.57 5.78
CA LYS B 217 10.14 37.76 5.73
C LYS B 217 9.35 38.12 4.47
N ASN B 218 9.35 39.39 4.07
CA ASN B 218 8.56 39.88 2.91
C ASN B 218 9.34 40.99 2.20
N ASN B 219 8.76 41.58 1.15
CA ASN B 219 9.38 42.71 0.41
C ASN B 219 9.22 43.97 1.26
N VAL B 220 8.07 44.15 1.90
CA VAL B 220 7.82 45.31 2.81
C VAL B 220 9.03 45.45 3.75
N GLU B 221 9.49 44.34 4.31
CA GLU B 221 10.64 44.25 5.26
C GLU B 221 11.95 44.69 4.57
N PHE B 222 12.35 44.03 3.47
CA PHE B 222 13.58 44.27 2.69
C PHE B 222 13.66 45.74 2.24
N CYS B 223 12.54 46.28 1.75
CA CYS B 223 12.44 47.68 1.26
C CYS B 223 12.59 48.66 2.43
N SER B 224 12.03 48.35 3.61
CA SER B 224 12.18 49.17 4.84
C SER B 224 13.66 49.19 5.23
N TYR B 225 14.35 48.06 5.06
CA TYR B 225 15.82 47.94 5.32
C TYR B 225 16.55 48.82 4.29
N PHE B 226 16.15 48.73 3.03
CA PHE B 226 16.72 49.53 1.91
C PHE B 226 16.54 51.04 2.20
N LEU B 227 15.40 51.46 2.75
CA LEU B 227 15.13 52.90 3.04
C LEU B 227 16.04 53.38 4.19
N ASP B 228 16.26 52.54 5.21
CA ASP B 228 17.14 52.81 6.38
C ASP B 228 18.61 52.85 5.93
N LYS B 229 18.93 52.10 4.87
CA LYS B 229 20.29 51.95 4.27
C LYS B 229 20.61 53.09 3.31
N LEU B 230 19.60 53.64 2.61
CA LEU B 230 19.77 54.71 1.60
C LEU B 230 19.62 56.09 2.25
N ILE B 231 18.43 56.39 2.77
CA ILE B 231 18.11 57.72 3.37
C ILE B 231 18.87 57.85 4.68
N PRO B 232 19.86 58.77 4.79
CA PRO B 232 20.55 58.99 6.06
C PRO B 232 19.57 59.65 7.04
N ASP B 233 19.15 58.91 8.07
CA ASP B 233 18.22 59.44 9.12
C ASP B 233 18.75 60.81 9.55
N ILE B 234 17.99 61.88 9.29
CA ILE B 234 18.36 63.28 9.68
C ILE B 234 17.13 64.17 9.50
N ASN B 235 17.03 65.26 10.26
CA ASN B 235 15.84 66.16 10.29
C ASN B 235 15.69 66.88 8.94
N ASP B 236 16.75 66.94 8.13
CA ASP B 236 16.74 67.66 6.83
C ASP B 236 16.23 66.72 5.72
N ASN B 237 16.25 65.41 5.94
CA ASN B 237 15.87 64.44 4.87
C ASN B 237 14.39 64.12 4.98
N ILE B 238 13.61 64.49 3.95
CA ILE B 238 12.13 64.26 3.93
C ILE B 238 11.77 63.15 2.94
N ILE B 239 10.81 62.29 3.32
CA ILE B 239 10.28 61.16 2.49
C ILE B 239 8.82 61.44 2.17
N ILE B 240 8.45 61.51 0.89
CA ILE B 240 7.04 61.74 0.46
C ILE B 240 6.53 60.48 -0.24
N CYS B 241 5.73 59.69 0.45
CA CYS B 241 5.15 58.44 -0.12
C CYS B 241 3.96 58.79 -1.03
N ASP B 242 4.14 58.66 -2.35
CA ASP B 242 3.05 58.94 -3.31
C ASP B 242 2.27 57.66 -3.60
N GLY B 243 2.97 56.54 -3.83
CA GLY B 243 2.35 55.24 -4.17
C GLY B 243 1.57 54.66 -2.99
N PRO B 244 0.23 54.47 -3.12
CA PRO B 244 -0.59 53.95 -2.01
C PRO B 244 -0.19 52.56 -1.49
N GLY B 245 0.30 51.68 -2.37
CA GLY B 245 0.75 50.33 -2.00
C GLY B 245 2.20 50.30 -1.54
N SER B 246 2.86 51.47 -1.54
CA SER B 246 4.27 51.62 -1.10
C SER B 246 4.31 52.12 0.35
N PHE B 247 3.15 52.47 0.92
CA PHE B 247 3.01 53.03 2.29
C PHE B 247 3.57 52.08 3.35
N PRO B 248 3.27 50.76 3.38
CA PRO B 248 3.84 49.88 4.41
C PRO B 248 5.37 49.92 4.48
N LYS B 249 6.02 49.96 3.31
CA LYS B 249 7.50 50.02 3.16
C LYS B 249 8.04 51.33 3.77
N ILE B 250 7.17 52.31 3.99
CA ILE B 250 7.53 53.65 4.58
C ILE B 250 7.07 53.71 6.05
N LEU B 251 5.89 53.15 6.38
CA LEU B 251 5.32 53.19 7.76
C LEU B 251 6.18 52.36 8.72
N LYS B 252 6.74 51.22 8.30
CA LYS B 252 7.53 50.33 9.21
C LYS B 252 9.05 50.51 8.99
N THR B 253 9.54 51.76 8.95
CA THR B 253 11.00 52.05 8.86
C THR B 253 11.57 52.44 10.23
N ASN B 254 12.87 52.20 10.41
CA ASN B 254 13.65 52.42 11.67
C ASN B 254 14.03 53.91 11.81
N HIS B 255 13.59 54.77 10.88
CA HIS B 255 13.88 56.24 10.90
C HIS B 255 13.27 56.89 12.13
N LYS B 256 13.95 57.91 12.68
CA LYS B 256 13.51 58.69 13.87
C LYS B 256 13.58 60.20 13.58
N ASN B 257 14.68 60.68 12.97
CA ASN B 257 14.95 62.11 12.68
C ASN B 257 14.40 62.52 11.30
N VAL B 258 14.35 61.61 10.32
CA VAL B 258 13.86 61.88 8.94
C VAL B 258 12.33 62.05 8.91
N LYS B 259 11.85 63.10 8.24
CA LYS B 259 10.41 63.49 8.16
C LYS B 259 9.68 62.65 7.10
N LYS B 260 8.47 62.17 7.41
CA LYS B 260 7.70 61.27 6.50
C LYS B 260 6.27 61.79 6.25
N PHE B 261 6.01 62.29 5.04
CA PHE B 261 4.67 62.75 4.56
C PHE B 261 4.10 61.71 3.59
N ALA B 262 2.78 61.73 3.39
CA ALA B 262 2.08 60.81 2.45
C ALA B 262 1.07 61.58 1.61
N VAL B 263 1.03 61.32 0.31
CA VAL B 263 0.12 62.08 -0.60
C VAL B 263 -1.00 61.15 -1.09
N ILE B 264 -2.26 61.50 -0.83
CA ILE B 264 -3.43 60.78 -1.39
C ILE B 264 -3.75 61.43 -2.74
N HIS B 265 -3.74 60.66 -3.82
CA HIS B 265 -3.97 61.19 -5.19
C HIS B 265 -5.45 61.07 -5.55
N VAL B 266 -5.92 59.84 -5.85
CA VAL B 266 -7.30 59.58 -6.33
C VAL B 266 -8.28 59.67 -5.14
N ASN B 267 -9.58 59.63 -5.42
CA ASN B 267 -10.66 59.68 -4.40
C ASN B 267 -10.49 58.46 -3.48
N HIS B 268 -10.35 58.70 -2.16
CA HIS B 268 -10.10 57.62 -1.16
C HIS B 268 -11.32 56.68 -1.03
N TYR B 269 -12.52 57.13 -1.36
CA TYR B 269 -13.77 56.32 -1.24
C TYR B 269 -13.79 55.18 -2.28
N LYS B 270 -14.55 54.13 -1.97
CA LYS B 270 -14.75 52.97 -2.86
C LYS B 270 -15.55 53.46 -4.06
N ASN B 271 -15.01 53.26 -5.26
CA ASN B 271 -15.56 53.72 -6.56
C ASN B 271 -16.99 53.18 -6.75
N PHE B 272 -17.91 54.05 -7.21
CA PHE B 272 -19.34 53.76 -7.53
C PHE B 272 -20.12 53.16 -6.35
N ASP B 273 -19.61 53.30 -5.12
CA ASP B 273 -20.24 52.71 -3.92
C ASP B 273 -20.94 53.81 -3.11
N ASP B 274 -21.92 53.45 -2.29
CA ASP B 274 -22.72 54.40 -1.47
C ASP B 274 -22.64 54.04 0.02
N THR B 275 -21.99 52.93 0.38
CA THR B 275 -21.96 52.42 1.77
C THR B 275 -20.90 53.19 2.59
N GLY B 276 -20.32 54.25 2.03
CA GLY B 276 -19.30 55.08 2.70
C GLY B 276 -18.02 54.30 2.94
N ALA B 277 -17.76 53.28 2.12
CA ALA B 277 -16.55 52.43 2.18
C ALA B 277 -15.35 53.22 1.63
N VAL B 278 -14.19 53.06 2.26
CA VAL B 278 -12.92 53.70 1.80
C VAL B 278 -12.02 52.60 1.23
N LYS B 279 -11.43 52.83 0.06
CA LYS B 279 -10.55 51.84 -0.62
C LYS B 279 -9.49 51.35 0.38
N LYS B 280 -9.24 50.04 0.44
CA LYS B 280 -8.35 49.39 1.43
C LYS B 280 -6.99 50.10 1.49
N GLN B 281 -6.23 50.11 0.39
CA GLN B 281 -4.87 50.71 0.34
C GLN B 281 -4.92 52.14 0.89
N GLU B 282 -6.01 52.86 0.62
CA GLU B 282 -6.17 54.28 1.02
C GLU B 282 -6.62 54.36 2.49
N ASP B 283 -7.42 53.40 2.94
CA ASP B 283 -7.93 53.25 4.34
C ASP B 283 -6.75 52.96 5.27
N TYR B 284 -5.80 52.14 4.84
CA TYR B 284 -4.63 51.70 5.66
C TYR B 284 -3.70 52.89 5.92
N ILE B 285 -3.41 53.71 4.90
CA ILE B 285 -2.51 54.89 5.00
C ILE B 285 -3.17 55.99 5.85
N LEU B 286 -4.52 56.00 5.89
CA LEU B 286 -5.33 56.98 6.66
C LEU B 286 -5.44 56.58 8.14
N ARG B 287 -5.49 55.28 8.45
CA ARG B 287 -5.60 54.77 9.85
C ARG B 287 -4.27 54.96 10.58
N ASN B 288 -3.15 54.77 9.88
CA ASN B 288 -1.76 54.86 10.43
C ASN B 288 -1.27 56.32 10.44
N ALA B 289 -2.13 57.27 10.03
CA ALA B 289 -1.86 58.73 9.93
C ALA B 289 -1.02 59.26 11.09
N ASN B 290 -1.35 58.82 12.31
CA ASN B 290 -0.70 59.19 13.61
C ASN B 290 0.83 59.04 13.54
N LYS B 291 1.33 58.00 12.88
CA LYS B 291 2.78 57.69 12.77
C LYS B 291 3.45 58.72 11.84
N ILE B 292 2.87 58.94 10.66
CA ILE B 292 3.41 59.86 9.61
C ILE B 292 3.32 61.32 10.07
N ASN B 293 4.15 62.19 9.48
CA ASN B 293 4.24 63.64 9.82
C ASN B 293 3.00 64.40 9.33
N GLY B 294 2.43 64.01 8.19
CA GLY B 294 1.26 64.73 7.62
C GLY B 294 0.75 64.16 6.32
N VAL B 295 -0.53 63.77 6.29
CA VAL B 295 -1.22 63.26 5.07
C VAL B 295 -1.69 64.47 4.24
N VAL B 296 -1.05 64.63 3.08
CA VAL B 296 -1.32 65.70 2.10
C VAL B 296 -2.40 65.19 1.13
N MET B 297 -3.46 65.97 0.94
CA MET B 297 -4.52 65.66 -0.06
C MET B 297 -4.76 66.88 -0.96
N LEU B 298 -5.08 66.62 -2.23
CA LEU B 298 -5.23 67.62 -3.33
C LEU B 298 -6.20 68.76 -2.96
N THR B 299 -7.47 68.47 -2.63
CA THR B 299 -8.52 69.49 -2.31
C THR B 299 -8.71 69.67 -0.79
N GLU B 300 -9.32 70.79 -0.40
CA GLU B 300 -9.70 71.07 1.02
C GLU B 300 -10.96 70.29 1.36
N ALA B 301 -11.77 69.96 0.35
CA ALA B 301 -13.01 69.15 0.47
C ALA B 301 -12.63 67.73 0.90
N GLN B 302 -11.50 67.21 0.42
CA GLN B 302 -10.96 65.87 0.79
C GLN B 302 -10.52 65.92 2.25
N LYS B 303 -9.94 67.04 2.68
CA LYS B 303 -9.51 67.26 4.08
C LYS B 303 -10.71 67.14 5.02
N LYS B 304 -11.91 67.50 4.55
CA LYS B 304 -13.17 67.43 5.34
C LYS B 304 -13.59 65.96 5.47
N ASP B 305 -13.92 65.32 4.35
CA ASP B 305 -14.39 63.91 4.32
C ASP B 305 -13.39 63.04 5.10
N ILE B 306 -12.09 63.29 4.95
CA ILE B 306 -11.02 62.50 5.62
C ILE B 306 -11.20 62.60 7.14
N ILE B 307 -11.15 63.81 7.70
CA ILE B 307 -11.26 64.02 9.17
C ILE B 307 -12.58 63.41 9.65
N GLU B 308 -13.68 63.65 8.93
CA GLU B 308 -15.02 63.12 9.28
C GLU B 308 -14.92 61.60 9.48
N LYS B 309 -14.34 60.88 8.52
CA LYS B 309 -14.22 59.40 8.58
C LYS B 309 -13.14 59.03 9.60
N TYR B 310 -11.89 59.39 9.34
CA TYR B 310 -10.74 59.09 10.24
C TYR B 310 -10.21 60.40 10.81
N LYS B 311 -10.57 60.72 12.07
CA LYS B 311 -10.10 61.94 12.76
C LYS B 311 -8.58 62.03 12.62
N ILE B 312 -8.09 63.03 11.87
CA ILE B 312 -6.63 63.20 11.59
C ILE B 312 -6.27 64.66 11.85
N THR B 313 -5.24 64.90 12.67
CA THR B 313 -4.75 66.27 13.00
C THR B 313 -3.71 66.68 11.96
N ASN B 314 -2.97 65.73 11.40
CA ASN B 314 -1.88 65.99 10.44
C ASN B 314 -2.45 65.95 9.02
N ALA B 315 -3.47 66.75 8.73
CA ALA B 315 -4.12 66.80 7.39
C ALA B 315 -3.74 68.10 6.70
N TYR B 316 -3.01 68.02 5.59
CA TYR B 316 -2.54 69.22 4.84
C TYR B 316 -3.16 69.21 3.44
N VAL B 317 -3.29 70.39 2.84
CA VAL B 317 -3.81 70.50 1.46
C VAL B 317 -2.76 71.21 0.58
N ILE B 318 -2.36 70.51 -0.47
CA ILE B 318 -1.38 71.00 -1.49
C ILE B 318 -1.72 70.30 -2.81
N SER B 319 -2.01 71.10 -3.83
CA SER B 319 -2.38 70.63 -5.18
C SER B 319 -1.13 70.21 -5.96
N ASN B 320 -1.28 69.30 -6.91
CA ASN B 320 -0.19 68.86 -7.81
C ASN B 320 0.11 70.01 -8.78
N PHE B 321 1.38 70.45 -8.85
CA PHE B 321 1.84 71.56 -9.73
C PHE B 321 1.28 71.37 -11.15
N ILE B 322 0.69 72.41 -11.72
CA ILE B 322 0.01 72.33 -13.04
C ILE B 322 0.73 73.24 -14.04
N ASN B 323 1.01 72.72 -15.24
CA ASN B 323 1.61 73.50 -16.36
C ASN B 323 0.52 74.38 -16.96
N ILE B 324 0.61 75.70 -16.78
CA ILE B 324 -0.43 76.67 -17.25
C ILE B 324 0.25 77.73 -18.11
N THR B 325 0.52 77.43 -19.38
CA THR B 325 1.14 78.39 -20.33
C THR B 325 0.48 78.26 -21.70
N ASP B 326 -0.83 78.05 -21.74
CA ASP B 326 -1.58 77.83 -23.01
C ASP B 326 -2.21 79.15 -23.47
N ASP B 327 -1.40 80.20 -23.63
CA ASP B 327 -1.89 81.55 -24.06
C ASP B 327 -2.27 81.48 -25.54
N TYR B 328 -3.52 81.78 -25.89
CA TYR B 328 -4.01 81.70 -27.31
C TYR B 328 -5.29 82.54 -27.58
N ARG B 329 -5.55 82.73 -28.88
CA ARG B 329 -6.71 83.51 -29.42
C ARG B 329 -7.81 82.53 -29.87
N ASP B 330 -8.86 82.38 -29.07
CA ASP B 330 -10.00 81.46 -29.35
C ASP B 330 -11.02 82.15 -30.28
N LYS B 331 -10.95 81.84 -31.57
CA LYS B 331 -11.85 82.44 -32.60
C LYS B 331 -12.66 81.35 -33.33
N ASN B 332 -12.55 80.08 -32.93
CA ASN B 332 -13.25 78.94 -33.59
C ASN B 332 -14.69 78.85 -33.07
N ASP B 333 -15.63 79.45 -33.80
CA ASP B 333 -17.09 79.43 -33.47
C ASP B 333 -17.70 78.14 -34.00
N ASN B 334 -17.95 77.16 -33.11
CA ASN B 334 -18.51 75.83 -33.50
C ASN B 334 -19.28 75.19 -32.32
N LYS B 335 -20.47 74.63 -32.60
CA LYS B 335 -21.32 73.92 -31.62
C LYS B 335 -20.72 72.53 -31.37
N VAL B 336 -19.60 72.46 -30.62
CA VAL B 336 -18.92 71.16 -30.32
C VAL B 336 -18.56 71.03 -28.83
N VAL B 337 -18.96 69.90 -28.25
CA VAL B 337 -18.73 69.53 -26.82
C VAL B 337 -17.58 68.51 -26.75
N GLY B 338 -16.46 68.91 -26.12
CA GLY B 338 -15.25 68.08 -25.94
C GLY B 338 -15.24 67.30 -24.63
N HIS B 339 -14.56 66.14 -24.58
CA HIS B 339 -14.44 65.28 -23.37
C HIS B 339 -13.14 64.45 -23.40
N ILE B 340 -11.99 65.10 -23.33
CA ILE B 340 -10.64 64.45 -23.34
C ILE B 340 -10.41 63.76 -21.98
N SER B 341 -10.70 62.47 -21.90
CA SER B 341 -10.47 61.63 -20.69
C SER B 341 -10.49 60.15 -21.06
N ARG B 342 -9.61 59.35 -20.44
CA ARG B 342 -9.55 57.88 -20.67
C ARG B 342 -10.95 57.32 -20.50
N LEU B 343 -11.36 56.37 -21.36
CA LEU B 343 -12.72 55.78 -21.33
C LEU B 343 -12.84 54.83 -20.14
N VAL B 344 -12.77 55.35 -18.91
CA VAL B 344 -12.86 54.54 -17.66
C VAL B 344 -14.24 54.80 -17.06
N PRO B 345 -14.80 53.84 -16.27
CA PRO B 345 -16.08 54.05 -15.59
C PRO B 345 -16.15 55.39 -14.85
N GLN B 346 -15.04 55.77 -14.21
CA GLN B 346 -14.91 57.05 -13.45
C GLN B 346 -15.45 58.20 -14.30
N LYS B 347 -15.09 58.25 -15.57
CA LYS B 347 -15.41 59.41 -16.45
C LYS B 347 -16.91 59.47 -16.76
N GLY B 348 -17.70 58.48 -16.35
CA GLY B 348 -19.18 58.50 -16.45
C GLY B 348 -19.65 58.74 -17.88
N LEU B 349 -19.27 57.88 -18.82
CA LEU B 349 -19.68 57.96 -20.25
C LEU B 349 -21.21 57.94 -20.39
N PRO B 350 -21.96 56.99 -19.78
CA PRO B 350 -23.41 56.91 -19.97
C PRO B 350 -24.17 58.23 -19.77
N TYR B 351 -23.82 59.01 -18.74
CA TYR B 351 -24.50 60.29 -18.41
C TYR B 351 -24.27 61.27 -19.56
N LEU B 352 -23.10 61.21 -20.20
CA LEU B 352 -22.75 62.11 -21.33
C LEU B 352 -23.68 61.81 -22.52
N ILE B 353 -24.18 60.57 -22.61
CA ILE B 353 -25.11 60.13 -23.69
C ILE B 353 -26.53 60.61 -23.34
N ASP B 354 -26.86 60.71 -22.05
CA ASP B 354 -28.18 61.20 -21.56
C ASP B 354 -28.27 62.70 -21.86
N VAL B 355 -27.20 63.43 -21.53
CA VAL B 355 -27.05 64.90 -21.75
C VAL B 355 -27.17 65.19 -23.26
N ALA B 356 -26.40 64.47 -24.09
CA ALA B 356 -26.35 64.64 -25.57
C ALA B 356 -27.72 64.39 -26.22
N LYS B 357 -28.50 63.44 -25.70
CA LYS B 357 -29.84 63.06 -26.23
C LYS B 357 -30.81 64.24 -26.12
N LYS B 358 -30.70 65.04 -25.03
CA LYS B 358 -31.56 66.22 -24.76
C LYS B 358 -31.05 67.44 -25.55
N VAL B 359 -29.73 67.57 -25.72
CA VAL B 359 -29.08 68.69 -26.45
C VAL B 359 -29.46 68.62 -27.94
N VAL B 360 -29.31 67.44 -28.56
CA VAL B 360 -29.59 67.17 -30.00
C VAL B 360 -31.12 67.23 -30.25
N GLU B 361 -31.93 67.00 -29.21
CA GLU B 361 -33.42 67.08 -29.29
C GLU B 361 -33.85 68.52 -29.61
N GLN B 362 -33.19 69.52 -29.00
CA GLN B 362 -33.51 70.96 -29.20
C GLN B 362 -32.75 71.50 -30.43
N ASP B 363 -31.46 71.22 -30.55
CA ASP B 363 -30.61 71.70 -31.68
C ASP B 363 -29.86 70.53 -32.31
N ASN B 364 -30.29 70.10 -33.50
CA ASN B 364 -29.73 68.93 -34.24
C ASN B 364 -28.30 69.21 -34.73
N SER B 365 -27.89 70.48 -34.84
CA SER B 365 -26.55 70.91 -35.32
C SER B 365 -25.47 70.66 -34.26
N VAL B 366 -25.86 70.38 -33.01
CA VAL B 366 -24.94 70.18 -31.85
C VAL B 366 -24.20 68.84 -31.98
N GLU B 367 -22.88 68.90 -32.14
CA GLU B 367 -22.00 67.70 -32.20
C GLU B 367 -21.25 67.57 -30.88
N PHE B 368 -21.09 66.34 -30.39
CA PHE B 368 -20.36 66.03 -29.14
C PHE B 368 -19.20 65.10 -29.47
N HIS B 369 -17.97 65.63 -29.45
CA HIS B 369 -16.73 64.89 -29.79
C HIS B 369 -16.07 64.38 -28.51
N LEU B 370 -15.92 63.05 -28.36
CA LEU B 370 -15.28 62.41 -27.17
C LEU B 370 -13.94 61.79 -27.57
N TYR B 371 -12.87 62.14 -26.86
CA TYR B 371 -11.48 61.64 -27.09
C TYR B 371 -11.00 60.87 -25.86
N GLY B 372 -10.11 59.88 -26.09
CA GLY B 372 -9.51 59.04 -25.04
C GLY B 372 -9.55 57.55 -25.39
N THR B 373 -8.92 56.73 -24.55
CA THR B 373 -8.80 55.26 -24.77
C THR B 373 -9.00 54.50 -23.45
N GLY B 374 -9.77 53.40 -23.50
CA GLY B 374 -10.05 52.53 -22.35
C GLY B 374 -11.14 51.49 -22.61
N GLU B 375 -11.48 50.75 -21.54
CA GLU B 375 -12.38 49.55 -21.51
C GLU B 375 -13.79 49.82 -22.05
N GLU B 376 -14.29 51.07 -22.01
CA GLU B 376 -15.71 51.37 -22.37
C GLU B 376 -15.85 51.84 -23.83
N LYS B 377 -15.07 51.25 -24.74
CA LYS B 377 -15.19 51.49 -26.21
C LYS B 377 -16.43 50.74 -26.73
N SER B 378 -16.68 49.54 -26.21
CA SER B 378 -17.81 48.65 -26.61
C SER B 378 -19.13 49.17 -26.04
N LYS B 379 -19.11 49.76 -24.85
CA LYS B 379 -20.31 50.32 -24.16
C LYS B 379 -20.79 51.56 -24.91
N ILE B 380 -19.89 52.50 -25.21
CA ILE B 380 -20.19 53.83 -25.85
C ILE B 380 -20.66 53.64 -27.29
N GLU B 381 -20.03 52.75 -28.08
CA GLU B 381 -20.40 52.49 -29.50
C GLU B 381 -21.83 51.92 -29.57
N ASN B 382 -22.20 51.09 -28.58
CA ASN B 382 -23.52 50.43 -28.47
C ASN B 382 -24.61 51.45 -28.11
N LEU B 383 -24.32 52.36 -27.18
CA LEU B 383 -25.28 53.39 -26.68
C LEU B 383 -25.61 54.41 -27.78
N ILE B 384 -24.60 54.91 -28.52
CA ILE B 384 -24.81 55.93 -29.60
C ILE B 384 -25.56 55.30 -30.78
N GLN B 385 -25.37 54.01 -31.05
CA GLN B 385 -26.09 53.25 -32.12
C GLN B 385 -27.54 53.05 -31.67
N GLU B 386 -27.77 52.89 -30.36
CA GLU B 386 -29.10 52.70 -29.72
C GLU B 386 -29.87 54.03 -29.70
N SER B 387 -29.17 55.13 -29.41
CA SER B 387 -29.74 56.51 -29.38
C SER B 387 -29.95 57.04 -30.81
N ASN B 388 -29.10 56.59 -31.75
CA ASN B 388 -29.07 56.85 -33.22
C ASN B 388 -28.51 58.26 -33.57
N LEU B 389 -27.98 59.00 -32.59
CA LEU B 389 -27.29 60.29 -32.84
C LEU B 389 -25.78 60.04 -32.95
N THR B 390 -25.39 59.13 -33.86
CA THR B 390 -23.98 58.67 -34.08
C THR B 390 -23.14 59.77 -34.71
N ASN B 391 -23.70 60.51 -35.68
CA ASN B 391 -23.02 61.64 -36.39
C ASN B 391 -22.74 62.76 -35.39
N ASN B 392 -23.65 62.96 -34.42
CA ASN B 392 -23.56 63.98 -33.35
C ASN B 392 -22.52 63.52 -32.32
N VAL B 393 -22.69 62.32 -31.77
CA VAL B 393 -21.76 61.78 -30.72
C VAL B 393 -20.82 60.73 -31.35
N LYS B 394 -19.61 61.16 -31.70
CA LYS B 394 -18.53 60.31 -32.29
C LYS B 394 -17.38 60.17 -31.28
N LEU B 395 -16.66 59.05 -31.35
CA LEU B 395 -15.51 58.76 -30.44
C LEU B 395 -14.20 58.79 -31.22
N LEU B 396 -13.43 59.87 -31.05
CA LEU B 396 -12.12 60.09 -31.71
C LEU B 396 -11.04 59.26 -31.01
N GLY B 397 -10.04 58.82 -31.77
CA GLY B 397 -8.88 58.06 -31.27
C GLY B 397 -7.98 58.92 -30.42
N TYR B 398 -7.42 58.35 -29.34
CA TYR B 398 -6.49 59.01 -28.39
C TYR B 398 -5.34 59.65 -29.16
N THR B 399 -5.11 60.96 -28.98
CA THR B 399 -4.09 61.75 -29.74
C THR B 399 -3.04 62.36 -28.79
N THR B 400 -1.83 62.57 -29.32
CA THR B 400 -0.68 63.19 -28.62
C THR B 400 -0.93 64.70 -28.49
N ASN B 401 -1.61 65.29 -29.48
CA ASN B 401 -1.94 66.73 -29.53
C ASN B 401 -3.42 66.93 -29.12
N ALA B 402 -3.66 67.05 -27.81
CA ALA B 402 -4.99 67.29 -27.21
C ALA B 402 -5.33 68.78 -27.30
N ILE B 403 -4.42 69.64 -26.82
CA ILE B 403 -4.56 71.12 -26.74
C ILE B 403 -5.18 71.69 -28.03
N GLU B 404 -4.66 71.31 -29.21
CA GLU B 404 -5.10 71.84 -30.54
C GLU B 404 -6.55 71.42 -30.84
N LYS B 405 -6.92 70.15 -30.59
CA LYS B 405 -8.29 69.63 -30.83
C LYS B 405 -9.26 70.30 -29.83
N ILE B 406 -8.75 70.61 -28.62
CA ILE B 406 -9.49 71.30 -27.53
C ILE B 406 -9.72 72.75 -27.94
N LYS B 407 -8.69 73.41 -28.51
CA LYS B 407 -8.75 74.81 -29.01
C LYS B 407 -9.93 74.97 -29.98
N ASP B 408 -10.21 73.95 -30.79
CA ASP B 408 -11.29 74.02 -31.81
C ASP B 408 -12.62 73.54 -31.21
N PHE B 409 -12.68 73.27 -29.91
CA PHE B 409 -13.93 72.84 -29.22
C PHE B 409 -14.55 74.03 -28.48
N ARG B 410 -15.88 74.01 -28.28
CA ARG B 410 -16.59 75.14 -27.62
C ARG B 410 -16.70 74.87 -26.11
N CYS B 411 -17.55 73.94 -25.69
CA CYS B 411 -17.78 73.66 -24.24
C CYS B 411 -17.16 72.32 -23.88
N VAL B 412 -16.83 72.11 -22.60
CA VAL B 412 -16.31 70.80 -22.11
C VAL B 412 -17.24 70.31 -20.98
N ILE B 413 -18.09 69.33 -21.30
CA ILE B 413 -19.06 68.73 -20.33
C ILE B 413 -18.38 67.55 -19.63
N SER B 414 -18.27 67.61 -18.30
CA SER B 414 -17.74 66.54 -17.41
C SER B 414 -18.91 65.78 -16.78
N THR B 415 -18.97 64.48 -17.01
CA THR B 415 -20.03 63.57 -16.48
C THR B 415 -19.41 62.55 -15.52
N SER B 416 -18.16 62.79 -15.08
CA SER B 416 -17.40 61.96 -14.11
C SER B 416 -18.15 61.91 -12.77
N GLN B 417 -18.01 60.80 -12.03
CA GLN B 417 -18.69 60.61 -10.73
C GLN B 417 -17.71 60.89 -9.57
N PHE B 418 -16.40 60.89 -9.84
CA PHE B 418 -15.33 61.14 -8.84
C PHE B 418 -14.01 61.49 -9.54
N GLU B 419 -13.10 62.12 -8.80
CA GLU B 419 -11.74 62.53 -9.23
C GLU B 419 -11.03 63.08 -7.98
N GLY B 420 -9.73 62.83 -7.84
CA GLY B 420 -8.94 63.29 -6.67
C GLY B 420 -8.77 64.80 -6.68
N GLN B 421 -8.78 65.38 -7.88
CA GLN B 421 -8.57 66.80 -8.21
C GLN B 421 -8.91 66.90 -9.69
N GLY B 422 -9.66 67.92 -10.12
CA GLY B 422 -10.13 68.02 -11.51
C GLY B 422 -9.03 68.45 -12.47
N LEU B 423 -8.08 67.57 -12.80
CA LEU B 423 -6.92 67.87 -13.68
C LEU B 423 -7.38 68.06 -15.13
N SER B 424 -8.25 67.17 -15.64
CA SER B 424 -8.78 67.23 -17.03
C SER B 424 -9.58 68.53 -17.23
N LEU B 425 -10.36 68.91 -16.22
CA LEU B 425 -11.22 70.13 -16.24
C LEU B 425 -10.34 71.37 -16.10
N ILE B 426 -9.40 71.39 -15.14
CA ILE B 426 -8.40 72.48 -14.97
C ILE B 426 -7.78 72.76 -16.33
N GLU B 427 -7.32 71.70 -17.03
CA GLU B 427 -6.62 71.74 -18.35
C GLU B 427 -7.46 72.43 -19.43
N ALA B 428 -8.77 72.18 -19.53
CA ALA B 428 -9.64 72.76 -20.60
C ALA B 428 -10.01 74.22 -20.28
N MET B 429 -10.04 74.60 -19.00
CA MET B 429 -10.32 75.99 -18.55
C MET B 429 -9.16 76.89 -19.01
N LEU B 430 -7.93 76.39 -18.92
CA LEU B 430 -6.69 77.11 -19.35
C LEU B 430 -6.73 77.37 -20.86
N LEU B 431 -7.41 76.51 -21.62
CA LEU B 431 -7.59 76.72 -23.08
C LEU B 431 -8.85 77.58 -23.27
N LYS B 432 -9.08 78.53 -22.35
CA LYS B 432 -10.17 79.54 -22.39
C LYS B 432 -11.44 78.90 -22.97
N LYS B 433 -11.91 77.80 -22.37
CA LYS B 433 -13.12 77.08 -22.81
C LYS B 433 -14.13 77.06 -21.66
N PRO B 434 -15.45 77.20 -21.92
CA PRO B 434 -16.45 77.10 -20.86
C PRO B 434 -16.62 75.65 -20.39
N VAL B 435 -17.09 75.44 -19.16
CA VAL B 435 -17.19 74.07 -18.56
C VAL B 435 -18.61 73.81 -18.08
N VAL B 436 -19.05 72.55 -18.11
CA VAL B 436 -20.36 72.10 -17.57
C VAL B 436 -20.11 70.81 -16.79
N ALA B 437 -19.39 70.90 -15.67
CA ALA B 437 -18.97 69.71 -14.88
C ALA B 437 -20.01 69.39 -13.80
N PHE B 438 -20.07 68.13 -13.39
CA PHE B 438 -20.95 67.66 -12.28
C PHE B 438 -20.21 67.93 -10.96
N ASP B 439 -20.92 68.42 -9.94
CA ASP B 439 -20.33 68.60 -8.59
C ASP B 439 -20.13 67.19 -8.01
N VAL B 440 -18.90 66.68 -7.99
CA VAL B 440 -18.64 65.27 -7.59
C VAL B 440 -17.56 65.22 -6.50
N LYS B 441 -17.22 64.01 -6.04
CA LYS B 441 -16.26 63.77 -4.94
C LYS B 441 -14.95 64.53 -5.20
N TYR B 442 -14.64 65.55 -4.40
CA TYR B 442 -13.40 66.35 -4.49
C TYR B 442 -13.13 66.69 -5.96
N GLY B 443 -14.18 67.05 -6.69
CA GLY B 443 -14.10 67.29 -8.14
C GLY B 443 -14.04 68.78 -8.46
N PRO B 444 -14.99 69.28 -9.27
CA PRO B 444 -14.98 70.68 -9.71
C PRO B 444 -15.59 71.68 -8.72
N SER B 445 -15.88 71.25 -7.50
CA SER B 445 -16.52 72.09 -6.46
C SER B 445 -15.51 73.13 -5.94
N ASP B 446 -14.30 73.14 -6.47
CA ASP B 446 -13.22 74.03 -5.97
C ASP B 446 -12.85 75.07 -7.02
N PHE B 447 -13.24 74.88 -8.29
CA PHE B 447 -12.81 75.80 -9.37
C PHE B 447 -13.96 76.16 -10.32
N VAL B 448 -14.96 75.30 -10.50
CA VAL B 448 -16.09 75.57 -11.45
C VAL B 448 -17.07 76.53 -10.78
N LYS B 449 -16.88 77.84 -10.93
CA LYS B 449 -17.78 78.87 -10.36
C LYS B 449 -19.04 78.95 -11.24
N ASP B 450 -20.19 78.48 -10.75
CA ASP B 450 -21.45 78.44 -11.53
C ASP B 450 -21.79 79.86 -12.00
N GLY B 451 -21.89 80.06 -13.32
CA GLY B 451 -22.24 81.36 -13.92
C GLY B 451 -21.02 82.22 -14.20
N LYS B 452 -19.98 82.13 -13.38
CA LYS B 452 -18.77 82.98 -13.54
C LYS B 452 -17.85 82.38 -14.61
N ASN B 453 -17.50 81.10 -14.51
CA ASN B 453 -16.56 80.46 -15.47
C ASN B 453 -17.15 79.17 -16.03
N GLY B 454 -18.39 78.83 -15.69
CA GLY B 454 -19.02 77.57 -16.14
C GLY B 454 -20.31 77.29 -15.41
N TYR B 455 -20.61 76.01 -15.18
CA TYR B 455 -21.87 75.57 -14.50
C TYR B 455 -21.63 74.27 -13.72
N LEU B 456 -21.55 74.36 -12.40
CA LEU B 456 -21.39 73.17 -11.51
C LEU B 456 -22.77 72.55 -11.28
N ILE B 457 -23.20 71.66 -12.18
CA ILE B 457 -24.55 71.01 -12.10
C ILE B 457 -24.50 69.90 -11.05
N GLU B 458 -25.60 69.67 -10.33
CA GLU B 458 -25.73 68.57 -9.36
C GLU B 458 -25.58 67.23 -10.10
N ASN B 459 -24.92 66.24 -9.48
CA ASN B 459 -24.65 64.93 -10.14
C ASN B 459 -25.98 64.29 -10.56
N LYS B 460 -25.96 63.55 -11.67
CA LYS B 460 -27.15 62.82 -12.21
C LYS B 460 -28.31 63.80 -12.43
N ASP B 461 -28.07 64.91 -13.12
CA ASP B 461 -29.13 65.88 -13.50
C ASP B 461 -28.96 66.24 -14.98
N ILE B 462 -29.21 65.26 -15.86
CA ILE B 462 -29.10 65.43 -17.34
C ILE B 462 -29.81 66.73 -17.74
N LYS B 463 -31.10 66.86 -17.39
CA LYS B 463 -31.96 67.99 -17.81
C LYS B 463 -31.30 69.34 -17.48
N LYS B 464 -30.70 69.48 -16.30
CA LYS B 464 -30.04 70.76 -15.90
C LYS B 464 -28.79 70.95 -16.76
N MET B 465 -27.92 69.95 -16.82
CA MET B 465 -26.63 70.03 -17.55
C MET B 465 -26.90 70.27 -19.04
N ALA B 466 -27.89 69.59 -19.62
CA ALA B 466 -28.21 69.70 -21.06
C ALA B 466 -28.55 71.15 -21.42
N ASN B 467 -29.45 71.78 -20.66
CA ASN B 467 -29.91 73.17 -20.93
C ASN B 467 -28.71 74.11 -20.77
N LYS B 468 -27.84 73.85 -19.80
CA LYS B 468 -26.63 74.69 -19.57
C LYS B 468 -25.69 74.53 -20.77
N ILE B 469 -25.49 73.31 -21.25
CA ILE B 469 -24.65 73.03 -22.45
C ILE B 469 -25.28 73.73 -23.65
N LEU B 470 -26.60 73.62 -23.80
CA LEU B 470 -27.35 74.27 -24.90
C LEU B 470 -27.11 75.78 -24.85
N LYS B 471 -27.15 76.37 -23.65
CA LYS B 471 -26.98 77.83 -23.47
C LYS B 471 -25.59 78.23 -23.99
N LEU B 472 -24.55 77.48 -23.62
CA LEU B 472 -23.15 77.82 -24.03
C LEU B 472 -23.03 77.71 -25.54
N LEU B 473 -23.72 76.72 -26.14
CA LEU B 473 -23.70 76.43 -27.60
C LEU B 473 -24.71 77.32 -28.34
N HIS B 474 -25.54 78.08 -27.63
CA HIS B 474 -26.49 79.03 -28.27
C HIS B 474 -26.07 80.47 -27.99
N ASP B 475 -24.98 80.67 -27.23
CA ASP B 475 -24.47 82.02 -26.89
C ASP B 475 -22.96 82.06 -27.07
N LYS B 476 -22.48 82.55 -28.22
CA LYS B 476 -21.03 82.61 -28.55
C LYS B 476 -20.32 83.58 -27.61
N GLU B 477 -21.01 84.63 -27.17
CA GLU B 477 -20.40 85.69 -26.32
C GLU B 477 -20.21 85.14 -24.90
N LEU B 478 -21.28 84.63 -24.29
CA LEU B 478 -21.24 84.10 -22.90
C LEU B 478 -20.14 83.04 -22.82
N SER B 479 -20.16 82.04 -23.70
CA SER B 479 -19.20 80.91 -23.69
C SER B 479 -17.76 81.46 -23.67
N LYS B 480 -17.48 82.49 -24.47
CA LYS B 480 -16.11 83.06 -24.58
C LYS B 480 -15.72 83.75 -23.27
N SER B 481 -16.60 84.59 -22.71
CA SER B 481 -16.29 85.40 -21.50
C SER B 481 -16.20 84.48 -20.27
N LEU B 482 -17.12 83.51 -20.16
CA LEU B 482 -17.14 82.54 -19.04
C LEU B 482 -15.80 81.80 -19.09
N GLY B 483 -15.47 81.26 -20.26
CA GLY B 483 -14.21 80.55 -20.55
C GLY B 483 -12.99 81.44 -20.36
N LYS B 484 -13.11 82.73 -20.65
CA LYS B 484 -11.99 83.72 -20.48
C LYS B 484 -11.67 83.82 -18.98
N HIS B 485 -12.70 83.84 -18.13
CA HIS B 485 -12.58 83.91 -16.65
C HIS B 485 -12.05 82.57 -16.11
N GLY B 486 -12.32 81.46 -16.81
CA GLY B 486 -11.84 80.11 -16.47
C GLY B 486 -10.33 80.06 -16.32
N ARG B 487 -9.58 80.41 -17.37
CA ARG B 487 -8.10 80.38 -17.41
C ARG B 487 -7.51 81.26 -16.30
N ASP B 488 -8.07 82.45 -16.09
CA ASP B 488 -7.57 83.45 -15.11
C ASP B 488 -7.82 82.96 -13.68
N THR B 489 -8.89 82.18 -13.47
CA THR B 489 -9.23 81.56 -12.16
C THR B 489 -8.18 80.49 -11.82
N ILE B 490 -7.86 79.61 -12.78
CA ILE B 490 -6.88 78.50 -12.57
C ILE B 490 -5.51 79.11 -12.28
N ILE B 491 -5.13 80.17 -12.99
CA ILE B 491 -3.81 80.87 -12.81
C ILE B 491 -3.74 81.48 -11.39
N ASP B 492 -4.86 81.99 -10.87
CA ASP B 492 -4.94 82.71 -9.56
C ASP B 492 -4.82 81.73 -8.38
N MET B 493 -5.55 80.62 -8.39
CA MET B 493 -5.61 79.65 -7.25
C MET B 493 -4.32 78.85 -7.16
N TYR B 494 -3.96 78.14 -8.24
CA TYR B 494 -2.82 77.18 -8.27
C TYR B 494 -1.53 77.93 -8.66
N GLN B 495 -0.86 78.50 -7.66
CA GLN B 495 0.38 79.31 -7.82
C GLN B 495 1.62 78.53 -7.36
N PRO B 496 2.59 78.24 -8.27
CA PRO B 496 3.79 77.47 -7.91
C PRO B 496 4.58 78.02 -6.71
N GLU B 497 4.72 79.36 -6.59
CA GLU B 497 5.47 80.04 -5.50
C GLU B 497 4.75 79.87 -4.16
N LYS B 498 3.41 79.87 -4.17
CA LYS B 498 2.55 79.71 -2.97
C LYS B 498 2.42 78.22 -2.62
N LEU B 499 2.31 77.35 -3.64
CA LEU B 499 2.25 75.88 -3.46
C LEU B 499 3.55 75.41 -2.82
N MET B 500 4.69 75.95 -3.27
CA MET B 500 6.04 75.64 -2.75
C MET B 500 6.12 76.05 -1.27
N VAL B 501 5.42 77.12 -0.89
CA VAL B 501 5.41 77.66 0.50
C VAL B 501 4.75 76.63 1.44
N LYS B 502 3.65 76.01 1.03
CA LYS B 502 2.95 74.96 1.82
C LYS B 502 3.94 73.81 2.06
N TRP B 503 4.58 73.31 1.00
CA TRP B 503 5.61 72.24 1.04
C TRP B 503 6.71 72.64 2.03
N LYS B 504 7.29 73.84 1.83
CA LYS B 504 8.38 74.39 2.67
C LYS B 504 7.95 74.49 4.14
N GLN B 505 6.69 74.87 4.40
CA GLN B 505 6.14 75.00 5.78
C GLN B 505 6.10 73.62 6.45
N LEU B 506 5.76 72.57 5.68
CA LEU B 506 5.69 71.17 6.16
C LEU B 506 7.11 70.67 6.43
N PHE B 507 8.09 71.07 5.61
CA PHE B 507 9.50 70.63 5.70
C PHE B 507 10.19 71.37 6.87
N ASN B 508 10.07 72.70 6.94
CA ASN B 508 10.71 73.56 7.98
C ASN B 508 9.79 73.62 9.21
N SER C 16 -43.48 -28.78 8.12
CA SER C 16 -42.31 -29.68 7.90
C SER C 16 -41.25 -28.96 7.06
N MET C 17 -40.24 -28.37 7.70
CA MET C 17 -39.16 -27.62 7.02
C MET C 17 -37.84 -27.84 7.75
N LYS C 18 -36.71 -27.51 7.10
CA LYS C 18 -35.36 -27.60 7.70
C LYS C 18 -35.30 -26.68 8.92
N GLN C 19 -34.86 -27.20 10.06
CA GLN C 19 -34.78 -26.44 11.33
C GLN C 19 -33.31 -26.18 11.67
N THR C 20 -33.02 -25.07 12.35
CA THR C 20 -31.63 -24.73 12.76
C THR C 20 -31.56 -24.47 14.27
N TYR C 21 -30.41 -24.81 14.85
CA TYR C 21 -30.13 -24.63 16.30
C TYR C 21 -28.75 -24.01 16.45
N MET C 22 -28.66 -22.67 16.41
CA MET C 22 -27.38 -21.95 16.57
C MET C 22 -26.83 -22.23 17.98
N ILE C 23 -25.53 -22.45 18.13
CA ILE C 23 -24.96 -22.89 19.45
C ILE C 23 -23.95 -21.85 19.95
N VAL C 24 -24.08 -21.45 21.22
CA VAL C 24 -23.13 -20.52 21.91
C VAL C 24 -23.28 -20.77 23.41
N ASN C 25 -22.26 -20.50 24.21
CA ASN C 25 -22.33 -20.77 25.67
C ASN C 25 -23.23 -19.74 26.33
N GLU C 26 -23.12 -18.47 25.95
CA GLU C 26 -23.83 -17.38 26.65
C GLU C 26 -24.65 -16.49 25.70
N LEU C 27 -25.68 -15.88 26.29
CA LEU C 27 -26.60 -14.93 25.62
C LEU C 27 -27.10 -13.94 26.67
N ASP C 28 -26.76 -12.67 26.48
CA ASP C 28 -27.10 -11.54 27.38
C ASP C 28 -27.17 -10.25 26.56
N VAL C 29 -27.73 -9.20 27.13
CA VAL C 29 -27.84 -7.87 26.46
C VAL C 29 -26.51 -7.14 26.64
N ASN C 30 -26.30 -6.05 25.91
CA ASN C 30 -25.07 -5.21 25.99
C ASN C 30 -23.84 -6.10 25.73
N LYS C 31 -23.88 -6.87 24.64
CA LYS C 31 -22.75 -7.78 24.25
C LYS C 31 -22.38 -7.51 22.78
N GLY C 32 -23.37 -7.58 21.87
CA GLY C 32 -23.15 -7.36 20.44
C GLY C 32 -22.26 -8.44 19.84
N GLY C 33 -21.44 -8.09 18.85
CA GLY C 33 -20.47 -9.01 18.22
C GLY C 33 -21.12 -10.30 17.77
N MET C 34 -20.74 -11.43 18.37
CA MET C 34 -21.22 -12.78 17.96
C MET C 34 -22.74 -12.87 18.15
N THR C 35 -23.24 -12.50 19.33
CA THR C 35 -24.68 -12.65 19.68
C THR C 35 -25.51 -11.96 18.60
N THR C 36 -25.19 -10.71 18.25
CA THR C 36 -25.99 -9.92 17.26
C THR C 36 -26.02 -10.66 15.92
N ALA C 37 -24.88 -11.14 15.43
CA ALA C 37 -24.78 -11.83 14.13
C ALA C 37 -25.67 -13.08 14.13
N MET C 38 -25.69 -13.82 15.25
CA MET C 38 -26.48 -15.06 15.40
C MET C 38 -27.97 -14.70 15.36
N LEU C 39 -28.36 -13.67 16.11
CA LEU C 39 -29.74 -13.14 16.21
C LEU C 39 -30.15 -12.54 14.85
N THR C 40 -29.23 -11.88 14.14
CA THR C 40 -29.49 -11.34 12.78
C THR C 40 -29.67 -12.53 11.82
N ARG C 41 -28.81 -13.54 11.92
CA ARG C 41 -28.87 -14.78 11.08
C ARG C 41 -30.24 -15.45 11.32
N SER C 42 -30.67 -15.51 12.58
CA SER C 42 -31.97 -16.08 13.03
C SER C 42 -33.15 -15.35 12.38
N LYS C 43 -33.04 -14.01 12.24
CA LYS C 43 -34.10 -13.14 11.69
C LYS C 43 -34.33 -13.49 10.21
N PHE C 44 -33.27 -13.40 9.40
CA PHE C 44 -33.31 -13.66 7.93
C PHE C 44 -33.78 -15.11 7.68
N PHE C 45 -33.13 -16.08 8.33
CA PHE C 45 -33.46 -17.52 8.20
C PHE C 45 -34.97 -17.72 8.36
N LEU C 46 -35.57 -17.15 9.40
CA LEU C 46 -36.99 -17.37 9.72
C LEU C 46 -37.87 -16.77 8.63
N ASP C 47 -37.48 -15.61 8.09
CA ASP C 47 -38.23 -14.95 6.98
C ASP C 47 -38.12 -15.84 5.74
N ASN C 48 -37.21 -16.82 5.76
CA ASN C 48 -37.05 -17.78 4.65
C ASN C 48 -37.61 -19.14 5.08
N GLU C 49 -38.63 -19.14 5.94
CA GLU C 49 -39.34 -20.35 6.42
C GLU C 49 -38.33 -21.39 6.95
N ILE C 50 -37.27 -20.96 7.64
CA ILE C 50 -36.29 -21.90 8.26
C ILE C 50 -36.07 -21.47 9.71
N SER C 51 -36.43 -22.32 10.68
CA SER C 51 -36.29 -22.02 12.13
C SER C 51 -34.83 -21.66 12.43
N GLY C 52 -34.61 -20.67 13.30
CA GLY C 52 -33.26 -20.24 13.72
C GLY C 52 -33.16 -20.21 15.23
N ASP C 53 -33.50 -21.30 15.92
CA ASP C 53 -33.52 -21.34 17.40
C ASP C 53 -32.08 -21.28 17.93
N ILE C 54 -31.92 -20.91 19.20
CA ILE C 54 -30.58 -20.72 19.84
C ILE C 54 -30.39 -21.75 20.95
N ILE C 55 -29.15 -22.18 21.20
CA ILE C 55 -28.79 -23.12 22.30
C ILE C 55 -27.68 -22.46 23.14
N THR C 56 -27.93 -22.29 24.44
CA THR C 56 -26.96 -21.77 25.44
C THR C 56 -26.74 -22.84 26.50
N PHE C 57 -25.70 -22.73 27.33
CA PHE C 57 -25.36 -23.79 28.30
C PHE C 57 -25.25 -23.29 29.74
N ASP C 58 -25.37 -21.99 29.99
CA ASP C 58 -25.08 -21.40 31.33
C ASP C 58 -26.34 -21.28 32.17
N PHE C 59 -26.18 -21.04 33.47
CA PHE C 59 -27.32 -20.83 34.41
C PHE C 59 -27.51 -19.33 34.70
N LYS C 60 -28.66 -18.83 34.28
CA LYS C 60 -29.15 -17.48 34.62
C LYS C 60 -30.60 -17.62 35.08
N ALA C 61 -30.83 -17.47 36.39
CA ALA C 61 -32.15 -17.60 37.04
C ALA C 61 -33.16 -16.66 36.37
N ASN C 62 -32.68 -15.55 35.81
CA ASN C 62 -33.50 -14.48 35.18
C ASN C 62 -33.38 -14.50 33.65
N TYR C 63 -32.93 -15.62 33.06
CA TYR C 63 -32.75 -15.80 31.60
C TYR C 63 -34.01 -15.34 30.85
N LYS C 64 -35.20 -15.50 31.47
CA LYS C 64 -36.51 -15.10 30.91
C LYS C 64 -36.54 -13.58 30.67
N ASP C 65 -36.22 -12.77 31.69
CA ASP C 65 -36.20 -11.29 31.61
C ASP C 65 -35.21 -10.86 30.52
N ILE C 66 -33.99 -11.41 30.56
CA ILE C 66 -32.88 -11.12 29.60
C ILE C 66 -33.37 -11.32 28.16
N LEU C 67 -34.12 -12.39 27.88
CA LEU C 67 -34.60 -12.70 26.51
C LEU C 67 -35.69 -11.69 26.09
N LYS C 68 -36.44 -11.11 27.02
CA LYS C 68 -37.55 -10.18 26.69
C LYS C 68 -36.99 -8.77 26.36
N GLU C 69 -35.88 -8.37 27.00
CA GLU C 69 -35.15 -7.10 26.67
C GLU C 69 -34.69 -7.19 25.21
N LEU C 70 -34.10 -8.34 24.82
CA LEU C 70 -33.56 -8.58 23.47
C LEU C 70 -34.70 -8.57 22.44
N VAL C 71 -35.88 -9.09 22.79
CA VAL C 71 -37.06 -9.05 21.88
C VAL C 71 -37.53 -7.59 21.77
N GLN C 72 -37.58 -6.87 22.91
CA GLN C 72 -38.08 -5.47 22.96
C GLN C 72 -37.13 -4.56 22.19
N SER C 73 -35.82 -4.75 22.33
CA SER C 73 -34.79 -3.89 21.68
C SER C 73 -34.69 -4.23 20.19
N LYS C 74 -35.64 -5.03 19.66
CA LYS C 74 -35.67 -5.48 18.25
C LYS C 74 -34.35 -6.20 17.93
N LYS C 75 -33.47 -6.37 18.93
CA LYS C 75 -32.18 -7.08 18.77
C LYS C 75 -32.44 -8.59 18.57
N MET C 76 -33.58 -9.09 19.04
CA MET C 76 -34.00 -10.51 18.91
C MET C 76 -35.45 -10.56 18.43
N ASP C 77 -35.79 -11.65 17.75
CA ASP C 77 -37.13 -11.87 17.13
C ASP C 77 -37.96 -12.76 18.04
N LYS C 78 -39.24 -12.41 18.22
CA LYS C 78 -40.21 -13.14 19.08
C LYS C 78 -40.39 -14.59 18.60
N ARG C 79 -40.01 -14.89 17.36
CA ARG C 79 -40.11 -16.23 16.74
C ARG C 79 -38.84 -17.04 17.08
N THR C 80 -37.78 -16.38 17.53
CA THR C 80 -36.51 -17.04 17.92
C THR C 80 -36.66 -17.60 19.34
N GLN C 81 -36.30 -18.87 19.53
CA GLN C 81 -36.39 -19.56 20.84
C GLN C 81 -34.98 -19.89 21.34
N MET C 82 -34.81 -19.97 22.66
CA MET C 82 -33.50 -20.31 23.26
C MET C 82 -33.64 -21.55 24.15
N HIS C 83 -32.89 -22.59 23.81
CA HIS C 83 -32.84 -23.87 24.54
C HIS C 83 -31.60 -23.88 25.44
N ASN C 84 -31.81 -24.16 26.72
CA ASN C 84 -30.78 -24.14 27.79
C ASN C 84 -30.98 -25.38 28.67
N PRO C 85 -29.93 -26.13 29.10
CA PRO C 85 -30.13 -27.35 29.87
C PRO C 85 -30.78 -27.08 31.24
N PHE C 86 -30.56 -25.89 31.80
CA PHE C 86 -31.06 -25.56 33.16
C PHE C 86 -32.56 -25.31 33.09
N ILE C 87 -33.10 -24.92 31.94
CA ILE C 87 -34.57 -24.75 31.77
C ILE C 87 -35.16 -26.08 31.27
N TYR C 88 -34.46 -26.78 30.37
CA TYR C 88 -34.94 -28.04 29.75
C TYR C 88 -35.25 -29.06 30.85
N PHE C 89 -34.27 -29.37 31.70
CA PHE C 89 -34.41 -30.44 32.73
C PHE C 89 -35.23 -29.93 33.91
N LYS C 90 -35.37 -28.62 34.07
CA LYS C 90 -36.21 -28.05 35.16
C LYS C 90 -37.68 -28.35 34.82
N ASN C 91 -38.05 -28.14 33.55
CA ASN C 91 -39.41 -28.34 32.99
C ASN C 91 -39.79 -29.83 33.03
N ILE C 92 -38.79 -30.70 32.83
CA ILE C 92 -38.92 -32.19 32.84
C ILE C 92 -39.04 -32.67 34.30
N SER C 93 -38.23 -32.12 35.21
CA SER C 93 -38.24 -32.48 36.65
C SER C 93 -39.57 -32.02 37.29
N ASN C 94 -40.03 -30.83 36.90
CA ASN C 94 -41.27 -30.17 37.38
C ASN C 94 -42.49 -31.11 37.23
N LEU C 95 -42.43 -32.07 36.29
CA LEU C 95 -43.52 -33.02 35.96
C LEU C 95 -43.61 -34.11 37.02
N GLN C 96 -42.50 -34.45 37.68
CA GLN C 96 -42.40 -35.63 38.57
C GLN C 96 -42.97 -35.34 39.97
N HIS C 97 -43.44 -34.12 40.26
CA HIS C 97 -44.08 -33.79 41.57
C HIS C 97 -45.33 -32.94 41.35
N LYS C 98 -46.10 -32.69 42.42
CA LYS C 98 -47.39 -31.96 42.36
C LYS C 98 -47.35 -30.71 43.26
N LYS C 99 -46.92 -30.86 44.51
CA LYS C 99 -46.93 -29.76 45.52
C LYS C 99 -45.50 -29.30 45.83
N TYR C 100 -45.35 -28.03 46.21
CA TYR C 100 -44.04 -27.41 46.50
C TYR C 100 -43.46 -28.05 47.77
N ASN C 101 -42.23 -28.53 47.68
CA ASN C 101 -41.55 -29.21 48.79
C ASN C 101 -40.61 -28.22 49.49
N TYR C 102 -40.98 -27.78 50.68
CA TYR C 102 -40.20 -26.82 51.49
C TYR C 102 -39.20 -27.56 52.38
N THR C 103 -38.74 -28.75 51.98
CA THR C 103 -37.77 -29.54 52.78
C THR C 103 -36.52 -28.66 53.01
N MET C 104 -35.96 -28.10 51.94
CA MET C 104 -34.77 -27.22 52.01
C MET C 104 -35.07 -26.00 52.87
N THR C 105 -36.25 -25.40 52.70
CA THR C 105 -36.64 -24.16 53.42
C THR C 105 -36.75 -24.47 54.92
N ARG C 106 -37.31 -25.63 55.28
CA ARG C 106 -37.45 -26.06 56.70
C ARG C 106 -36.06 -26.25 57.28
N ASN C 107 -35.19 -26.98 56.58
CA ASN C 107 -33.79 -27.21 57.01
C ASN C 107 -33.16 -25.88 57.42
N LEU C 108 -33.28 -24.85 56.59
CA LEU C 108 -32.69 -23.51 56.85
C LEU C 108 -33.44 -22.83 58.00
N SER C 109 -34.75 -22.99 58.08
CA SER C 109 -35.58 -22.38 59.15
C SER C 109 -35.26 -23.07 60.48
N ASN C 110 -34.78 -24.32 60.43
CA ASN C 110 -34.45 -25.10 61.65
C ASN C 110 -33.07 -24.67 62.16
N LEU C 111 -32.17 -24.27 61.26
CA LEU C 111 -30.80 -23.85 61.63
C LEU C 111 -30.86 -22.49 62.34
N LEU C 112 -31.78 -21.62 61.91
CA LEU C 112 -31.90 -20.24 62.45
C LEU C 112 -33.11 -20.14 63.37
N LYS C 113 -33.49 -21.25 64.04
CA LYS C 113 -34.69 -21.29 64.90
C LYS C 113 -34.49 -20.37 66.12
N ASP C 114 -33.56 -20.71 67.01
CA ASP C 114 -33.31 -19.96 68.26
C ASP C 114 -32.10 -19.04 68.05
N SER C 115 -32.00 -18.38 66.90
CA SER C 115 -30.89 -17.45 66.57
C SER C 115 -31.41 -16.02 66.55
N VAL C 116 -30.68 -15.10 67.20
CA VAL C 116 -31.07 -13.66 67.30
C VAL C 116 -30.77 -12.98 65.97
N GLU C 117 -31.73 -12.22 65.42
CA GLU C 117 -31.55 -11.48 64.14
C GLU C 117 -30.97 -10.09 64.43
N ILE C 118 -29.76 -9.84 63.90
CA ILE C 118 -29.06 -8.54 64.01
C ILE C 118 -29.20 -7.85 62.66
N LYS C 119 -30.19 -6.98 62.52
CA LYS C 119 -30.47 -6.25 61.26
C LYS C 119 -29.55 -5.01 61.20
N GLU C 120 -28.42 -5.11 60.49
CA GLU C 120 -27.43 -4.03 60.26
C GLU C 120 -28.13 -2.85 59.58
N ASN C 121 -28.85 -3.17 58.50
CA ASN C 121 -29.69 -2.25 57.69
C ASN C 121 -30.88 -3.08 57.18
N SER C 122 -31.80 -2.48 56.42
CA SER C 122 -32.99 -3.17 55.84
C SER C 122 -32.57 -4.28 54.86
N ARG C 123 -31.33 -4.26 54.36
CA ARG C 123 -30.81 -5.24 53.36
C ARG C 123 -29.94 -6.30 54.03
N ILE C 124 -28.90 -5.88 54.78
CA ILE C 124 -27.91 -6.82 55.39
C ILE C 124 -28.34 -7.17 56.83
N SER C 125 -28.33 -8.47 57.15
CA SER C 125 -28.74 -9.06 58.45
C SER C 125 -27.82 -10.23 58.83
N ARG C 126 -27.69 -10.51 60.13
CA ARG C 126 -26.85 -11.63 60.64
C ARG C 126 -27.59 -12.38 61.75
N PHE C 127 -27.27 -13.66 61.93
CA PHE C 127 -27.89 -14.52 62.97
C PHE C 127 -26.79 -15.10 63.86
N PHE C 128 -27.10 -15.37 65.13
CA PHE C 128 -26.12 -15.93 66.10
C PHE C 128 -26.85 -16.87 67.07
N ASN C 129 -26.33 -18.09 67.24
CA ASN C 129 -26.91 -19.10 68.16
C ASN C 129 -26.26 -18.93 69.54
N ILE C 130 -27.05 -18.68 70.57
CA ILE C 130 -26.54 -18.45 71.96
C ILE C 130 -26.04 -19.79 72.54
N MET C 131 -26.62 -20.91 72.11
CA MET C 131 -26.21 -22.27 72.57
C MET C 131 -24.91 -22.67 71.86
N SER C 132 -24.48 -21.92 70.85
CA SER C 132 -23.26 -22.24 70.05
C SER C 132 -22.23 -21.12 70.18
N ARG C 133 -22.64 -19.93 70.63
CA ARG C 133 -21.75 -18.74 70.77
C ARG C 133 -20.93 -18.56 69.49
N GLU C 134 -21.60 -18.59 68.33
CA GLU C 134 -20.95 -18.48 67.01
C GLU C 134 -21.93 -17.91 65.99
N TYR C 135 -21.47 -17.00 65.14
CA TYR C 135 -22.27 -16.39 64.05
C TYR C 135 -22.71 -17.51 63.09
N LEU C 136 -24.03 -17.73 62.99
CA LEU C 136 -24.64 -18.82 62.17
C LEU C 136 -24.63 -18.47 60.67
N ALA C 137 -25.26 -17.35 60.27
CA ALA C 137 -25.44 -16.96 58.85
C ALA C 137 -25.62 -15.45 58.65
N TYR C 138 -25.51 -15.02 57.38
CA TYR C 138 -25.70 -13.63 56.90
C TYR C 138 -26.82 -13.63 55.85
N LYS C 139 -27.74 -12.66 55.90
CA LYS C 139 -28.86 -12.60 54.92
C LYS C 139 -28.92 -11.25 54.19
N ARG C 140 -28.68 -11.27 52.88
CA ARG C 140 -28.81 -10.07 51.99
C ARG C 140 -30.16 -10.14 51.26
N GLU C 141 -31.09 -9.26 51.62
CA GLU C 141 -32.44 -9.18 51.02
C GLU C 141 -32.51 -7.96 50.09
N THR C 142 -32.98 -8.16 48.87
CA THR C 142 -33.15 -7.07 47.86
C THR C 142 -34.53 -7.20 47.23
N GLU C 143 -34.85 -6.37 46.25
CA GLU C 143 -36.12 -6.45 45.49
C GLU C 143 -36.12 -7.76 44.69
N GLN C 144 -36.91 -8.76 45.13
CA GLN C 144 -37.08 -10.06 44.44
C GLN C 144 -35.74 -10.82 44.39
N GLU C 145 -34.95 -10.81 45.47
CA GLU C 145 -33.69 -11.60 45.56
C GLU C 145 -33.24 -11.68 47.02
N THR C 146 -33.11 -12.88 47.58
CA THR C 146 -32.66 -13.07 48.99
C THR C 146 -31.51 -14.09 49.04
N ILE C 147 -30.33 -13.66 49.50
CA ILE C 147 -29.15 -14.57 49.62
C ILE C 147 -28.89 -14.87 51.09
N PHE C 148 -28.53 -16.12 51.37
CA PHE C 148 -28.16 -16.65 52.71
C PHE C 148 -26.76 -17.24 52.65
N ASP C 149 -25.83 -16.68 53.42
CA ASP C 149 -24.45 -17.23 53.51
C ASP C 149 -24.30 -17.85 54.90
N LEU C 150 -24.14 -19.17 54.94
CA LEU C 150 -24.06 -20.01 56.18
C LEU C 150 -22.58 -20.23 56.57
N PHE C 151 -22.30 -20.16 57.89
CA PHE C 151 -20.93 -20.28 58.44
C PHE C 151 -20.81 -21.43 59.46
N LYS C 152 -19.57 -21.88 59.68
CA LYS C 152 -19.18 -22.92 60.65
C LYS C 152 -17.72 -22.66 61.06
N ASN C 153 -17.53 -22.15 62.28
CA ASN C 153 -16.23 -21.69 62.85
C ASN C 153 -15.74 -20.48 62.04
N ASN C 154 -16.63 -19.47 61.88
CA ASN C 154 -16.38 -18.15 61.23
C ASN C 154 -15.97 -18.32 59.75
N LEU C 155 -16.16 -19.52 59.17
CA LEU C 155 -15.80 -19.87 57.76
C LEU C 155 -17.08 -20.20 56.98
N ARG C 156 -17.26 -19.58 55.82
CA ARG C 156 -18.44 -19.81 54.95
C ARG C 156 -18.32 -21.19 54.28
N TYR C 157 -19.36 -22.00 54.38
CA TYR C 157 -19.42 -23.38 53.84
C TYR C 157 -20.55 -23.52 52.82
N LYS C 158 -21.62 -22.74 52.96
CA LYS C 158 -22.82 -22.84 52.07
C LYS C 158 -23.37 -21.44 51.76
N ARG C 159 -24.12 -21.35 50.67
CA ARG C 159 -24.77 -20.09 50.22
C ARG C 159 -26.07 -20.47 49.51
N ILE C 160 -27.22 -20.08 50.06
CA ILE C 160 -28.54 -20.47 49.46
C ILE C 160 -29.08 -19.27 48.69
N TYR C 161 -29.66 -19.50 47.50
CA TYR C 161 -30.17 -18.42 46.62
C TYR C 161 -31.70 -18.47 46.58
N PHE C 162 -32.33 -17.31 46.78
CA PHE C 162 -33.80 -17.14 46.67
C PHE C 162 -34.05 -16.06 45.62
N TYR C 163 -34.87 -16.39 44.63
CA TYR C 163 -35.33 -15.49 43.55
C TYR C 163 -36.81 -15.78 43.32
N LYS C 164 -37.62 -14.72 43.33
CA LYS C 164 -39.09 -14.75 43.10
C LYS C 164 -39.81 -15.64 44.13
N GLY C 165 -39.26 -15.74 45.35
CA GLY C 165 -39.89 -16.43 46.50
C GLY C 165 -39.39 -17.85 46.70
N LYS C 166 -38.89 -18.49 45.63
CA LYS C 166 -38.47 -19.91 45.68
C LYS C 166 -36.93 -20.03 45.72
N ILE C 167 -36.45 -21.18 46.20
CA ILE C 167 -35.00 -21.52 46.21
C ILE C 167 -34.63 -21.91 44.78
N VAL C 168 -33.69 -21.20 44.18
CA VAL C 168 -33.29 -21.42 42.76
C VAL C 168 -31.98 -22.21 42.67
N LYS C 169 -31.04 -21.96 43.59
CA LYS C 169 -29.66 -22.51 43.55
C LYS C 169 -29.02 -22.50 44.95
N THR C 170 -28.12 -23.44 45.21
CA THR C 170 -27.25 -23.43 46.42
C THR C 170 -25.80 -23.59 46.00
N GLU C 171 -24.87 -23.02 46.77
CA GLU C 171 -23.41 -23.04 46.47
C GLU C 171 -22.68 -23.60 47.69
N VAL C 172 -21.73 -24.52 47.47
CA VAL C 172 -20.94 -25.14 48.57
C VAL C 172 -19.47 -24.69 48.45
N PHE C 173 -18.93 -24.11 49.53
CA PHE C 173 -17.54 -23.57 49.60
C PHE C 173 -16.68 -24.37 50.57
N ASN C 174 -15.37 -24.38 50.30
CA ASN C 174 -14.33 -25.05 51.12
C ASN C 174 -13.77 -24.07 52.17
N SER C 175 -12.69 -24.46 52.85
CA SER C 175 -12.03 -23.64 53.89
C SER C 175 -11.57 -22.30 53.32
N ASP C 176 -11.09 -22.28 52.07
CA ASP C 176 -10.55 -21.07 51.42
C ASP C 176 -11.68 -20.26 50.78
N ASN C 177 -12.94 -20.60 51.08
CA ASN C 177 -14.15 -19.93 50.54
C ASN C 177 -14.10 -19.98 49.00
N ASN C 178 -13.83 -21.15 48.43
CA ASN C 178 -13.81 -21.37 46.96
C ASN C 178 -14.93 -22.33 46.60
N LEU C 179 -15.73 -22.02 45.57
CA LEU C 179 -16.89 -22.87 45.20
C LEU C 179 -16.39 -24.22 44.69
N ILE C 180 -16.89 -25.29 45.32
CA ILE C 180 -16.54 -26.70 44.99
C ILE C 180 -17.80 -27.43 44.49
N ALA C 181 -19.00 -27.00 44.85
CA ALA C 181 -20.25 -27.61 44.37
C ALA C 181 -21.37 -26.59 44.16
N GLU C 182 -22.26 -26.89 43.20
CA GLU C 182 -23.46 -26.11 42.85
C GLU C 182 -24.66 -27.07 42.81
N GLN C 183 -25.78 -26.68 43.39
CA GLN C 183 -27.05 -27.47 43.40
C GLN C 183 -28.15 -26.64 42.74
N PHE C 184 -28.89 -27.21 41.81
CA PHE C 184 -29.96 -26.48 41.09
C PHE C 184 -31.30 -27.08 41.48
N TYR C 185 -32.31 -26.24 41.65
CA TYR C 185 -33.62 -26.70 42.17
C TYR C 185 -34.74 -26.41 41.18
N ASP C 186 -35.63 -27.39 40.98
CA ASP C 186 -36.80 -27.26 40.07
C ASP C 186 -37.88 -26.39 40.74
N ASP C 187 -39.01 -26.17 40.06
CA ASP C 187 -40.05 -25.24 40.55
C ASP C 187 -40.91 -25.90 41.65
N ASN C 188 -40.63 -27.16 42.00
CA ASN C 188 -41.37 -27.89 43.07
C ASN C 188 -40.48 -28.02 44.32
N GLY C 189 -39.31 -27.39 44.32
CA GLY C 189 -38.36 -27.33 45.46
C GLY C 189 -37.47 -28.55 45.55
N TYR C 190 -37.26 -29.26 44.45
CA TYR C 190 -36.48 -30.52 44.44
C TYR C 190 -35.16 -30.32 43.69
N LEU C 191 -34.09 -30.90 44.24
CA LEU C 191 -32.75 -30.91 43.64
C LEU C 191 -32.81 -31.78 42.37
N TYR C 192 -32.70 -31.18 41.19
CA TYR C 192 -32.73 -31.90 39.91
C TYR C 192 -31.34 -31.99 39.29
N LEU C 193 -30.46 -31.04 39.63
CA LEU C 193 -29.08 -30.98 39.08
C LEU C 193 -28.10 -30.61 40.20
N TYR C 194 -26.91 -31.18 40.13
CA TYR C 194 -25.82 -31.01 41.11
C TYR C 194 -24.50 -31.21 40.36
N ARG C 195 -23.50 -30.36 40.59
CA ARG C 195 -22.18 -30.57 39.94
C ARG C 195 -21.01 -30.22 40.86
N GLN C 196 -19.89 -30.91 40.63
CA GLN C 196 -18.61 -30.64 41.32
C GLN C 196 -17.87 -29.56 40.55
N ILE C 197 -17.20 -28.65 41.25
CA ILE C 197 -16.38 -27.57 40.61
C ILE C 197 -14.97 -27.65 41.19
N ASN C 198 -13.94 -27.69 40.32
CA ASN C 198 -12.53 -27.70 40.79
C ASN C 198 -12.31 -26.43 41.63
N PRO C 199 -11.82 -26.55 42.89
CA PRO C 199 -11.67 -25.40 43.78
C PRO C 199 -10.88 -24.22 43.18
N GLU C 200 -9.58 -24.40 42.94
CA GLU C 200 -8.68 -23.31 42.49
C GLU C 200 -8.88 -23.07 40.98
N LYS C 201 -9.02 -24.13 40.19
CA LYS C 201 -9.11 -24.01 38.71
C LYS C 201 -10.47 -23.41 38.30
N LYS C 202 -11.44 -23.36 39.22
CA LYS C 202 -12.81 -22.84 38.95
C LYS C 202 -13.32 -23.48 37.64
N SER C 203 -13.24 -24.80 37.52
CA SER C 203 -13.66 -25.55 36.31
C SER C 203 -14.73 -26.61 36.64
N ILE C 204 -15.69 -26.80 35.72
CA ILE C 204 -16.86 -27.73 35.90
C ILE C 204 -16.40 -29.18 35.72
N GLY C 205 -16.62 -29.99 36.76
CA GLY C 205 -16.27 -31.42 36.81
C GLY C 205 -17.51 -32.32 36.82
N LYS C 206 -17.56 -33.27 37.76
CA LYS C 206 -18.61 -34.32 37.86
C LYS C 206 -20.01 -33.70 38.05
N THR C 207 -20.87 -33.85 37.03
CA THR C 207 -22.26 -33.36 36.97
C THR C 207 -23.22 -34.52 37.29
N TYR C 208 -24.23 -34.29 38.13
CA TYR C 208 -25.17 -35.35 38.56
C TYR C 208 -26.60 -34.94 38.23
N LEU C 209 -27.20 -35.51 37.18
CA LEU C 209 -28.62 -35.26 36.83
C LEU C 209 -29.50 -36.18 37.67
N VAL C 210 -30.16 -35.65 38.69
CA VAL C 210 -30.94 -36.47 39.67
C VAL C 210 -32.20 -37.01 38.98
N CYS C 211 -32.88 -36.17 38.19
CA CYS C 211 -34.14 -36.55 37.49
C CYS C 211 -33.95 -37.90 36.78
N LYS C 212 -32.77 -38.16 36.24
CA LYS C 212 -32.46 -39.42 35.50
C LYS C 212 -31.46 -40.26 36.29
N GLU C 213 -31.12 -39.86 37.52
CA GLU C 213 -30.11 -40.55 38.36
C GLU C 213 -28.86 -40.83 37.52
N LYS C 214 -28.37 -39.83 36.79
CA LYS C 214 -27.23 -40.01 35.85
C LYS C 214 -26.01 -39.23 36.36
N GLN C 215 -24.82 -39.63 35.91
CA GLN C 215 -23.53 -39.01 36.28
C GLN C 215 -22.81 -38.63 34.99
N PHE C 216 -22.14 -37.49 34.97
CA PHE C 216 -21.36 -37.02 33.81
C PHE C 216 -19.98 -36.59 34.31
N LYS C 217 -18.94 -36.93 33.54
CA LYS C 217 -17.52 -36.65 33.92
C LYS C 217 -17.27 -35.14 33.94
N ASN C 218 -17.78 -34.41 32.92
CA ASN C 218 -17.55 -32.95 32.72
C ASN C 218 -18.80 -32.25 32.15
N ASN C 219 -18.74 -30.93 31.96
CA ASN C 219 -19.86 -30.12 31.39
C ASN C 219 -20.04 -30.46 29.91
N VAL C 220 -18.96 -30.68 29.16
CA VAL C 220 -19.06 -30.98 27.69
C VAL C 220 -19.82 -32.31 27.52
N GLU C 221 -19.65 -33.29 28.41
CA GLU C 221 -20.34 -34.61 28.40
C GLU C 221 -21.85 -34.42 28.66
N PHE C 222 -22.20 -33.60 29.66
CA PHE C 222 -23.60 -33.29 30.08
C PHE C 222 -24.33 -32.61 28.93
N CYS C 223 -23.73 -31.56 28.36
CA CYS C 223 -24.32 -30.70 27.30
C CYS C 223 -24.55 -31.52 26.02
N SER C 224 -23.71 -32.50 25.69
CA SER C 224 -23.89 -33.41 24.53
C SER C 224 -25.15 -34.25 24.74
N TYR C 225 -25.36 -34.69 25.99
CA TYR C 225 -26.54 -35.47 26.43
C TYR C 225 -27.78 -34.57 26.29
N PHE C 226 -27.65 -33.30 26.66
CA PHE C 226 -28.73 -32.29 26.51
C PHE C 226 -29.02 -32.12 25.01
N LEU C 227 -27.98 -32.05 24.18
CA LEU C 227 -28.09 -31.90 22.71
C LEU C 227 -28.72 -33.16 22.10
N ASP C 228 -28.44 -34.34 22.67
CA ASP C 228 -28.98 -35.65 22.20
C ASP C 228 -30.48 -35.75 22.55
N LYS C 229 -30.90 -35.12 23.65
CA LYS C 229 -32.30 -35.17 24.17
C LYS C 229 -33.16 -34.05 23.57
N LEU C 230 -32.55 -32.94 23.14
CA LEU C 230 -33.28 -31.77 22.58
C LEU C 230 -33.41 -31.91 21.05
N ILE C 231 -32.29 -32.05 20.34
CA ILE C 231 -32.30 -32.09 18.84
C ILE C 231 -32.59 -33.51 18.39
N PRO C 232 -33.71 -33.81 17.67
CA PRO C 232 -33.95 -35.15 17.13
C PRO C 232 -32.94 -35.47 16.02
N ASP C 233 -32.37 -36.67 16.05
CA ASP C 233 -31.37 -37.11 15.05
C ASP C 233 -32.06 -37.28 13.69
N ILE C 234 -32.07 -36.24 12.86
CA ILE C 234 -32.74 -36.28 11.52
C ILE C 234 -32.04 -35.28 10.59
N ASN C 235 -32.04 -35.57 9.29
CA ASN C 235 -31.34 -34.76 8.25
C ASN C 235 -31.86 -33.31 8.30
N ASP C 236 -33.18 -33.13 8.41
CA ASP C 236 -33.82 -31.79 8.40
C ASP C 236 -33.27 -30.94 9.56
N ASN C 237 -33.07 -31.55 10.73
CA ASN C 237 -32.60 -30.82 11.95
C ASN C 237 -31.12 -30.48 11.76
N ILE C 238 -30.78 -29.18 11.69
CA ILE C 238 -29.37 -28.71 11.46
C ILE C 238 -28.82 -27.99 12.72
N ILE C 239 -27.55 -28.23 13.08
CA ILE C 239 -26.88 -27.56 14.24
C ILE C 239 -25.67 -26.75 13.73
N ILE C 240 -25.57 -25.48 14.15
CA ILE C 240 -24.50 -24.53 13.73
C ILE C 240 -23.73 -24.05 14.98
N CYS C 241 -22.49 -24.49 15.14
CA CYS C 241 -21.67 -24.07 16.29
C CYS C 241 -21.01 -22.72 15.97
N ASP C 242 -21.46 -21.67 16.65
CA ASP C 242 -20.90 -20.30 16.48
C ASP C 242 -19.82 -20.05 17.53
N GLY C 243 -20.07 -20.44 18.78
CA GLY C 243 -19.13 -20.26 19.90
C GLY C 243 -17.94 -21.21 19.79
N PRO C 244 -16.68 -20.69 19.77
CA PRO C 244 -15.51 -21.55 19.64
C PRO C 244 -15.31 -22.56 20.79
N GLY C 245 -15.51 -22.12 22.04
CA GLY C 245 -15.40 -22.95 23.25
C GLY C 245 -16.58 -23.91 23.39
N SER C 246 -17.63 -23.74 22.59
CA SER C 246 -18.83 -24.61 22.65
C SER C 246 -18.70 -25.78 21.67
N PHE C 247 -17.55 -25.94 21.01
CA PHE C 247 -17.37 -26.97 19.95
C PHE C 247 -17.36 -28.38 20.55
N PRO C 248 -16.54 -28.72 21.58
CA PRO C 248 -16.54 -30.08 22.12
C PRO C 248 -17.95 -30.61 22.34
N LYS C 249 -18.84 -29.77 22.88
CA LYS C 249 -20.23 -30.15 23.23
C LYS C 249 -20.98 -30.56 21.95
N ILE C 250 -20.52 -30.18 20.75
CA ILE C 250 -21.19 -30.61 19.48
C ILE C 250 -20.35 -31.65 18.72
N LEU C 251 -19.04 -31.77 18.96
CA LEU C 251 -18.18 -32.79 18.29
C LEU C 251 -18.43 -34.17 18.91
N LYS C 252 -18.61 -34.23 20.24
CA LYS C 252 -18.76 -35.50 21.01
C LYS C 252 -20.24 -35.86 21.21
N THR C 253 -21.12 -35.52 20.27
CA THR C 253 -22.57 -35.90 20.35
C THR C 253 -22.78 -37.29 19.75
N ASN C 254 -23.94 -37.90 20.03
CA ASN C 254 -24.31 -39.27 19.57
C ASN C 254 -25.07 -39.19 18.23
N HIS C 255 -25.35 -37.97 17.74
CA HIS C 255 -26.08 -37.72 16.47
C HIS C 255 -25.31 -38.33 15.29
N LYS C 256 -26.05 -38.90 14.33
CA LYS C 256 -25.50 -39.48 13.08
C LYS C 256 -26.26 -38.94 11.86
N ASN C 257 -27.58 -38.77 11.99
CA ASN C 257 -28.52 -38.31 10.93
C ASN C 257 -28.55 -36.77 10.87
N VAL C 258 -28.45 -36.07 12.02
CA VAL C 258 -28.50 -34.58 12.10
C VAL C 258 -27.20 -33.94 11.57
N LYS C 259 -27.33 -32.90 10.73
CA LYS C 259 -26.22 -32.15 10.08
C LYS C 259 -25.57 -31.17 11.08
N LYS C 260 -24.24 -31.04 11.03
CA LYS C 260 -23.48 -30.15 11.97
C LYS C 260 -22.42 -29.31 11.25
N PHE C 261 -22.57 -27.97 11.32
CA PHE C 261 -21.63 -26.98 10.73
C PHE C 261 -21.02 -26.10 11.84
N ALA C 262 -19.93 -25.40 11.53
CA ALA C 262 -19.20 -24.54 12.51
C ALA C 262 -18.73 -23.26 11.85
N VAL C 263 -19.05 -22.11 12.45
CA VAL C 263 -18.67 -20.77 11.92
C VAL C 263 -17.48 -20.22 12.72
N ILE C 264 -16.44 -19.79 12.02
CA ILE C 264 -15.27 -19.12 12.63
C ILE C 264 -15.49 -17.62 12.45
N HIS C 265 -15.85 -16.93 13.53
CA HIS C 265 -16.18 -15.48 13.52
C HIS C 265 -14.91 -14.64 13.45
N VAL C 266 -14.07 -14.68 14.49
CA VAL C 266 -12.81 -13.87 14.58
C VAL C 266 -11.74 -14.52 13.69
N ASN C 267 -10.59 -13.85 13.52
CA ASN C 267 -9.42 -14.40 12.79
C ASN C 267 -8.87 -15.57 13.60
N HIS C 268 -8.46 -16.66 12.94
CA HIS C 268 -8.05 -17.91 13.62
C HIS C 268 -6.60 -17.82 14.11
N TYR C 269 -5.80 -16.85 13.63
CA TYR C 269 -4.36 -16.78 13.97
C TYR C 269 -4.18 -16.14 15.36
N LYS C 270 -3.13 -16.54 16.07
CA LYS C 270 -2.78 -15.95 17.40
C LYS C 270 -2.62 -14.45 17.20
N ASN C 271 -3.40 -13.67 17.96
CA ASN C 271 -3.50 -12.20 17.79
C ASN C 271 -2.15 -11.53 18.08
N PHE C 272 -1.64 -10.76 17.11
CA PHE C 272 -0.33 -10.04 17.18
C PHE C 272 0.80 -11.06 17.25
N ASP C 273 0.76 -12.07 16.37
CA ASP C 273 1.82 -13.11 16.27
C ASP C 273 2.24 -13.25 14.81
N ASP C 274 3.51 -13.59 14.57
CA ASP C 274 4.08 -13.71 13.20
C ASP C 274 4.49 -15.15 12.93
N THR C 275 4.58 -15.98 13.96
CA THR C 275 5.07 -17.38 13.84
C THR C 275 4.04 -18.22 13.08
N GLY C 276 2.89 -17.64 12.74
CA GLY C 276 1.79 -18.34 12.07
C GLY C 276 1.05 -19.25 13.03
N ALA C 277 1.16 -18.99 14.35
CA ALA C 277 0.45 -19.73 15.40
C ALA C 277 -1.05 -19.50 15.25
N VAL C 278 -1.86 -20.51 15.55
CA VAL C 278 -3.36 -20.44 15.48
C VAL C 278 -3.90 -20.41 16.91
N LYS C 279 -5.02 -19.74 17.14
CA LYS C 279 -5.70 -19.72 18.47
C LYS C 279 -6.09 -21.16 18.83
N LYS C 280 -5.85 -21.55 20.08
CA LYS C 280 -6.10 -22.94 20.57
C LYS C 280 -7.51 -23.40 20.16
N GLN C 281 -8.54 -22.68 20.61
CA GLN C 281 -9.95 -23.04 20.36
C GLN C 281 -10.18 -23.21 18.85
N GLU C 282 -9.70 -22.27 18.04
CA GLU C 282 -9.92 -22.28 16.57
C GLU C 282 -9.14 -23.44 15.95
N ASP C 283 -7.95 -23.75 16.47
CA ASP C 283 -7.13 -24.89 15.99
C ASP C 283 -7.94 -26.18 16.16
N TYR C 284 -8.53 -26.39 17.34
CA TYR C 284 -9.31 -27.62 17.66
C TYR C 284 -10.44 -27.77 16.64
N ILE C 285 -11.29 -26.74 16.49
CA ILE C 285 -12.51 -26.85 15.62
C ILE C 285 -12.07 -27.05 14.16
N LEU C 286 -10.85 -26.63 13.76
CA LEU C 286 -10.34 -26.80 12.37
C LEU C 286 -9.63 -28.15 12.21
N ARG C 287 -9.03 -28.71 13.27
CA ARG C 287 -8.35 -30.04 13.22
C ARG C 287 -9.40 -31.15 13.13
N ASN C 288 -10.55 -30.97 13.79
CA ASN C 288 -11.66 -31.96 13.86
C ASN C 288 -12.67 -31.74 12.72
N ALA C 289 -12.39 -30.79 11.81
CA ALA C 289 -13.27 -30.37 10.69
C ALA C 289 -13.88 -31.58 9.96
N ASN C 290 -13.08 -32.63 9.77
CA ASN C 290 -13.46 -33.91 9.10
C ASN C 290 -14.75 -34.48 9.71
N LYS C 291 -14.87 -34.45 11.05
CA LYS C 291 -16.04 -34.97 11.81
C LYS C 291 -17.28 -34.11 11.50
N ILE C 292 -17.11 -32.80 11.35
CA ILE C 292 -18.21 -31.82 11.05
C ILE C 292 -18.58 -31.91 9.56
N ASN C 293 -19.70 -31.28 9.17
CA ASN C 293 -20.24 -31.32 7.77
C ASN C 293 -19.60 -30.23 6.90
N GLY C 294 -19.22 -29.09 7.49
CA GLY C 294 -18.60 -27.97 6.76
C GLY C 294 -18.25 -26.81 7.67
N VAL C 295 -17.03 -26.29 7.56
CA VAL C 295 -16.56 -25.12 8.37
C VAL C 295 -16.74 -23.83 7.54
N VAL C 296 -17.83 -23.11 7.82
CA VAL C 296 -18.19 -21.83 7.17
C VAL C 296 -17.19 -20.75 7.63
N MET C 297 -16.57 -20.08 6.68
CA MET C 297 -15.64 -18.94 6.91
C MET C 297 -16.28 -17.69 6.31
N LEU C 298 -16.07 -16.53 6.94
CA LEU C 298 -16.67 -15.22 6.54
C LEU C 298 -16.20 -14.81 5.13
N THR C 299 -14.89 -14.78 4.87
CA THR C 299 -14.28 -14.34 3.58
C THR C 299 -13.63 -15.52 2.83
N GLU C 300 -13.43 -15.36 1.52
CA GLU C 300 -12.76 -16.38 0.65
C GLU C 300 -11.25 -16.36 0.91
N ALA C 301 -10.70 -15.19 1.24
CA ALA C 301 -9.26 -14.98 1.55
C ALA C 301 -8.88 -15.78 2.80
N GLN C 302 -9.87 -16.11 3.63
CA GLN C 302 -9.72 -16.91 4.87
C GLN C 302 -9.84 -18.40 4.51
N LYS C 303 -10.65 -18.74 3.51
CA LYS C 303 -10.82 -20.12 3.00
C LYS C 303 -9.50 -20.60 2.41
N LYS C 304 -8.63 -19.66 2.01
CA LYS C 304 -7.29 -19.94 1.44
C LYS C 304 -6.33 -20.36 2.56
N ASP C 305 -6.13 -19.50 3.57
CA ASP C 305 -5.14 -19.71 4.68
C ASP C 305 -5.63 -20.79 5.66
N ILE C 306 -6.90 -21.22 5.58
CA ILE C 306 -7.45 -22.33 6.41
C ILE C 306 -7.23 -23.66 5.67
N ILE C 307 -7.15 -23.62 4.33
CA ILE C 307 -6.84 -24.81 3.47
C ILE C 307 -5.34 -25.12 3.64
N GLU C 308 -4.51 -24.07 3.69
CA GLU C 308 -3.07 -24.18 4.00
C GLU C 308 -2.91 -24.51 5.49
N LYS C 309 -2.09 -25.52 5.80
CA LYS C 309 -1.76 -26.01 7.16
C LYS C 309 -2.85 -26.98 7.68
N TYR C 310 -4.00 -27.12 7.01
CA TYR C 310 -5.10 -28.02 7.46
C TYR C 310 -5.59 -29.00 6.37
N LYS C 311 -5.58 -28.58 5.09
CA LYS C 311 -6.04 -29.37 3.91
C LYS C 311 -7.49 -29.82 4.10
N ILE C 312 -8.35 -28.92 4.62
CA ILE C 312 -9.79 -29.22 4.94
C ILE C 312 -10.63 -29.24 3.65
N THR C 313 -11.28 -30.37 3.39
CA THR C 313 -12.19 -30.59 2.23
C THR C 313 -13.49 -29.82 2.48
N ASN C 314 -14.12 -30.03 3.64
CA ASN C 314 -15.42 -29.41 4.03
C ASN C 314 -15.20 -28.00 4.60
N ALA C 315 -15.11 -27.00 3.72
CA ALA C 315 -14.95 -25.58 4.06
C ALA C 315 -15.88 -24.75 3.17
N TYR C 316 -16.56 -23.74 3.73
CA TYR C 316 -17.50 -22.90 2.96
C TYR C 316 -17.27 -21.42 3.26
N VAL C 317 -17.85 -20.56 2.42
CA VAL C 317 -17.79 -19.08 2.60
C VAL C 317 -19.21 -18.51 2.51
N ILE C 318 -19.60 -17.81 3.58
CA ILE C 318 -20.89 -17.07 3.72
C ILE C 318 -20.64 -15.98 4.75
N SER C 319 -20.99 -14.73 4.42
CA SER C 319 -20.80 -13.56 5.30
C SER C 319 -21.99 -13.43 6.24
N ASN C 320 -21.78 -12.84 7.43
CA ASN C 320 -22.83 -12.54 8.43
C ASN C 320 -23.75 -11.47 7.83
N PHE C 321 -25.04 -11.76 7.66
CA PHE C 321 -26.06 -10.89 7.03
C PHE C 321 -25.89 -9.43 7.49
N ILE C 322 -25.90 -8.48 6.54
CA ILE C 322 -25.66 -7.03 6.80
C ILE C 322 -27.00 -6.34 7.09
N ASN C 323 -27.17 -5.85 8.33
CA ASN C 323 -28.41 -5.19 8.82
C ASN C 323 -28.39 -3.69 8.46
N ILE C 324 -27.27 -3.16 7.95
CA ILE C 324 -27.13 -1.73 7.57
C ILE C 324 -27.67 -1.56 6.14
N THR C 325 -28.76 -0.81 5.97
CA THR C 325 -29.42 -0.52 4.65
C THR C 325 -30.33 0.73 4.77
N ASP C 326 -29.76 1.93 4.58
CA ASP C 326 -30.50 3.22 4.57
C ASP C 326 -29.67 4.31 3.89
N ASP C 327 -30.24 5.00 2.89
CA ASP C 327 -29.55 6.05 2.07
C ASP C 327 -29.77 7.45 2.68
N TYR C 328 -28.70 8.24 2.72
CA TYR C 328 -28.70 9.64 3.24
C TYR C 328 -28.14 10.59 2.17
N ARG C 329 -28.81 11.72 1.94
CA ARG C 329 -28.39 12.73 0.94
C ARG C 329 -27.72 13.91 1.66
N ASP C 330 -27.16 13.69 2.85
CA ASP C 330 -26.47 14.72 3.65
C ASP C 330 -24.94 14.59 3.43
N LYS C 331 -24.51 14.65 2.17
CA LYS C 331 -23.09 14.47 1.77
C LYS C 331 -22.23 15.64 2.25
N ASN C 332 -22.78 16.85 2.37
CA ASN C 332 -22.05 18.10 2.75
C ASN C 332 -21.38 17.94 4.13
N ASP C 333 -20.05 17.94 4.15
CA ASP C 333 -19.24 17.73 5.39
C ASP C 333 -17.95 18.56 5.38
N ASN C 334 -17.18 18.47 6.46
CA ASN C 334 -15.91 19.22 6.69
C ASN C 334 -14.71 18.31 6.41
N LYS C 335 -13.53 18.65 6.96
CA LYS C 335 -12.25 17.90 6.81
C LYS C 335 -11.98 17.12 8.11
N VAL C 336 -12.83 16.13 8.40
CA VAL C 336 -12.74 15.29 9.65
C VAL C 336 -12.65 13.80 9.29
N VAL C 337 -11.77 13.09 10.00
CA VAL C 337 -11.51 11.62 9.81
C VAL C 337 -11.83 10.86 11.12
N GLY C 338 -12.69 9.84 11.04
CA GLY C 338 -13.17 9.08 12.21
C GLY C 338 -12.99 7.58 12.11
N HIS C 339 -12.88 6.89 13.27
CA HIS C 339 -12.70 5.43 13.38
C HIS C 339 -13.55 4.83 14.52
N ILE C 340 -14.80 4.49 14.23
CA ILE C 340 -15.74 3.87 15.22
C ILE C 340 -15.40 2.38 15.38
N SER C 341 -14.70 2.05 16.46
CA SER C 341 -14.35 0.67 16.85
C SER C 341 -13.87 0.65 18.31
N ARG C 342 -14.02 -0.47 19.01
CA ARG C 342 -13.64 -0.58 20.44
C ARG C 342 -12.14 -0.29 20.58
N LEU C 343 -11.72 0.30 21.70
CA LEU C 343 -10.30 0.67 21.93
C LEU C 343 -9.51 -0.59 22.31
N VAL C 344 -9.35 -1.52 21.37
CA VAL C 344 -8.59 -2.79 21.59
C VAL C 344 -7.36 -2.76 20.70
N PRO C 345 -6.24 -3.47 21.04
CA PRO C 345 -5.07 -3.51 20.17
C PRO C 345 -5.43 -3.92 18.73
N GLN C 346 -6.48 -4.74 18.58
CA GLN C 346 -6.93 -5.24 17.25
C GLN C 346 -7.12 -4.05 16.29
N LYS C 347 -7.65 -2.92 16.78
CA LYS C 347 -8.01 -1.78 15.91
C LYS C 347 -6.76 -0.99 15.50
N GLY C 348 -5.60 -1.26 16.09
CA GLY C 348 -4.30 -0.70 15.65
C GLY C 348 -4.23 0.81 15.80
N LEU C 349 -4.70 1.36 16.93
CA LEU C 349 -4.76 2.83 17.16
C LEU C 349 -3.37 3.44 17.12
N PRO C 350 -2.30 2.68 17.48
CA PRO C 350 -0.95 3.25 17.52
C PRO C 350 -0.48 3.74 16.14
N TYR C 351 -0.85 3.02 15.08
CA TYR C 351 -0.51 3.40 13.68
C TYR C 351 -1.26 4.70 13.34
N LEU C 352 -2.54 4.79 13.72
CA LEU C 352 -3.35 6.00 13.49
C LEU C 352 -2.58 7.23 14.02
N ILE C 353 -2.00 7.11 15.22
CA ILE C 353 -1.19 8.21 15.83
C ILE C 353 -0.10 8.62 14.82
N ASP C 354 0.64 7.65 14.27
CA ASP C 354 1.77 7.93 13.35
C ASP C 354 1.21 8.59 12.07
N VAL C 355 0.12 8.03 11.54
CA VAL C 355 -0.59 8.50 10.31
C VAL C 355 -1.04 9.96 10.53
N ALA C 356 -1.59 10.26 11.71
CA ALA C 356 -2.09 11.60 12.11
C ALA C 356 -0.95 12.63 12.09
N LYS C 357 0.26 12.24 12.51
CA LYS C 357 1.47 13.11 12.58
C LYS C 357 1.88 13.59 11.18
N LYS C 358 1.62 12.78 10.15
CA LYS C 358 1.98 13.09 8.72
C LYS C 358 0.88 13.92 8.07
N VAL C 359 -0.39 13.72 8.45
CA VAL C 359 -1.56 14.46 7.90
C VAL C 359 -1.54 15.90 8.43
N VAL C 360 -1.34 16.07 9.74
CA VAL C 360 -1.31 17.39 10.43
C VAL C 360 -0.05 18.18 10.02
N GLU C 361 0.96 17.51 9.44
CA GLU C 361 2.22 18.13 8.96
C GLU C 361 1.93 19.04 7.76
N GLN C 362 1.29 18.49 6.71
CA GLN C 362 0.93 19.23 5.47
C GLN C 362 -0.24 20.18 5.76
N ASP C 363 -1.37 19.66 6.27
CA ASP C 363 -2.56 20.48 6.57
C ASP C 363 -2.93 20.34 8.06
N ASN C 364 -2.80 21.44 8.80
CA ASN C 364 -3.04 21.51 10.27
C ASN C 364 -4.54 21.51 10.59
N SER C 365 -5.44 21.57 9.60
CA SER C 365 -6.91 21.64 9.81
C SER C 365 -7.56 20.25 9.71
N VAL C 366 -6.80 19.18 9.91
CA VAL C 366 -7.30 17.77 9.83
C VAL C 366 -7.76 17.31 11.21
N GLU C 367 -9.08 17.15 11.41
CA GLU C 367 -9.67 16.72 12.69
C GLU C 367 -9.70 15.18 12.74
N PHE C 368 -8.91 14.59 13.65
CA PHE C 368 -8.83 13.13 13.82
C PHE C 368 -9.60 12.71 15.08
N HIS C 369 -10.92 12.83 15.11
CA HIS C 369 -11.69 12.36 16.29
C HIS C 369 -12.07 10.89 16.12
N LEU C 370 -11.75 10.06 17.10
CA LEU C 370 -12.05 8.60 17.08
C LEU C 370 -13.02 8.28 18.21
N TYR C 371 -13.95 7.35 17.98
CA TYR C 371 -14.97 6.94 18.97
C TYR C 371 -14.74 5.48 19.37
N GLY C 372 -15.03 5.15 20.63
CA GLY C 372 -14.91 3.79 21.17
C GLY C 372 -14.51 3.74 22.64
N THR C 373 -14.82 2.63 23.31
CA THR C 373 -14.53 2.40 24.74
C THR C 373 -13.81 1.06 24.91
N GLY C 374 -12.64 1.07 25.57
CA GLY C 374 -11.83 -0.13 25.83
C GLY C 374 -10.52 0.12 26.55
N GLU C 375 -9.72 -0.95 26.67
CA GLU C 375 -8.44 -1.06 27.46
C GLU C 375 -7.37 -0.04 27.02
N GLU C 376 -7.36 0.41 25.76
CA GLU C 376 -6.31 1.33 25.23
C GLU C 376 -6.79 2.79 25.32
N LYS C 377 -7.18 3.23 26.51
CA LYS C 377 -7.58 4.64 26.77
C LYS C 377 -6.35 5.42 27.24
N SER C 378 -5.59 4.86 28.17
CA SER C 378 -4.34 5.45 28.74
C SER C 378 -3.22 5.42 27.71
N LYS C 379 -3.28 4.48 26.76
CA LYS C 379 -2.31 4.32 25.66
C LYS C 379 -2.47 5.46 24.66
N ILE C 380 -3.70 5.81 24.29
CA ILE C 380 -4.04 6.87 23.29
C ILE C 380 -3.85 8.26 23.91
N GLU C 381 -4.22 8.43 25.19
CA GLU C 381 -4.08 9.73 25.92
C GLU C 381 -2.60 10.13 25.99
N ASN C 382 -1.71 9.16 26.22
CA ASN C 382 -0.24 9.35 26.32
C ASN C 382 0.37 9.60 24.94
N LEU C 383 -0.12 8.93 23.90
CA LEU C 383 0.38 9.04 22.50
C LEU C 383 0.04 10.42 21.93
N ILE C 384 -1.21 10.89 22.10
CA ILE C 384 -1.72 12.19 21.58
C ILE C 384 -1.02 13.34 22.32
N GLN C 385 -0.76 13.18 23.62
CA GLN C 385 -0.08 14.20 24.47
C GLN C 385 1.39 14.34 24.04
N GLU C 386 2.05 13.22 23.73
CA GLU C 386 3.47 13.16 23.31
C GLU C 386 3.62 13.80 21.91
N SER C 387 2.70 13.50 20.99
CA SER C 387 2.68 14.01 19.59
C SER C 387 2.41 15.52 19.56
N ASN C 388 1.61 16.01 20.52
CA ASN C 388 1.21 17.43 20.77
C ASN C 388 0.02 17.86 19.88
N LEU C 389 -0.54 16.95 19.07
CA LEU C 389 -1.71 17.22 18.21
C LEU C 389 -2.99 16.81 18.95
N THR C 390 -3.19 17.35 20.17
CA THR C 390 -4.32 17.00 21.08
C THR C 390 -5.63 17.61 20.54
N ASN C 391 -5.58 18.78 19.89
CA ASN C 391 -6.77 19.47 19.32
C ASN C 391 -7.26 18.70 18.08
N ASN C 392 -6.33 18.09 17.33
CA ASN C 392 -6.61 17.28 16.12
C ASN C 392 -7.08 15.89 16.54
N VAL C 393 -6.24 15.16 17.29
CA VAL C 393 -6.53 13.75 17.74
C VAL C 393 -7.42 13.79 19.00
N LYS C 394 -8.71 13.45 18.85
CA LYS C 394 -9.71 13.49 19.95
C LYS C 394 -10.39 12.12 20.13
N LEU C 395 -10.89 11.85 21.35
CA LEU C 395 -11.55 10.56 21.71
C LEU C 395 -12.99 10.82 22.19
N LEU C 396 -13.96 10.61 21.30
CA LEU C 396 -15.41 10.87 21.50
C LEU C 396 -16.05 9.83 22.44
N GLY C 397 -15.38 8.69 22.66
CA GLY C 397 -15.87 7.61 23.53
C GLY C 397 -17.02 6.83 22.92
N TYR C 398 -17.70 6.02 23.74
CA TYR C 398 -18.84 5.16 23.34
C TYR C 398 -20.06 6.03 23.00
N THR C 399 -20.79 5.68 21.94
CA THR C 399 -22.02 6.41 21.49
C THR C 399 -23.08 5.44 20.92
N THR C 400 -24.34 5.68 21.28
CA THR C 400 -25.52 4.92 20.80
C THR C 400 -25.77 5.29 19.33
N ASN C 401 -25.61 6.59 19.00
CA ASN C 401 -25.80 7.14 17.64
C ASN C 401 -24.43 7.26 16.95
N ALA C 402 -24.06 6.25 16.16
CA ALA C 402 -22.79 6.19 15.39
C ALA C 402 -23.00 6.91 14.05
N ILE C 403 -24.06 6.55 13.33
CA ILE C 403 -24.41 7.04 11.96
C ILE C 403 -24.33 8.58 11.88
N GLU C 404 -24.98 9.32 12.79
CA GLU C 404 -25.08 10.81 12.78
C GLU C 404 -23.68 11.45 12.80
N LYS C 405 -22.75 10.91 13.59
CA LYS C 405 -21.35 11.44 13.70
C LYS C 405 -20.56 10.98 12.47
N ILE C 406 -20.81 9.75 12.03
CA ILE C 406 -20.16 9.10 10.85
C ILE C 406 -20.53 9.87 9.57
N LYS C 407 -21.80 10.27 9.43
CA LYS C 407 -22.33 11.05 8.28
C LYS C 407 -21.56 12.36 8.14
N ASP C 408 -21.14 12.97 9.26
CA ASP C 408 -20.40 14.25 9.25
C ASP C 408 -18.92 14.02 8.97
N PHE C 409 -18.47 12.77 8.93
CA PHE C 409 -17.04 12.43 8.72
C PHE C 409 -16.71 12.47 7.23
N ARG C 410 -15.55 13.00 6.86
CA ARG C 410 -15.07 13.04 5.45
C ARG C 410 -14.62 11.64 5.04
N CYS C 411 -13.76 10.99 5.83
CA CYS C 411 -13.17 9.67 5.46
C CYS C 411 -12.99 8.78 6.70
N VAL C 412 -12.85 7.47 6.49
CA VAL C 412 -12.70 6.46 7.57
C VAL C 412 -11.42 5.64 7.34
N ILE C 413 -10.53 5.64 8.34
CA ILE C 413 -9.22 4.91 8.30
C ILE C 413 -9.27 3.71 9.24
N SER C 414 -8.87 2.53 8.75
CA SER C 414 -8.78 1.28 9.55
C SER C 414 -7.32 0.85 9.67
N THR C 415 -6.68 1.19 10.78
CA THR C 415 -5.27 0.83 11.08
C THR C 415 -5.21 -0.53 11.80
N SER C 416 -6.31 -1.31 11.74
CA SER C 416 -6.46 -2.67 12.34
C SER C 416 -5.30 -3.57 11.92
N GLN C 417 -4.74 -4.31 12.87
CA GLN C 417 -3.66 -5.31 12.62
C GLN C 417 -4.32 -6.63 12.20
N PHE C 418 -5.63 -6.78 12.47
CA PHE C 418 -6.45 -7.96 12.09
C PHE C 418 -7.96 -7.65 12.24
N GLU C 419 -8.79 -8.47 11.59
CA GLU C 419 -10.28 -8.40 11.60
C GLU C 419 -10.83 -9.65 10.91
N GLY C 420 -11.99 -10.12 11.35
CA GLY C 420 -12.63 -11.36 10.84
C GLY C 420 -13.33 -11.16 9.51
N GLN C 421 -14.06 -10.04 9.37
CA GLN C 421 -14.86 -9.72 8.16
C GLN C 421 -14.75 -8.23 7.81
N GLY C 422 -14.74 -7.35 8.81
CA GLY C 422 -14.56 -5.89 8.63
C GLY C 422 -15.88 -5.13 8.68
N LEU C 423 -16.69 -5.34 9.73
CA LEU C 423 -18.03 -4.72 9.92
C LEU C 423 -17.94 -3.19 9.87
N SER C 424 -16.95 -2.60 10.55
CA SER C 424 -16.75 -1.12 10.67
C SER C 424 -16.43 -0.51 9.30
N LEU C 425 -15.71 -1.24 8.42
CA LEU C 425 -15.38 -0.77 7.05
C LEU C 425 -16.63 -0.86 6.18
N ILE C 426 -17.27 -2.03 6.18
CA ILE C 426 -18.51 -2.36 5.39
C ILE C 426 -19.63 -1.37 5.69
N GLU C 427 -19.69 -0.80 6.91
CA GLU C 427 -20.77 0.12 7.35
C GLU C 427 -20.47 1.56 6.88
N ALA C 428 -19.24 2.06 7.07
CA ALA C 428 -18.83 3.43 6.68
C ALA C 428 -18.97 3.63 5.17
N MET C 429 -18.75 2.56 4.39
CA MET C 429 -18.95 2.61 2.92
C MET C 429 -20.44 2.73 2.64
N LEU C 430 -21.25 1.91 3.31
CA LEU C 430 -22.73 1.95 3.17
C LEU C 430 -23.24 3.33 3.61
N LEU C 431 -22.35 4.16 4.18
CA LEU C 431 -22.69 5.55 4.53
C LEU C 431 -21.98 6.49 3.56
N LYS C 432 -21.94 6.15 2.27
CA LYS C 432 -21.31 6.97 1.19
C LYS C 432 -20.08 7.71 1.73
N LYS C 433 -19.10 6.98 2.27
CA LYS C 433 -17.84 7.58 2.78
C LYS C 433 -16.65 6.78 2.22
N PRO C 434 -15.53 7.43 1.80
CA PRO C 434 -14.34 6.70 1.35
C PRO C 434 -13.63 5.98 2.50
N VAL C 435 -12.81 4.98 2.18
CA VAL C 435 -12.16 4.12 3.21
C VAL C 435 -10.68 3.94 2.87
N VAL C 436 -9.78 4.44 3.72
CA VAL C 436 -8.33 4.19 3.56
C VAL C 436 -7.92 3.18 4.64
N ALA C 437 -7.99 1.89 4.33
CA ALA C 437 -7.75 0.80 5.31
C ALA C 437 -6.46 0.05 4.96
N PHE C 438 -5.97 -0.77 5.88
CA PHE C 438 -4.75 -1.60 5.69
C PHE C 438 -5.16 -2.96 5.12
N ASP C 439 -4.42 -3.45 4.11
CA ASP C 439 -4.65 -4.82 3.57
C ASP C 439 -4.15 -5.80 4.64
N VAL C 440 -5.05 -6.25 5.52
CA VAL C 440 -4.64 -7.06 6.70
C VAL C 440 -5.69 -8.13 6.97
N LYS C 441 -5.26 -9.25 7.59
CA LYS C 441 -6.13 -10.39 7.97
C LYS C 441 -7.14 -10.64 6.86
N TYR C 442 -8.44 -10.64 7.20
CA TYR C 442 -9.53 -10.94 6.23
C TYR C 442 -10.57 -9.85 6.29
N GLY C 443 -10.15 -8.58 6.19
CA GLY C 443 -11.05 -7.41 6.33
C GLY C 443 -11.11 -6.57 5.06
N PRO C 444 -10.16 -5.64 4.87
CA PRO C 444 -10.20 -4.73 3.72
C PRO C 444 -9.74 -5.38 2.41
N SER C 445 -9.31 -6.64 2.48
CA SER C 445 -8.78 -7.40 1.32
C SER C 445 -9.79 -7.36 0.17
N ASP C 446 -11.03 -7.76 0.44
CA ASP C 446 -12.10 -7.82 -0.59
C ASP C 446 -13.05 -6.64 -0.40
N PHE C 447 -12.93 -5.91 0.71
CA PHE C 447 -13.84 -4.79 1.04
C PHE C 447 -13.47 -3.55 0.23
N VAL C 448 -12.28 -2.99 0.45
CA VAL C 448 -11.85 -1.71 -0.19
C VAL C 448 -11.34 -2.01 -1.60
N LYS C 449 -11.64 -1.13 -2.56
CA LYS C 449 -11.12 -1.24 -3.95
C LYS C 449 -10.29 0.03 -4.23
N ASP C 450 -8.97 -0.10 -4.26
CA ASP C 450 -8.04 1.06 -4.44
C ASP C 450 -8.47 1.86 -5.67
N GLY C 451 -8.83 3.14 -5.48
CA GLY C 451 -9.23 4.04 -6.55
C GLY C 451 -10.72 4.01 -6.82
N LYS C 452 -11.34 2.82 -6.84
CA LYS C 452 -12.78 2.66 -7.15
C LYS C 452 -13.63 3.19 -5.98
N ASN C 453 -13.41 2.70 -4.77
CA ASN C 453 -14.21 3.09 -3.58
C ASN C 453 -13.33 3.30 -2.35
N GLY C 454 -12.01 3.45 -2.52
CA GLY C 454 -11.12 3.72 -1.38
C GLY C 454 -9.64 3.70 -1.73
N TYR C 455 -8.82 3.22 -0.78
CA TYR C 455 -7.35 3.16 -0.88
C TYR C 455 -6.79 2.09 0.07
N LEU C 456 -6.71 0.85 -0.41
CA LEU C 456 -6.15 -0.32 0.32
C LEU C 456 -4.63 -0.17 0.40
N ILE C 457 -4.14 0.25 1.57
CA ILE C 457 -2.69 0.50 1.82
C ILE C 457 -2.07 -0.77 2.41
N GLU C 458 -0.82 -1.08 2.02
CA GLU C 458 -0.06 -2.22 2.58
C GLU C 458 0.23 -1.93 4.06
N ASN C 459 0.08 -2.93 4.93
CA ASN C 459 0.22 -2.77 6.40
C ASN C 459 1.57 -2.13 6.75
N LYS C 460 1.61 -1.33 7.82
CA LYS C 460 2.83 -0.64 8.31
C LYS C 460 3.39 0.25 7.19
N ASP C 461 2.55 1.08 6.57
CA ASP C 461 2.99 2.07 5.55
C ASP C 461 2.33 3.41 5.86
N ILE C 462 2.71 4.03 6.97
CA ILE C 462 2.19 5.35 7.43
C ILE C 462 2.13 6.29 6.21
N LYS C 463 3.24 6.43 5.49
CA LYS C 463 3.40 7.41 4.38
C LYS C 463 2.37 7.14 3.27
N LYS C 464 2.17 5.88 2.86
CA LYS C 464 1.19 5.52 1.81
C LYS C 464 -0.22 5.85 2.34
N MET C 465 -0.51 5.43 3.57
CA MET C 465 -1.83 5.60 4.26
C MET C 465 -2.15 7.09 4.44
N ALA C 466 -1.19 7.91 4.88
CA ALA C 466 -1.42 9.34 5.19
C ALA C 466 -1.70 10.13 3.90
N ASN C 467 -0.88 9.96 2.87
CA ASN C 467 -1.00 10.73 1.61
C ASN C 467 -2.36 10.47 0.98
N LYS C 468 -2.85 9.23 1.07
CA LYS C 468 -4.18 8.84 0.51
C LYS C 468 -5.26 9.56 1.30
N ILE C 469 -5.14 9.61 2.63
CA ILE C 469 -6.11 10.33 3.51
C ILE C 469 -6.09 11.81 3.12
N LEU C 470 -4.89 12.37 2.92
CA LEU C 470 -4.74 13.79 2.50
C LEU C 470 -5.45 14.00 1.16
N LYS C 471 -5.30 13.06 0.21
CA LYS C 471 -5.88 13.20 -1.14
C LYS C 471 -7.41 13.25 -1.04
N LEU C 472 -8.00 12.56 -0.05
CA LEU C 472 -9.48 12.48 0.08
C LEU C 472 -9.97 13.72 0.83
N LEU C 473 -9.12 14.31 1.68
CA LEU C 473 -9.47 15.53 2.46
C LEU C 473 -9.27 16.76 1.56
N HIS C 474 -8.27 16.71 0.67
CA HIS C 474 -7.94 17.85 -0.23
C HIS C 474 -8.73 17.73 -1.53
N ASP C 475 -9.75 16.85 -1.56
CA ASP C 475 -10.59 16.65 -2.77
C ASP C 475 -12.01 16.26 -2.33
N LYS C 476 -12.97 17.18 -2.51
CA LYS C 476 -14.39 17.01 -2.09
C LYS C 476 -15.13 16.06 -3.04
N GLU C 477 -14.91 16.18 -4.36
CA GLU C 477 -15.67 15.39 -5.38
C GLU C 477 -15.15 13.95 -5.46
N LEU C 478 -13.82 13.73 -5.46
CA LEU C 478 -13.25 12.36 -5.55
C LEU C 478 -13.71 11.53 -4.36
N SER C 479 -13.64 12.08 -3.14
CA SER C 479 -13.99 11.38 -1.87
C SER C 479 -15.51 11.10 -1.81
N LYS C 480 -16.35 11.99 -2.35
CA LYS C 480 -17.82 11.81 -2.41
C LYS C 480 -18.14 10.77 -3.48
N SER C 481 -17.35 10.70 -4.55
CA SER C 481 -17.55 9.78 -5.69
C SER C 481 -17.04 8.38 -5.35
N LEU C 482 -15.87 8.25 -4.73
CA LEU C 482 -15.31 6.95 -4.26
C LEU C 482 -16.29 6.38 -3.24
N GLY C 483 -16.64 7.19 -2.24
CA GLY C 483 -17.61 6.86 -1.19
C GLY C 483 -18.95 6.39 -1.74
N LYS C 484 -19.44 7.05 -2.79
CA LYS C 484 -20.73 6.72 -3.46
C LYS C 484 -20.65 5.30 -4.07
N HIS C 485 -19.49 4.91 -4.59
CA HIS C 485 -19.24 3.57 -5.19
C HIS C 485 -19.20 2.53 -4.06
N GLY C 486 -18.64 2.90 -2.90
CA GLY C 486 -18.57 2.06 -1.69
C GLY C 486 -19.94 1.59 -1.24
N ARG C 487 -20.93 2.49 -1.21
CA ARG C 487 -22.31 2.15 -0.80
C ARG C 487 -22.98 1.34 -1.92
N ASP C 488 -22.54 1.49 -3.16
CA ASP C 488 -23.12 0.72 -4.29
C ASP C 488 -22.41 -0.62 -4.42
N THR C 489 -21.37 -0.87 -3.61
CA THR C 489 -20.55 -2.11 -3.71
C THR C 489 -21.00 -3.14 -2.66
N ILE C 490 -21.05 -2.74 -1.39
CA ILE C 490 -21.37 -3.66 -0.26
C ILE C 490 -22.74 -4.30 -0.54
N ILE C 491 -23.69 -3.52 -1.06
CA ILE C 491 -25.05 -3.99 -1.42
C ILE C 491 -24.92 -5.17 -2.40
N ASP C 492 -24.01 -5.07 -3.38
CA ASP C 492 -23.86 -6.10 -4.44
C ASP C 492 -23.08 -7.30 -3.89
N MET C 493 -21.97 -7.07 -3.20
CA MET C 493 -21.09 -8.18 -2.72
C MET C 493 -21.85 -9.05 -1.72
N TYR C 494 -22.68 -8.44 -0.86
CA TYR C 494 -23.39 -9.18 0.22
C TYR C 494 -24.92 -9.08 0.03
N GLN C 495 -25.48 -10.00 -0.78
CA GLN C 495 -26.94 -10.06 -1.11
C GLN C 495 -27.64 -11.10 -0.25
N PRO C 496 -28.63 -10.69 0.60
CA PRO C 496 -29.34 -11.63 1.48
C PRO C 496 -29.97 -12.86 0.79
N GLU C 497 -30.74 -12.65 -0.28
CA GLU C 497 -31.46 -13.73 -1.03
C GLU C 497 -30.46 -14.74 -1.62
N LYS C 498 -29.27 -14.28 -2.04
CA LYS C 498 -28.21 -15.13 -2.63
C LYS C 498 -27.36 -15.79 -1.53
N LEU C 499 -27.16 -15.12 -0.39
CA LEU C 499 -26.42 -15.68 0.78
C LEU C 499 -27.24 -16.84 1.36
N MET C 500 -28.56 -16.66 1.38
CA MET C 500 -29.54 -17.69 1.85
C MET C 500 -29.42 -18.93 0.96
N VAL C 501 -29.14 -18.73 -0.33
CA VAL C 501 -28.95 -19.82 -1.34
C VAL C 501 -27.70 -20.63 -0.95
N LYS C 502 -26.59 -19.95 -0.58
CA LYS C 502 -25.35 -20.63 -0.11
C LYS C 502 -25.69 -21.46 1.13
N TRP C 503 -26.42 -20.88 2.09
CA TRP C 503 -26.88 -21.55 3.35
C TRP C 503 -27.74 -22.76 2.99
N LYS C 504 -28.71 -22.58 2.08
CA LYS C 504 -29.65 -23.65 1.65
C LYS C 504 -28.88 -24.78 0.94
N GLN C 505 -27.83 -24.46 0.19
CA GLN C 505 -27.00 -25.45 -0.56
C GLN C 505 -26.28 -26.37 0.43
N LEU C 506 -25.98 -25.86 1.63
CA LEU C 506 -25.31 -26.59 2.74
C LEU C 506 -26.32 -27.52 3.43
N PHE C 507 -27.58 -27.07 3.57
CA PHE C 507 -28.66 -27.82 4.25
C PHE C 507 -29.18 -28.92 3.31
N MET D 17 -1.01 -49.79 21.66
CA MET D 17 -1.16 -48.94 22.89
C MET D 17 -0.27 -47.69 22.80
N LYS D 18 0.94 -47.84 22.26
CA LYS D 18 1.95 -46.77 22.10
C LYS D 18 2.98 -47.25 21.07
N GLN D 19 3.24 -46.43 20.04
CA GLN D 19 4.22 -46.75 18.96
C GLN D 19 5.46 -45.87 19.12
N THR D 20 6.62 -46.48 19.30
CA THR D 20 7.89 -45.71 19.51
C THR D 20 8.62 -45.62 18.18
N TYR D 21 9.16 -44.44 17.86
CA TYR D 21 9.92 -44.19 16.61
C TYR D 21 11.32 -43.68 16.97
N MET D 22 12.31 -44.56 16.96
CA MET D 22 13.71 -44.19 17.28
C MET D 22 14.33 -43.47 16.06
N ILE D 23 15.17 -42.46 16.28
CA ILE D 23 15.70 -41.61 15.16
C ILE D 23 17.22 -41.69 15.08
N VAL D 24 17.77 -41.94 13.89
CA VAL D 24 19.23 -41.96 13.61
C VAL D 24 19.42 -41.69 12.12
N ASN D 25 20.55 -41.13 11.70
CA ASN D 25 20.76 -40.77 10.26
C ASN D 25 20.81 -42.05 9.42
N GLU D 26 21.67 -43.00 9.77
CA GLU D 26 21.78 -44.24 8.97
C GLU D 26 21.84 -45.50 9.84
N LEU D 27 21.57 -46.63 9.18
CA LEU D 27 21.61 -47.99 9.75
C LEU D 27 22.41 -48.86 8.77
N ASP D 28 23.37 -49.63 9.28
CA ASP D 28 24.24 -50.47 8.43
C ASP D 28 24.86 -51.57 9.29
N VAL D 29 25.50 -52.54 8.64
CA VAL D 29 26.32 -53.58 9.34
C VAL D 29 27.66 -52.95 9.68
N ASN D 30 28.53 -53.68 10.39
CA ASN D 30 29.86 -53.19 10.83
C ASN D 30 29.67 -51.90 11.66
N LYS D 31 28.61 -51.83 12.46
CA LYS D 31 28.33 -50.69 13.37
C LYS D 31 27.91 -51.25 14.72
N GLY D 32 28.66 -50.96 15.79
CA GLY D 32 28.47 -51.57 17.12
C GLY D 32 28.08 -50.57 18.19
N GLY D 33 27.74 -49.33 17.82
CA GLY D 33 27.47 -48.25 18.78
C GLY D 33 25.99 -48.00 18.97
N MET D 34 25.56 -46.76 18.69
CA MET D 34 24.14 -46.35 18.82
C MET D 34 23.25 -47.43 18.22
N THR D 35 23.51 -47.81 16.97
CA THR D 35 22.71 -48.79 16.21
C THR D 35 22.41 -50.01 17.11
N THR D 36 23.45 -50.68 17.63
CA THR D 36 23.25 -51.94 18.40
C THR D 36 22.31 -51.68 19.57
N ALA D 37 22.53 -50.65 20.38
CA ALA D 37 21.71 -50.39 21.59
C ALA D 37 20.30 -50.02 21.15
N MET D 38 20.16 -49.19 20.11
CA MET D 38 18.86 -48.77 19.55
C MET D 38 18.05 -49.99 19.11
N LEU D 39 18.71 -50.96 18.48
CA LEU D 39 18.10 -52.23 18.00
C LEU D 39 17.82 -53.14 19.20
N THR D 40 18.69 -53.13 20.22
CA THR D 40 18.52 -53.89 21.48
C THR D 40 17.31 -53.30 22.23
N ARG D 41 17.26 -51.97 22.38
CA ARG D 41 16.13 -51.21 22.99
C ARG D 41 14.83 -51.67 22.32
N SER D 42 14.82 -51.74 20.99
CA SER D 42 13.67 -52.17 20.14
C SER D 42 13.26 -53.62 20.42
N LYS D 43 14.20 -54.50 20.82
CA LYS D 43 13.89 -55.92 21.14
C LYS D 43 13.06 -55.97 22.43
N PHE D 44 13.58 -55.40 23.52
CA PHE D 44 12.93 -55.38 24.86
C PHE D 44 11.60 -54.64 24.78
N PHE D 45 11.54 -53.54 24.03
CA PHE D 45 10.32 -52.73 23.79
C PHE D 45 9.23 -53.63 23.21
N LEU D 46 9.52 -54.31 22.09
CA LEU D 46 8.57 -55.20 21.34
C LEU D 46 7.95 -56.22 22.31
N ASP D 47 8.76 -56.81 23.20
CA ASP D 47 8.35 -57.80 24.22
C ASP D 47 7.33 -57.14 25.17
N ASN D 48 7.60 -55.91 25.60
CA ASN D 48 6.73 -55.17 26.57
C ASN D 48 5.63 -54.41 25.81
N GLU D 49 5.03 -55.06 24.80
CA GLU D 49 3.89 -54.60 23.95
C GLU D 49 4.04 -53.16 23.46
N ILE D 50 5.25 -52.73 23.08
CA ILE D 50 5.50 -51.39 22.47
C ILE D 50 6.42 -51.56 21.25
N SER D 51 5.97 -51.12 20.07
CA SER D 51 6.74 -51.20 18.80
C SER D 51 7.98 -50.29 18.88
N GLY D 52 9.12 -50.78 18.41
CA GLY D 52 10.40 -50.05 18.44
C GLY D 52 10.94 -49.75 17.05
N ASP D 53 10.08 -49.23 16.16
CA ASP D 53 10.44 -48.92 14.74
C ASP D 53 11.55 -47.86 14.69
N ILE D 54 12.36 -47.88 13.61
CA ILE D 54 13.52 -46.97 13.41
C ILE D 54 13.21 -45.96 12.27
N ILE D 55 13.81 -44.78 12.35
CA ILE D 55 13.70 -43.71 11.31
C ILE D 55 15.13 -43.30 10.92
N THR D 56 15.46 -43.53 9.65
CA THR D 56 16.76 -43.15 9.01
C THR D 56 16.46 -42.11 7.95
N PHE D 57 17.47 -41.36 7.48
CA PHE D 57 17.27 -40.25 6.50
C PHE D 57 18.17 -40.34 5.27
N ASP D 58 19.04 -41.34 5.16
CA ASP D 58 20.01 -41.41 4.05
C ASP D 58 19.41 -42.21 2.89
N PHE D 59 20.09 -42.18 1.75
CA PHE D 59 19.71 -43.00 0.57
C PHE D 59 20.68 -44.16 0.42
N LYS D 60 20.11 -45.36 0.46
CA LYS D 60 20.77 -46.63 0.12
C LYS D 60 19.80 -47.38 -0.79
N ALA D 61 20.21 -47.63 -2.04
CA ALA D 61 19.42 -48.36 -3.05
C ALA D 61 19.10 -49.76 -2.52
N ASN D 62 20.07 -50.34 -1.79
CA ASN D 62 20.06 -51.73 -1.25
C ASN D 62 19.67 -51.78 0.24
N TYR D 63 18.99 -50.76 0.77
CA TYR D 63 18.59 -50.73 2.20
C TYR D 63 17.90 -52.05 2.58
N LYS D 64 17.17 -52.66 1.64
CA LYS D 64 16.43 -53.94 1.80
C LYS D 64 17.40 -55.09 2.14
N ASP D 65 18.49 -55.21 1.38
CA ASP D 65 19.53 -56.25 1.61
C ASP D 65 20.24 -55.99 2.93
N ILE D 66 20.55 -54.72 3.24
CA ILE D 66 21.24 -54.30 4.51
C ILE D 66 20.37 -54.70 5.71
N LEU D 67 19.05 -54.50 5.64
CA LEU D 67 18.15 -54.81 6.80
C LEU D 67 18.01 -56.32 6.96
N LYS D 68 18.00 -57.11 5.87
CA LYS D 68 17.79 -58.58 5.94
C LYS D 68 19.01 -59.21 6.62
N GLU D 69 20.21 -58.65 6.40
CA GLU D 69 21.47 -59.17 6.99
C GLU D 69 21.40 -59.00 8.51
N LEU D 70 20.87 -57.87 8.98
CA LEU D 70 20.75 -57.58 10.43
C LEU D 70 19.76 -58.56 11.06
N VAL D 71 18.62 -58.81 10.41
CA VAL D 71 17.58 -59.73 10.94
C VAL D 71 18.17 -61.16 10.95
N GLN D 72 18.96 -61.53 9.94
CA GLN D 72 19.63 -62.88 9.85
C GLN D 72 20.73 -63.00 10.91
N SER D 73 21.53 -61.95 11.13
CA SER D 73 22.64 -61.94 12.11
C SER D 73 22.13 -61.79 13.55
N LYS D 74 20.80 -61.85 13.74
CA LYS D 74 20.07 -61.76 15.04
C LYS D 74 20.33 -60.40 15.72
N LYS D 75 20.95 -59.44 15.04
CA LYS D 75 21.26 -58.08 15.57
C LYS D 75 20.01 -57.18 15.45
N MET D 76 18.99 -57.62 14.71
CA MET D 76 17.73 -56.86 14.52
C MET D 76 16.53 -57.82 14.56
N ASP D 77 15.45 -57.38 15.19
CA ASP D 77 14.18 -58.14 15.34
C ASP D 77 13.36 -57.99 14.06
N LYS D 78 12.78 -59.09 13.57
CA LYS D 78 11.93 -59.14 12.35
C LYS D 78 10.70 -58.23 12.52
N ARG D 79 10.26 -57.98 13.75
CA ARG D 79 9.09 -57.12 14.05
C ARG D 79 9.50 -55.65 14.04
N THR D 80 10.79 -55.34 14.17
CA THR D 80 11.30 -53.95 14.10
C THR D 80 11.39 -53.54 12.63
N GLN D 81 10.72 -52.45 12.24
CA GLN D 81 10.75 -51.93 10.86
C GLN D 81 11.56 -50.65 10.83
N MET D 82 12.07 -50.27 9.65
CA MET D 82 12.86 -49.03 9.49
C MET D 82 12.17 -48.14 8.47
N HIS D 83 11.79 -46.92 8.89
CA HIS D 83 11.17 -45.92 8.00
C HIS D 83 12.26 -45.01 7.45
N ASN D 84 12.16 -44.65 6.18
CA ASN D 84 13.18 -43.84 5.46
C ASN D 84 12.46 -42.96 4.45
N PRO D 85 12.86 -41.67 4.24
CA PRO D 85 12.13 -40.80 3.31
C PRO D 85 12.32 -41.18 1.83
N PHE D 86 13.36 -41.93 1.50
CA PHE D 86 13.56 -42.39 0.10
C PHE D 86 12.61 -43.55 -0.15
N ILE D 87 12.33 -44.38 0.87
CA ILE D 87 11.38 -45.52 0.76
C ILE D 87 9.94 -44.96 0.78
N TYR D 88 9.63 -44.09 1.75
CA TYR D 88 8.28 -43.47 1.95
C TYR D 88 7.82 -42.80 0.65
N PHE D 89 8.54 -41.79 0.16
CA PHE D 89 8.13 -40.99 -1.03
C PHE D 89 8.33 -41.78 -2.33
N LYS D 90 9.05 -42.91 -2.35
CA LYS D 90 9.14 -43.75 -3.56
C LYS D 90 7.84 -44.54 -3.67
N ASN D 91 7.38 -45.06 -2.54
CA ASN D 91 6.13 -45.86 -2.39
C ASN D 91 4.90 -45.02 -2.75
N ILE D 92 4.92 -43.73 -2.40
CA ILE D 92 3.81 -42.76 -2.65
C ILE D 92 3.82 -42.35 -4.14
N SER D 93 4.98 -41.98 -4.69
CA SER D 93 5.15 -41.58 -6.12
C SER D 93 4.82 -42.74 -7.06
N ASN D 94 5.11 -43.98 -6.62
CA ASN D 94 4.90 -45.25 -7.37
C ASN D 94 3.43 -45.47 -7.73
N LEU D 95 2.51 -44.82 -7.00
CA LEU D 95 1.04 -45.01 -7.13
C LEU D 95 0.49 -44.25 -8.34
N GLN D 96 1.02 -43.06 -8.61
CA GLN D 96 0.49 -42.08 -9.61
C GLN D 96 0.80 -42.52 -11.07
N HIS D 97 1.47 -43.66 -11.28
CA HIS D 97 1.75 -44.17 -12.65
C HIS D 97 1.55 -45.69 -12.71
N LYS D 98 1.28 -46.22 -13.90
CA LYS D 98 0.97 -47.66 -14.11
C LYS D 98 2.12 -48.35 -14.85
N LYS D 99 2.57 -47.79 -15.98
CA LYS D 99 3.60 -48.43 -16.85
C LYS D 99 4.98 -47.79 -16.60
N TYR D 100 6.04 -48.59 -16.73
CA TYR D 100 7.43 -48.11 -16.57
C TYR D 100 7.72 -47.13 -17.71
N ASN D 101 8.23 -45.96 -17.36
CA ASN D 101 8.55 -44.91 -18.34
C ASN D 101 10.05 -44.94 -18.57
N TYR D 102 10.43 -45.35 -19.79
CA TYR D 102 11.83 -45.53 -20.25
C TYR D 102 12.41 -44.20 -20.75
N THR D 103 11.70 -43.08 -20.57
CA THR D 103 12.12 -41.71 -21.02
C THR D 103 13.61 -41.50 -20.73
N MET D 104 14.06 -41.71 -19.48
CA MET D 104 15.47 -41.51 -19.05
C MET D 104 16.39 -42.47 -19.83
N THR D 105 16.03 -43.75 -19.94
CA THR D 105 16.84 -44.78 -20.65
C THR D 105 16.83 -44.49 -22.16
N ARG D 106 15.71 -44.02 -22.70
CA ARG D 106 15.56 -43.66 -24.14
C ARG D 106 16.45 -42.45 -24.40
N ASN D 107 16.53 -41.52 -23.45
CA ASN D 107 17.38 -40.31 -23.55
C ASN D 107 18.85 -40.74 -23.61
N LEU D 108 19.26 -41.70 -22.77
CA LEU D 108 20.68 -42.15 -22.69
C LEU D 108 21.01 -43.00 -23.92
N SER D 109 20.02 -43.71 -24.48
CA SER D 109 20.18 -44.52 -25.71
C SER D 109 20.34 -43.57 -26.90
N ASN D 110 19.79 -42.35 -26.81
CA ASN D 110 19.81 -41.30 -27.85
C ASN D 110 21.17 -40.58 -27.88
N LEU D 111 21.89 -40.57 -26.75
CA LEU D 111 23.21 -39.91 -26.60
C LEU D 111 24.29 -40.85 -27.16
N LEU D 112 24.21 -42.13 -26.77
CA LEU D 112 25.17 -43.20 -27.16
C LEU D 112 24.74 -43.86 -28.48
N LYS D 113 23.90 -43.18 -29.28
CA LYS D 113 23.26 -43.70 -30.53
C LYS D 113 24.29 -44.14 -31.58
N ASP D 114 25.09 -43.23 -32.12
CA ASP D 114 26.08 -43.53 -33.21
C ASP D 114 27.50 -43.36 -32.66
N SER D 115 27.77 -43.97 -31.50
CA SER D 115 29.09 -43.97 -30.81
C SER D 115 29.60 -45.41 -30.69
N VAL D 116 30.89 -45.63 -30.96
CA VAL D 116 31.54 -46.97 -30.90
C VAL D 116 31.75 -47.34 -29.43
N GLU D 117 31.62 -48.63 -29.10
CA GLU D 117 31.77 -49.15 -27.71
C GLU D 117 33.21 -49.67 -27.51
N ILE D 118 34.07 -48.86 -26.89
CA ILE D 118 35.48 -49.22 -26.58
C ILE D 118 35.48 -50.14 -25.36
N LYS D 119 35.28 -51.44 -25.57
CA LYS D 119 35.20 -52.47 -24.50
C LYS D 119 36.62 -52.74 -23.96
N GLU D 120 37.02 -52.02 -22.91
CA GLU D 120 38.35 -52.16 -22.23
C GLU D 120 38.41 -53.53 -21.51
N ASN D 121 37.54 -53.75 -20.53
CA ASN D 121 37.44 -55.03 -19.77
C ASN D 121 36.03 -55.63 -19.99
N SER D 122 35.75 -56.77 -19.35
CA SER D 122 34.41 -57.40 -19.33
C SER D 122 33.45 -56.57 -18.47
N ARG D 123 34.00 -55.66 -17.65
CA ARG D 123 33.24 -54.79 -16.70
C ARG D 123 33.23 -53.34 -17.18
N ILE D 124 34.39 -52.78 -17.57
CA ILE D 124 34.54 -51.33 -17.91
C ILE D 124 34.52 -51.11 -19.44
N SER D 125 34.01 -49.95 -19.89
CA SER D 125 33.83 -49.56 -21.32
C SER D 125 33.76 -48.03 -21.49
N ARG D 126 33.88 -47.57 -22.74
CA ARG D 126 33.81 -46.12 -23.11
C ARG D 126 33.05 -45.94 -24.43
N PHE D 127 32.40 -44.79 -24.61
CA PHE D 127 31.61 -44.48 -25.82
C PHE D 127 32.15 -43.21 -26.48
N PHE D 128 32.48 -43.29 -27.77
CA PHE D 128 33.07 -42.18 -28.56
C PHE D 128 32.23 -41.92 -29.81
N ASN D 129 31.64 -40.73 -29.92
CA ASN D 129 30.85 -40.32 -31.12
C ASN D 129 31.83 -39.83 -32.19
N ILE D 130 31.86 -40.51 -33.34
CA ILE D 130 32.84 -40.23 -34.44
C ILE D 130 32.52 -38.86 -35.05
N MET D 131 31.25 -38.42 -35.03
CA MET D 131 30.84 -37.10 -35.56
C MET D 131 31.29 -36.00 -34.58
N SER D 132 31.24 -36.28 -33.28
CA SER D 132 31.60 -35.29 -32.23
C SER D 132 33.11 -35.35 -31.95
N ARG D 133 33.77 -36.45 -32.31
CA ARG D 133 35.23 -36.66 -32.09
C ARG D 133 35.59 -36.33 -30.64
N GLU D 134 34.79 -36.80 -29.69
CA GLU D 134 35.03 -36.59 -28.23
C GLU D 134 34.48 -37.79 -27.45
N TYR D 135 35.07 -38.08 -26.30
CA TYR D 135 34.64 -39.17 -25.39
C TYR D 135 33.27 -38.77 -24.80
N LEU D 136 32.20 -39.46 -25.21
CA LEU D 136 30.80 -39.16 -24.79
C LEU D 136 30.52 -39.64 -23.37
N ALA D 137 30.93 -40.86 -22.99
CA ALA D 137 30.64 -41.50 -21.66
C ALA D 137 31.50 -42.74 -21.36
N TYR D 138 31.51 -43.15 -20.08
CA TYR D 138 32.21 -44.35 -19.51
C TYR D 138 31.18 -45.27 -18.85
N LYS D 139 31.23 -46.58 -19.11
CA LYS D 139 30.24 -47.55 -18.54
C LYS D 139 30.93 -48.62 -17.67
N ARG D 140 30.61 -48.63 -16.38
CA ARG D 140 31.06 -49.65 -15.39
C ARG D 140 29.90 -50.60 -15.12
N GLU D 141 30.04 -51.87 -15.50
CA GLU D 141 28.96 -52.88 -15.29
C GLU D 141 29.47 -53.96 -14.33
N THR D 142 28.86 -54.07 -13.16
CA THR D 142 29.20 -55.15 -12.19
C THR D 142 28.03 -56.13 -12.11
N GLU D 143 28.06 -57.06 -11.15
CA GLU D 143 27.05 -58.13 -11.01
C GLU D 143 25.63 -57.55 -10.86
N GLN D 144 25.47 -56.36 -10.27
CA GLN D 144 24.13 -55.82 -9.97
C GLN D 144 24.02 -54.32 -10.28
N GLU D 145 25.13 -53.64 -10.59
CA GLU D 145 25.10 -52.16 -10.77
C GLU D 145 25.70 -51.78 -12.13
N THR D 146 25.02 -50.91 -12.87
CA THR D 146 25.53 -50.38 -14.16
C THR D 146 25.67 -48.85 -14.04
N ILE D 147 26.90 -48.36 -13.95
CA ILE D 147 27.18 -46.91 -13.74
C ILE D 147 27.59 -46.29 -15.08
N PHE D 148 26.98 -45.15 -15.44
CA PHE D 148 27.28 -44.36 -16.66
C PHE D 148 27.81 -42.98 -16.27
N ASP D 149 29.10 -42.72 -16.50
CA ASP D 149 29.69 -41.39 -16.26
C ASP D 149 29.72 -40.69 -17.62
N LEU D 150 28.94 -39.62 -17.77
CA LEU D 150 28.80 -38.86 -19.05
C LEU D 150 29.79 -37.68 -19.07
N PHE D 151 30.44 -37.46 -20.21
CA PHE D 151 31.49 -36.42 -20.40
C PHE D 151 31.12 -35.43 -21.52
N LYS D 152 31.68 -34.22 -21.39
CA LYS D 152 31.59 -33.10 -22.38
C LYS D 152 32.88 -32.28 -22.26
N ASN D 153 33.66 -32.23 -23.35
CA ASN D 153 35.01 -31.57 -23.44
C ASN D 153 35.94 -32.22 -22.41
N ASN D 154 35.96 -33.57 -22.36
CA ASN D 154 36.79 -34.41 -21.45
C ASN D 154 36.53 -34.00 -20.00
N LEU D 155 35.28 -33.70 -19.64
CA LEU D 155 34.87 -33.29 -18.27
C LEU D 155 33.56 -33.97 -17.91
N ARG D 156 33.48 -34.54 -16.71
CA ARG D 156 32.27 -35.25 -16.26
C ARG D 156 31.22 -34.24 -15.76
N TYR D 157 30.00 -34.37 -16.28
CA TYR D 157 28.85 -33.51 -15.94
C TYR D 157 27.72 -34.33 -15.31
N LYS D 158 27.67 -35.65 -15.59
CA LYS D 158 26.58 -36.52 -15.08
C LYS D 158 27.10 -37.93 -14.75
N ARG D 159 26.33 -38.65 -13.91
CA ARG D 159 26.54 -40.06 -13.51
C ARG D 159 25.18 -40.73 -13.41
N ILE D 160 24.98 -41.85 -14.12
CA ILE D 160 23.68 -42.56 -14.14
C ILE D 160 23.84 -43.90 -13.42
N TYR D 161 23.11 -44.11 -12.31
CA TYR D 161 23.16 -45.37 -11.53
C TYR D 161 22.04 -46.31 -11.98
N PHE D 162 22.38 -47.59 -12.17
CA PHE D 162 21.39 -48.64 -12.54
C PHE D 162 21.52 -49.78 -11.52
N TYR D 163 20.45 -50.08 -10.80
CA TYR D 163 20.42 -51.17 -9.79
C TYR D 163 19.16 -52.01 -10.01
N LYS D 164 19.33 -53.33 -10.09
CA LYS D 164 18.22 -54.31 -10.29
C LYS D 164 17.50 -54.01 -11.61
N GLY D 165 18.22 -53.48 -12.61
CA GLY D 165 17.73 -53.32 -13.98
C GLY D 165 17.19 -51.93 -14.27
N LYS D 166 16.80 -51.17 -13.25
CA LYS D 166 16.18 -49.84 -13.47
C LYS D 166 17.12 -48.72 -13.01
N ILE D 167 16.94 -47.53 -13.61
CA ILE D 167 17.59 -46.27 -13.19
C ILE D 167 17.10 -46.02 -11.75
N VAL D 168 18.01 -45.73 -10.83
CA VAL D 168 17.64 -45.56 -9.41
C VAL D 168 18.01 -44.15 -8.93
N LYS D 169 19.06 -43.55 -9.52
CA LYS D 169 19.63 -42.23 -9.09
C LYS D 169 20.53 -41.66 -10.19
N THR D 170 20.53 -40.34 -10.33
CA THR D 170 21.50 -39.63 -11.20
C THR D 170 22.18 -38.56 -10.36
N GLU D 171 23.46 -38.31 -10.65
CA GLU D 171 24.32 -37.30 -9.96
C GLU D 171 24.81 -36.29 -11.00
N VAL D 172 24.76 -35.00 -10.68
CA VAL D 172 25.25 -33.91 -11.58
C VAL D 172 26.52 -33.28 -10.97
N PHE D 173 27.54 -33.07 -11.81
CA PHE D 173 28.85 -32.49 -11.40
C PHE D 173 29.15 -31.20 -12.18
N ASN D 174 30.18 -30.48 -11.74
CA ASN D 174 30.61 -29.19 -12.35
C ASN D 174 31.96 -29.38 -13.05
N SER D 175 32.69 -28.28 -13.26
CA SER D 175 34.02 -28.28 -13.91
C SER D 175 35.05 -28.99 -13.02
N ASP D 176 34.96 -28.80 -11.70
CA ASP D 176 35.92 -29.40 -10.74
C ASP D 176 35.43 -30.81 -10.37
N ASN D 177 34.41 -31.33 -11.06
CA ASN D 177 33.84 -32.68 -10.84
C ASN D 177 33.36 -32.80 -9.39
N ASN D 178 32.70 -31.77 -8.85
CA ASN D 178 32.11 -31.83 -7.49
C ASN D 178 30.60 -31.97 -7.62
N LEU D 179 30.00 -32.87 -6.84
CA LEU D 179 28.54 -33.13 -6.88
C LEU D 179 27.79 -31.84 -6.54
N ILE D 180 26.91 -31.38 -7.44
CA ILE D 180 26.13 -30.14 -7.21
C ILE D 180 24.64 -30.49 -7.08
N ALA D 181 24.19 -31.56 -7.74
CA ALA D 181 22.77 -32.01 -7.66
C ALA D 181 22.65 -33.54 -7.71
N GLU D 182 21.67 -34.07 -6.97
CA GLU D 182 21.28 -35.50 -6.86
C GLU D 182 19.80 -35.64 -7.24
N GLN D 183 19.46 -36.61 -8.09
CA GLN D 183 18.06 -36.90 -8.54
C GLN D 183 17.70 -38.36 -8.23
N PHE D 184 16.54 -38.58 -7.60
CA PHE D 184 16.10 -39.93 -7.16
C PHE D 184 14.87 -40.34 -7.97
N TYR D 185 14.92 -41.52 -8.58
CA TYR D 185 13.85 -42.03 -9.48
C TYR D 185 13.02 -43.13 -8.80
N ASP D 186 11.69 -43.05 -8.93
CA ASP D 186 10.74 -44.05 -8.36
C ASP D 186 10.77 -45.33 -9.21
N ASP D 187 9.92 -46.31 -8.87
CA ASP D 187 9.95 -47.65 -9.51
C ASP D 187 9.25 -47.65 -10.86
N ASN D 188 8.71 -46.52 -11.31
CA ASN D 188 8.08 -46.39 -12.67
C ASN D 188 8.97 -45.54 -13.58
N GLY D 189 10.21 -45.25 -13.14
CA GLY D 189 11.24 -44.50 -13.88
C GLY D 189 11.05 -42.99 -13.81
N TYR D 190 10.24 -42.49 -12.88
CA TYR D 190 9.91 -41.05 -12.76
C TYR D 190 10.71 -40.39 -11.65
N LEU D 191 11.17 -39.17 -11.89
CA LEU D 191 11.91 -38.35 -10.89
C LEU D 191 10.93 -37.94 -9.80
N TYR D 192 11.15 -38.34 -8.56
CA TYR D 192 10.26 -38.01 -7.42
C TYR D 192 10.93 -37.06 -6.43
N LEU D 193 12.27 -37.03 -6.40
CA LEU D 193 13.02 -36.16 -5.47
C LEU D 193 14.33 -35.70 -6.13
N TYR D 194 14.64 -34.41 -6.05
CA TYR D 194 15.93 -33.88 -6.55
C TYR D 194 16.43 -32.78 -5.60
N ARG D 195 17.67 -32.88 -5.13
CA ARG D 195 18.22 -31.93 -4.13
C ARG D 195 19.49 -31.28 -4.68
N GLN D 196 19.76 -30.04 -4.26
CA GLN D 196 21.02 -29.34 -4.60
C GLN D 196 22.05 -29.67 -3.51
N ILE D 197 23.34 -29.65 -3.85
CA ILE D 197 24.44 -29.93 -2.90
C ILE D 197 25.49 -28.83 -3.06
N ASN D 198 25.89 -28.17 -1.97
CA ASN D 198 26.97 -27.15 -2.01
C ASN D 198 28.23 -27.86 -2.50
N PRO D 199 28.86 -27.41 -3.61
CA PRO D 199 30.00 -28.11 -4.21
C PRO D 199 31.15 -28.40 -3.24
N GLU D 200 31.85 -27.37 -2.77
CA GLU D 200 33.05 -27.51 -1.90
C GLU D 200 32.61 -27.90 -0.48
N LYS D 201 31.50 -27.34 0.01
CA LYS D 201 31.03 -27.59 1.40
C LYS D 201 30.50 -29.03 1.51
N LYS D 202 30.24 -29.69 0.38
CA LYS D 202 29.70 -31.08 0.34
C LYS D 202 28.45 -31.15 1.22
N SER D 203 27.73 -30.04 1.38
CA SER D 203 26.52 -29.95 2.25
C SER D 203 25.22 -29.97 1.43
N ILE D 204 24.21 -30.69 1.93
CA ILE D 204 22.85 -30.83 1.32
C ILE D 204 22.12 -29.49 1.45
N GLY D 205 21.67 -28.94 0.32
CA GLY D 205 20.93 -27.67 0.26
C GLY D 205 19.49 -27.85 -0.22
N LYS D 206 19.05 -26.96 -1.11
CA LYS D 206 17.67 -26.87 -1.66
C LYS D 206 17.20 -28.23 -2.20
N THR D 207 16.23 -28.84 -1.53
CA THR D 207 15.58 -30.13 -1.89
C THR D 207 14.23 -29.85 -2.55
N TYR D 208 13.87 -30.63 -3.57
CA TYR D 208 12.58 -30.48 -4.29
C TYR D 208 11.86 -31.83 -4.32
N LEU D 209 10.69 -31.93 -3.68
CA LEU D 209 9.85 -33.16 -3.75
C LEU D 209 8.83 -32.99 -4.89
N VAL D 210 8.96 -33.75 -5.96
CA VAL D 210 8.14 -33.56 -7.20
C VAL D 210 6.71 -34.04 -6.93
N CYS D 211 6.54 -35.16 -6.23
CA CYS D 211 5.22 -35.79 -5.96
C CYS D 211 4.23 -34.73 -5.43
N LYS D 212 4.67 -33.91 -4.47
CA LYS D 212 3.81 -32.87 -3.83
C LYS D 212 4.15 -31.50 -4.41
N GLU D 213 4.97 -31.45 -5.46
CA GLU D 213 5.45 -30.19 -6.12
C GLU D 213 6.03 -29.20 -5.08
N LYS D 214 6.48 -29.71 -3.92
CA LYS D 214 7.04 -28.89 -2.80
C LYS D 214 8.56 -28.72 -2.92
N GLN D 215 9.06 -27.59 -2.41
CA GLN D 215 10.51 -27.26 -2.30
C GLN D 215 10.87 -27.11 -0.82
N PHE D 216 12.07 -27.54 -0.45
CA PHE D 216 12.61 -27.42 0.94
C PHE D 216 13.97 -26.72 0.88
N LYS D 217 14.31 -25.96 1.93
CA LYS D 217 15.54 -25.12 1.94
C LYS D 217 16.77 -26.00 2.16
N ASN D 218 16.67 -27.02 3.03
CA ASN D 218 17.78 -27.94 3.43
C ASN D 218 17.23 -29.36 3.67
N ASN D 219 18.09 -30.29 4.10
CA ASN D 219 17.66 -31.68 4.43
C ASN D 219 16.83 -31.66 5.71
N VAL D 220 17.26 -30.87 6.71
CA VAL D 220 16.58 -30.68 8.02
C VAL D 220 15.09 -30.40 7.78
N GLU D 221 14.78 -29.36 7.00
CA GLU D 221 13.40 -28.92 6.64
C GLU D 221 12.64 -30.07 5.94
N PHE D 222 13.29 -30.79 5.03
CA PHE D 222 12.68 -31.90 4.26
C PHE D 222 12.33 -33.06 5.20
N CYS D 223 13.28 -33.51 6.02
CA CYS D 223 13.11 -34.67 6.94
C CYS D 223 12.04 -34.36 7.99
N SER D 224 11.90 -33.10 8.42
CA SER D 224 10.84 -32.65 9.37
C SER D 224 9.46 -32.84 8.72
N TYR D 225 9.35 -32.54 7.42
CA TYR D 225 8.11 -32.73 6.62
C TYR D 225 7.81 -34.23 6.54
N PHE D 226 8.85 -35.05 6.36
CA PHE D 226 8.73 -36.53 6.29
C PHE D 226 8.23 -37.08 7.63
N LEU D 227 8.68 -36.54 8.77
CA LEU D 227 8.25 -37.01 10.12
C LEU D 227 6.79 -36.59 10.37
N ASP D 228 6.36 -35.46 9.82
CA ASP D 228 4.97 -34.95 10.00
C ASP D 228 4.00 -35.85 9.23
N LYS D 229 4.45 -36.47 8.15
CA LYS D 229 3.59 -37.31 7.28
C LYS D 229 3.65 -38.77 7.75
N LEU D 230 4.80 -39.22 8.25
CA LEU D 230 4.99 -40.62 8.69
C LEU D 230 4.37 -40.83 10.07
N ILE D 231 4.78 -40.05 11.06
CA ILE D 231 4.30 -40.18 12.46
C ILE D 231 2.97 -39.44 12.58
N PRO D 232 1.84 -40.13 12.83
CA PRO D 232 0.56 -39.45 13.07
C PRO D 232 0.65 -38.69 14.39
N ASP D 233 0.22 -37.43 14.42
CA ASP D 233 0.34 -36.57 15.63
C ASP D 233 -0.66 -37.05 16.69
N ILE D 234 -0.29 -38.07 17.47
CA ILE D 234 -1.14 -38.62 18.57
C ILE D 234 -0.29 -38.74 19.83
N ASN D 235 -0.89 -38.51 21.00
CA ASN D 235 -0.20 -38.62 22.32
C ASN D 235 0.34 -40.04 22.50
N ASP D 236 -0.19 -41.00 21.71
CA ASP D 236 0.23 -42.42 21.78
C ASP D 236 1.57 -42.62 21.07
N ASN D 237 1.81 -41.91 19.97
CA ASN D 237 3.03 -42.04 19.12
C ASN D 237 4.19 -41.22 19.71
N ILE D 238 5.24 -41.89 20.21
CA ILE D 238 6.39 -41.24 20.89
C ILE D 238 7.66 -41.29 20.02
N ILE D 239 8.37 -40.16 19.90
CA ILE D 239 9.62 -40.02 19.10
C ILE D 239 10.83 -40.00 20.05
N ILE D 240 11.80 -40.89 19.83
CA ILE D 240 13.04 -40.99 20.65
C ILE D 240 14.24 -40.66 19.76
N CYS D 241 14.78 -39.45 19.88
CA CYS D 241 15.93 -39.01 19.06
C CYS D 241 17.23 -39.54 19.68
N ASP D 242 17.81 -40.59 19.10
CA ASP D 242 19.09 -41.17 19.61
C ASP D 242 20.28 -40.52 18.90
N GLY D 243 20.16 -40.27 17.60
CA GLY D 243 21.22 -39.65 16.78
C GLY D 243 21.37 -38.17 17.11
N PRO D 244 22.56 -37.71 17.59
CA PRO D 244 22.73 -36.31 17.98
C PRO D 244 22.47 -35.28 16.86
N GLY D 245 23.04 -35.51 15.66
CA GLY D 245 22.88 -34.63 14.49
C GLY D 245 21.54 -34.81 13.79
N SER D 246 20.73 -35.77 14.23
CA SER D 246 19.38 -36.03 13.69
C SER D 246 18.36 -35.15 14.43
N PHE D 247 18.76 -34.58 15.57
CA PHE D 247 17.89 -33.76 16.46
C PHE D 247 17.28 -32.55 15.73
N PRO D 248 18.00 -31.72 14.93
CA PRO D 248 17.36 -30.58 14.26
C PRO D 248 16.05 -30.97 13.57
N LYS D 249 16.10 -32.09 12.82
CA LYS D 249 14.97 -32.67 12.04
C LYS D 249 13.81 -33.06 12.98
N ILE D 250 14.09 -33.36 14.25
CA ILE D 250 13.07 -33.81 15.24
C ILE D 250 12.63 -32.64 16.12
N LEU D 251 13.49 -31.65 16.37
CA LEU D 251 13.21 -30.47 17.22
C LEU D 251 12.20 -29.55 16.53
N LYS D 252 12.39 -29.29 15.23
CA LYS D 252 11.55 -28.36 14.45
C LYS D 252 10.55 -29.15 13.59
N THR D 253 9.52 -29.73 14.21
CA THR D 253 8.42 -30.46 13.52
C THR D 253 7.07 -29.81 13.85
N ASN D 254 6.04 -30.17 13.09
CA ASN D 254 4.68 -29.60 13.21
C ASN D 254 3.87 -30.36 14.28
N HIS D 255 4.48 -31.36 14.93
CA HIS D 255 3.82 -32.20 15.97
C HIS D 255 3.57 -31.39 17.25
N LYS D 256 2.44 -31.69 17.91
CA LYS D 256 2.01 -31.07 19.19
C LYS D 256 1.58 -32.16 20.18
N ASN D 257 0.82 -33.16 19.71
CA ASN D 257 0.28 -34.31 20.50
C ASN D 257 1.35 -35.39 20.70
N VAL D 258 2.20 -35.65 19.70
CA VAL D 258 3.28 -36.69 19.74
C VAL D 258 4.40 -36.25 20.70
N LYS D 259 4.80 -37.15 21.62
CA LYS D 259 5.84 -36.91 22.65
C LYS D 259 7.25 -37.08 22.05
N LYS D 260 8.21 -36.25 22.46
CA LYS D 260 9.59 -36.30 21.90
C LYS D 260 10.67 -36.27 23.00
N PHE D 261 11.41 -37.37 23.11
CA PHE D 261 12.55 -37.54 24.04
C PHE D 261 13.85 -37.64 23.25
N ALA D 262 14.98 -37.35 23.89
CA ALA D 262 16.32 -37.42 23.29
C ALA D 262 17.24 -38.18 24.26
N VAL D 263 18.14 -39.00 23.74
CA VAL D 263 19.11 -39.70 24.62
C VAL D 263 20.54 -39.37 24.21
N ILE D 264 21.30 -38.84 25.17
CA ILE D 264 22.74 -38.50 25.05
C ILE D 264 23.53 -39.79 25.30
N HIS D 265 24.22 -40.32 24.30
CA HIS D 265 24.91 -41.63 24.41
C HIS D 265 26.33 -41.46 24.97
N VAL D 266 27.10 -40.50 24.48
CA VAL D 266 28.54 -40.36 24.87
C VAL D 266 28.70 -39.13 25.76
N ASN D 267 29.89 -38.97 26.36
CA ASN D 267 30.24 -37.81 27.22
C ASN D 267 29.93 -36.53 26.45
N HIS D 268 29.02 -35.70 26.96
CA HIS D 268 28.57 -34.46 26.26
C HIS D 268 29.69 -33.43 26.22
N TYR D 269 30.73 -33.59 27.05
CA TYR D 269 31.89 -32.65 27.08
C TYR D 269 32.81 -32.93 25.90
N LYS D 270 33.53 -31.89 25.46
CA LYS D 270 34.55 -31.98 24.38
C LYS D 270 35.67 -32.90 24.87
N ASN D 271 36.01 -33.93 24.09
CA ASN D 271 36.95 -35.00 24.49
C ASN D 271 38.39 -34.44 24.62
N PHE D 272 39.07 -34.81 25.72
CA PHE D 272 40.45 -34.44 26.12
C PHE D 272 40.59 -32.92 26.34
N ASP D 273 39.53 -32.30 26.89
CA ASP D 273 39.46 -30.85 27.15
C ASP D 273 39.38 -30.60 28.67
N ASP D 274 40.08 -29.57 29.15
CA ASP D 274 40.12 -29.15 30.58
C ASP D 274 39.29 -27.86 30.77
N THR D 275 38.83 -27.21 29.68
CA THR D 275 38.14 -25.89 29.69
C THR D 275 36.64 -26.03 30.00
N GLY D 276 36.15 -27.24 30.32
CA GLY D 276 34.74 -27.50 30.64
C GLY D 276 33.81 -27.10 29.50
N ALA D 277 34.25 -27.35 28.27
CA ALA D 277 33.50 -27.03 27.02
C ALA D 277 32.67 -28.24 26.58
N VAL D 278 31.37 -28.02 26.38
CA VAL D 278 30.40 -29.07 25.94
C VAL D 278 30.46 -29.20 24.42
N LYS D 279 30.46 -30.44 23.92
CA LYS D 279 30.53 -30.75 22.47
C LYS D 279 29.38 -30.04 21.74
N LYS D 280 29.69 -29.43 20.59
CA LYS D 280 28.73 -28.63 19.75
C LYS D 280 27.41 -29.39 19.50
N GLN D 281 27.46 -30.57 18.88
CA GLN D 281 26.29 -31.39 18.49
C GLN D 281 25.44 -31.73 19.71
N GLU D 282 26.08 -31.94 20.88
CA GLU D 282 25.42 -32.32 22.17
C GLU D 282 25.00 -31.07 22.95
N ASP D 283 25.66 -29.93 22.75
CA ASP D 283 25.34 -28.62 23.35
C ASP D 283 23.98 -28.15 22.82
N TYR D 284 23.76 -28.27 21.50
CA TYR D 284 22.52 -27.81 20.80
C TYR D 284 21.31 -28.62 21.27
N ILE D 285 21.45 -29.95 21.45
CA ILE D 285 20.34 -30.85 21.86
C ILE D 285 20.02 -30.62 23.35
N LEU D 286 20.96 -30.08 24.13
CA LEU D 286 20.80 -29.81 25.59
C LEU D 286 20.41 -28.35 25.87
N ARG D 287 20.55 -27.44 24.90
CA ARG D 287 20.13 -26.00 25.03
C ARG D 287 18.64 -25.88 24.66
N ASN D 288 18.17 -26.72 23.73
CA ASN D 288 16.77 -26.77 23.24
C ASN D 288 15.95 -27.71 24.14
N ALA D 289 16.51 -28.16 25.27
CA ALA D 289 15.94 -29.13 26.24
C ALA D 289 14.51 -28.76 26.62
N ASN D 290 14.21 -27.46 26.70
CA ASN D 290 12.88 -26.88 27.05
C ASN D 290 11.79 -27.33 26.06
N LYS D 291 12.11 -27.41 24.77
CA LYS D 291 11.17 -27.78 23.69
C LYS D 291 10.82 -29.26 23.82
N ILE D 292 11.82 -30.12 24.00
CA ILE D 292 11.67 -31.61 24.10
C ILE D 292 11.04 -31.99 25.45
N ASN D 293 10.32 -33.11 25.50
CA ASN D 293 9.58 -33.55 26.70
C ASN D 293 10.54 -34.07 27.77
N GLY D 294 11.76 -34.48 27.39
CA GLY D 294 12.72 -35.05 28.36
C GLY D 294 14.01 -35.50 27.71
N VAL D 295 15.15 -35.15 28.31
CA VAL D 295 16.50 -35.64 27.88
C VAL D 295 16.84 -36.89 28.69
N VAL D 296 17.40 -37.91 28.06
CA VAL D 296 17.73 -39.19 28.75
C VAL D 296 19.24 -39.39 28.78
N MET D 297 19.79 -39.71 29.96
CA MET D 297 21.24 -39.99 30.13
C MET D 297 21.44 -41.43 30.63
N LEU D 298 22.61 -42.01 30.39
CA LEU D 298 22.96 -43.41 30.77
C LEU D 298 23.14 -43.52 32.29
N THR D 299 23.88 -42.57 32.92
CA THR D 299 24.22 -42.59 34.37
C THR D 299 23.59 -41.40 35.11
N GLU D 300 23.37 -41.56 36.43
CA GLU D 300 22.82 -40.49 37.30
C GLU D 300 23.87 -39.38 37.45
N ALA D 301 25.16 -39.74 37.39
CA ALA D 301 26.32 -38.82 37.46
C ALA D 301 26.23 -37.78 36.33
N GLN D 302 25.71 -38.17 35.16
CA GLN D 302 25.55 -37.27 33.98
C GLN D 302 24.42 -36.27 34.26
N LYS D 303 23.34 -36.70 34.91
CA LYS D 303 22.16 -35.83 35.20
C LYS D 303 22.58 -34.62 36.05
N LYS D 304 23.69 -34.70 36.80
CA LYS D 304 24.23 -33.60 37.64
C LYS D 304 25.02 -32.61 36.76
N ASP D 305 26.03 -33.09 36.03
CA ASP D 305 26.92 -32.26 35.15
C ASP D 305 26.12 -31.64 33.99
N ILE D 306 24.91 -32.14 33.70
CA ILE D 306 23.99 -31.61 32.64
C ILE D 306 22.90 -30.74 33.28
N ILE D 307 22.78 -30.74 34.62
CA ILE D 307 21.87 -29.84 35.38
C ILE D 307 22.62 -28.52 35.60
N GLU D 308 23.95 -28.59 35.66
CA GLU D 308 24.83 -27.41 35.75
C GLU D 308 25.17 -26.97 34.32
N LYS D 309 25.21 -25.65 34.10
CA LYS D 309 25.47 -24.95 32.82
C LYS D 309 24.27 -25.08 31.85
N TYR D 310 23.27 -25.91 32.16
CA TYR D 310 22.06 -26.13 31.32
C TYR D 310 20.76 -25.94 32.13
N LYS D 311 20.74 -26.38 33.39
CA LYS D 311 19.61 -26.25 34.37
C LYS D 311 18.32 -26.82 33.79
N ILE D 312 18.39 -28.01 33.15
CA ILE D 312 17.25 -28.69 32.48
C ILE D 312 16.34 -29.38 33.51
N THR D 313 15.06 -29.03 33.50
CA THR D 313 14.00 -29.62 34.37
C THR D 313 13.67 -31.03 33.85
N ASN D 314 13.47 -31.17 32.53
CA ASN D 314 13.10 -32.43 31.83
C ASN D 314 14.36 -33.23 31.53
N ALA D 315 14.92 -33.88 32.55
CA ALA D 315 16.12 -34.74 32.46
C ALA D 315 15.87 -36.03 33.24
N TYR D 316 15.95 -37.18 32.56
CA TYR D 316 15.68 -38.52 33.14
C TYR D 316 16.88 -39.44 32.91
N VAL D 317 17.13 -40.36 33.84
CA VAL D 317 18.23 -41.35 33.66
C VAL D 317 17.62 -42.75 33.49
N ILE D 318 17.88 -43.33 32.33
CA ILE D 318 17.52 -44.71 31.94
C ILE D 318 18.75 -45.28 31.21
N SER D 319 19.28 -46.40 31.71
CA SER D 319 20.49 -47.06 31.17
C SER D 319 20.14 -47.86 29.90
N ASN D 320 21.13 -48.07 29.03
CA ASN D 320 21.02 -48.94 27.82
C ASN D 320 20.92 -50.39 28.30
N PHE D 321 19.98 -51.16 27.76
CA PHE D 321 19.69 -52.58 28.17
C PHE D 321 20.97 -53.44 28.08
N ILE D 322 21.20 -54.28 29.10
CA ILE D 322 22.40 -55.16 29.21
C ILE D 322 22.04 -56.58 28.75
N ASN D 323 22.92 -57.20 27.94
CA ASN D 323 22.64 -58.52 27.33
C ASN D 323 23.92 -59.36 27.27
N ILE D 324 24.72 -59.37 28.33
CA ILE D 324 25.92 -60.24 28.42
C ILE D 324 25.63 -61.35 29.44
N THR D 325 24.36 -61.58 29.76
CA THR D 325 23.92 -62.57 30.78
C THR D 325 24.30 -63.99 30.34
N ASP D 326 25.31 -64.57 30.99
CA ASP D 326 25.74 -65.98 30.70
C ASP D 326 26.66 -66.45 31.83
N ASP D 327 26.16 -67.34 32.69
CA ASP D 327 26.89 -67.87 33.87
C ASP D 327 27.95 -68.89 33.42
N TYR D 328 29.13 -68.88 34.06
CA TYR D 328 30.25 -69.82 33.77
C TYR D 328 31.15 -70.05 34.99
N ARG D 329 31.98 -71.09 34.89
CA ARG D 329 32.95 -71.52 35.93
C ARG D 329 34.36 -71.05 35.53
N ASP D 330 34.93 -70.12 36.29
CA ASP D 330 36.29 -69.58 36.02
C ASP D 330 37.31 -70.34 36.87
N LYS D 331 38.27 -71.01 36.23
CA LYS D 331 39.34 -71.75 36.93
C LYS D 331 40.70 -71.42 36.30
N ASN D 332 40.72 -70.54 35.30
CA ASN D 332 41.95 -70.19 34.54
C ASN D 332 42.77 -69.18 35.36
N ASP D 333 43.60 -69.67 36.29
CA ASP D 333 44.53 -68.81 37.06
C ASP D 333 45.59 -68.27 36.10
N ASN D 334 45.39 -67.08 35.54
CA ASN D 334 46.32 -66.50 34.54
C ASN D 334 46.66 -65.05 34.91
N LYS D 335 47.95 -64.76 35.09
CA LYS D 335 48.46 -63.38 35.35
C LYS D 335 48.40 -62.58 34.04
N VAL D 336 47.19 -62.31 33.55
CA VAL D 336 46.95 -61.58 32.27
C VAL D 336 45.86 -60.53 32.47
N VAL D 337 46.19 -59.27 32.12
CA VAL D 337 45.27 -58.11 32.24
C VAL D 337 44.62 -57.85 30.88
N GLY D 338 43.29 -57.97 30.79
CA GLY D 338 42.51 -57.84 29.55
C GLY D 338 41.92 -56.45 29.34
N HIS D 339 41.92 -55.96 28.10
CA HIS D 339 41.35 -54.64 27.72
C HIS D 339 40.62 -54.72 26.37
N ILE D 340 39.35 -55.14 26.40
CA ILE D 340 38.49 -55.30 25.19
C ILE D 340 37.80 -53.97 24.88
N SER D 341 38.43 -53.11 24.07
CA SER D 341 37.87 -51.82 23.59
C SER D 341 38.68 -51.35 22.38
N ARG D 342 38.07 -50.54 21.51
CA ARG D 342 38.71 -50.04 20.27
C ARG D 342 39.95 -49.22 20.63
N LEU D 343 40.93 -49.15 19.73
CA LEU D 343 42.18 -48.37 19.92
C LEU D 343 41.89 -46.90 19.62
N VAL D 344 40.89 -46.32 20.28
CA VAL D 344 40.51 -44.89 20.11
C VAL D 344 41.18 -44.11 21.24
N PRO D 345 41.44 -42.79 21.09
CA PRO D 345 42.16 -42.02 22.10
C PRO D 345 41.55 -42.07 23.51
N GLN D 346 40.22 -42.13 23.62
CA GLN D 346 39.52 -42.01 24.93
C GLN D 346 39.76 -43.25 25.80
N LYS D 347 40.58 -44.21 25.35
CA LYS D 347 40.89 -45.43 26.13
C LYS D 347 42.23 -45.27 26.85
N GLY D 348 42.98 -44.20 26.57
CA GLY D 348 44.23 -43.86 27.26
C GLY D 348 45.18 -45.04 27.38
N LEU D 349 45.46 -45.71 26.27
CA LEU D 349 46.36 -46.89 26.24
C LEU D 349 47.76 -46.50 26.72
N PRO D 350 48.18 -45.23 26.56
CA PRO D 350 49.51 -44.83 27.03
C PRO D 350 49.58 -44.92 28.56
N TYR D 351 48.48 -44.63 29.24
CA TYR D 351 48.39 -44.77 30.71
C TYR D 351 48.54 -46.25 31.04
N LEU D 352 47.82 -47.12 30.33
CA LEU D 352 47.93 -48.58 30.53
C LEU D 352 49.41 -48.98 30.41
N ILE D 353 50.15 -48.35 29.50
CA ILE D 353 51.58 -48.66 29.27
C ILE D 353 52.39 -48.32 30.54
N ASP D 354 52.03 -47.23 31.22
CA ASP D 354 52.72 -46.77 32.46
C ASP D 354 52.33 -47.68 33.63
N VAL D 355 51.05 -48.06 33.71
CA VAL D 355 50.49 -48.95 34.77
C VAL D 355 51.22 -50.31 34.69
N ALA D 356 51.23 -50.94 33.51
CA ALA D 356 51.87 -52.25 33.24
C ALA D 356 53.39 -52.19 33.44
N LYS D 357 53.99 -51.00 33.29
CA LYS D 357 55.46 -50.77 33.46
C LYS D 357 55.83 -50.93 34.94
N LYS D 358 54.93 -50.58 35.86
CA LYS D 358 55.15 -50.69 37.33
C LYS D 358 54.81 -52.10 37.82
N VAL D 359 53.91 -52.81 37.14
CA VAL D 359 53.53 -54.22 37.46
C VAL D 359 54.69 -55.14 37.10
N VAL D 360 55.21 -55.01 35.87
CA VAL D 360 56.35 -55.81 35.32
C VAL D 360 57.66 -55.46 36.05
N GLU D 361 57.71 -54.31 36.73
CA GLU D 361 58.86 -53.87 37.58
C GLU D 361 58.90 -54.76 38.82
N GLN D 362 57.74 -55.01 39.43
CA GLN D 362 57.58 -55.85 40.65
C GLN D 362 57.57 -57.33 40.25
N ASP D 363 56.66 -57.76 39.36
CA ASP D 363 56.58 -59.18 38.93
C ASP D 363 56.63 -59.28 37.40
N ASN D 364 57.70 -59.90 36.89
CA ASN D 364 57.97 -60.03 35.43
C ASN D 364 57.06 -61.08 34.78
N SER D 365 56.37 -61.93 35.56
CA SER D 365 55.47 -63.00 35.03
C SER D 365 54.08 -62.44 34.73
N VAL D 366 53.84 -61.14 34.97
CA VAL D 366 52.54 -60.45 34.75
C VAL D 366 52.44 -59.98 33.29
N GLU D 367 51.45 -60.49 32.56
CA GLU D 367 51.21 -60.12 31.14
C GLU D 367 50.01 -59.17 31.06
N PHE D 368 50.00 -58.32 30.03
CA PHE D 368 48.94 -57.34 29.75
C PHE D 368 48.47 -57.53 28.31
N HIS D 369 47.22 -57.95 28.12
CA HIS D 369 46.63 -58.26 26.79
C HIS D 369 45.65 -57.15 26.38
N LEU D 370 46.02 -56.37 25.37
CA LEU D 370 45.14 -55.30 24.81
C LEU D 370 44.68 -55.73 23.42
N TYR D 371 43.37 -55.82 23.23
CA TYR D 371 42.73 -56.24 21.95
C TYR D 371 41.82 -55.11 21.45
N GLY D 372 41.64 -55.02 20.13
CA GLY D 372 40.80 -54.00 19.47
C GLY D 372 41.39 -53.49 18.17
N THR D 373 40.57 -52.80 17.38
CA THR D 373 40.96 -52.25 16.05
C THR D 373 40.63 -50.75 16.00
N GLY D 374 41.66 -49.91 15.83
CA GLY D 374 41.53 -48.44 15.77
C GLY D 374 42.81 -47.73 15.35
N GLU D 375 42.77 -46.39 15.45
CA GLU D 375 43.81 -45.44 14.96
C GLU D 375 45.14 -45.57 15.74
N GLU D 376 45.13 -46.07 16.98
CA GLU D 376 46.34 -46.09 17.85
C GLU D 376 46.97 -47.49 17.89
N LYS D 377 47.51 -47.96 16.76
CA LYS D 377 48.27 -49.22 16.65
C LYS D 377 49.77 -48.88 16.62
N SER D 378 50.16 -47.90 15.81
CA SER D 378 51.54 -47.38 15.67
C SER D 378 51.99 -46.75 16.99
N LYS D 379 51.04 -46.13 17.71
CA LYS D 379 51.27 -45.50 19.04
C LYS D 379 51.66 -46.57 20.06
N ILE D 380 50.87 -47.66 20.15
CA ILE D 380 51.04 -48.77 21.13
C ILE D 380 52.27 -49.62 20.77
N GLU D 381 52.58 -49.78 19.48
CA GLU D 381 53.75 -50.57 19.01
C GLU D 381 55.06 -49.87 19.41
N ASN D 382 55.08 -48.54 19.34
CA ASN D 382 56.27 -47.70 19.65
C ASN D 382 56.51 -47.64 21.16
N LEU D 383 55.47 -47.37 21.95
CA LEU D 383 55.54 -47.22 23.44
C LEU D 383 55.99 -48.54 24.09
N ILE D 384 55.43 -49.68 23.66
CA ILE D 384 55.75 -51.04 24.21
C ILE D 384 57.19 -51.42 23.87
N GLN D 385 57.68 -51.03 22.69
CA GLN D 385 59.08 -51.28 22.24
C GLN D 385 60.01 -50.36 23.05
N GLU D 386 59.54 -49.17 23.40
CA GLU D 386 60.29 -48.15 24.20
C GLU D 386 60.42 -48.63 25.65
N SER D 387 59.33 -49.12 26.24
CA SER D 387 59.27 -49.63 27.64
C SER D 387 60.05 -50.95 27.78
N ASN D 388 60.16 -51.71 26.67
CA ASN D 388 60.90 -52.99 26.47
C ASN D 388 60.10 -54.20 27.01
N LEU D 389 58.88 -54.01 27.51
CA LEU D 389 57.98 -55.10 27.97
C LEU D 389 57.13 -55.58 26.79
N THR D 390 57.77 -56.02 25.70
CA THR D 390 57.12 -56.45 24.43
C THR D 390 56.36 -57.77 24.62
N ASN D 391 56.93 -58.72 25.37
CA ASN D 391 56.30 -60.04 25.67
C ASN D 391 55.17 -59.86 26.70
N ASN D 392 55.27 -58.81 27.54
CA ASN D 392 54.28 -58.48 28.59
C ASN D 392 53.05 -57.82 27.97
N VAL D 393 53.23 -56.74 27.18
CA VAL D 393 52.11 -56.00 26.53
C VAL D 393 51.95 -56.44 25.08
N LYS D 394 50.84 -57.09 24.74
CA LYS D 394 50.57 -57.69 23.40
C LYS D 394 49.31 -57.08 22.75
N LEU D 395 49.14 -57.30 21.44
CA LEU D 395 48.02 -56.77 20.63
C LEU D 395 47.30 -57.89 19.88
N LEU D 396 46.18 -58.38 20.44
CA LEU D 396 45.43 -59.57 19.94
C LEU D 396 44.57 -59.21 18.71
N GLY D 397 44.37 -57.92 18.43
CA GLY D 397 43.60 -57.43 17.26
C GLY D 397 42.10 -57.66 17.42
N TYR D 398 41.33 -57.32 16.37
CA TYR D 398 39.84 -57.45 16.34
C TYR D 398 39.47 -58.94 16.37
N THR D 399 38.61 -59.34 17.31
CA THR D 399 38.15 -60.74 17.47
C THR D 399 36.62 -60.78 17.65
N THR D 400 35.97 -61.70 16.94
CA THR D 400 34.50 -61.95 17.03
C THR D 400 34.19 -62.63 18.37
N ASN D 401 35.14 -63.39 18.91
CA ASN D 401 35.04 -64.11 20.19
C ASN D 401 35.74 -63.32 21.30
N ALA D 402 34.98 -62.49 22.01
CA ALA D 402 35.44 -61.65 23.14
C ALA D 402 35.47 -62.48 24.43
N ILE D 403 34.35 -63.14 24.75
CA ILE D 403 34.14 -63.90 26.02
C ILE D 403 35.27 -64.93 26.24
N GLU D 404 35.60 -65.77 25.25
CA GLU D 404 36.60 -66.87 25.33
C GLU D 404 37.98 -66.38 25.82
N LYS D 405 38.46 -65.23 25.31
CA LYS D 405 39.77 -64.67 25.71
C LYS D 405 39.61 -63.91 27.04
N ILE D 406 38.44 -63.30 27.27
CA ILE D 406 38.08 -62.54 28.51
C ILE D 406 38.04 -63.52 29.70
N LYS D 407 37.42 -64.69 29.52
CA LYS D 407 37.28 -65.77 30.53
C LYS D 407 38.65 -66.25 31.04
N ASP D 408 39.71 -66.06 30.23
CA ASP D 408 41.10 -66.50 30.55
C ASP D 408 41.83 -65.47 31.42
N PHE D 409 41.48 -64.18 31.33
CA PHE D 409 42.14 -63.06 32.07
C PHE D 409 41.70 -63.08 33.55
N ARG D 410 42.58 -62.56 34.43
CA ARG D 410 42.30 -62.42 35.89
C ARG D 410 41.68 -61.05 36.17
N CYS D 411 42.16 -59.98 35.54
CA CYS D 411 41.64 -58.60 35.76
C CYS D 411 41.45 -57.82 34.46
N VAL D 412 40.61 -56.79 34.52
CA VAL D 412 40.24 -55.91 33.37
C VAL D 412 40.47 -54.45 33.79
N ILE D 413 41.66 -53.93 33.47
CA ILE D 413 42.07 -52.53 33.80
C ILE D 413 41.48 -51.57 32.76
N SER D 414 40.84 -50.50 33.25
CA SER D 414 40.31 -49.38 32.42
C SER D 414 41.18 -48.14 32.66
N THR D 415 41.85 -47.67 31.62
CA THR D 415 42.68 -46.42 31.64
C THR D 415 41.97 -45.37 30.79
N SER D 416 40.69 -45.61 30.46
CA SER D 416 39.80 -44.71 29.69
C SER D 416 39.64 -43.39 30.42
N GLN D 417 39.66 -42.27 29.70
CA GLN D 417 39.60 -40.92 30.31
C GLN D 417 38.16 -40.39 30.24
N PHE D 418 37.32 -41.00 29.41
CA PHE D 418 35.89 -40.60 29.23
C PHE D 418 35.11 -41.77 28.62
N GLU D 419 33.83 -41.88 28.96
CA GLU D 419 32.93 -42.95 28.46
C GLU D 419 31.51 -42.71 28.98
N GLY D 420 30.49 -43.21 28.26
CA GLY D 420 29.10 -43.21 28.74
C GLY D 420 28.71 -44.60 29.20
N GLN D 421 28.18 -44.73 30.42
CA GLN D 421 27.73 -46.02 31.02
C GLN D 421 28.92 -46.90 31.38
N GLY D 422 29.84 -47.17 30.44
CA GLY D 422 31.02 -48.03 30.67
C GLY D 422 30.70 -49.48 30.39
N LEU D 423 30.31 -49.79 29.16
CA LEU D 423 29.87 -51.15 28.74
C LEU D 423 31.02 -52.13 28.88
N SER D 424 32.22 -51.78 28.40
CA SER D 424 33.40 -52.69 28.38
C SER D 424 33.60 -53.31 29.77
N LEU D 425 33.44 -52.53 30.83
CA LEU D 425 33.67 -52.99 32.23
C LEU D 425 32.45 -53.77 32.70
N ILE D 426 31.24 -53.28 32.39
CA ILE D 426 29.97 -53.95 32.78
C ILE D 426 29.98 -55.37 32.21
N GLU D 427 30.64 -55.57 31.08
CA GLU D 427 30.75 -56.91 30.44
C GLU D 427 31.67 -57.80 31.28
N ALA D 428 32.89 -57.35 31.56
CA ALA D 428 33.91 -58.15 32.28
C ALA D 428 33.40 -58.51 33.68
N MET D 429 32.75 -57.55 34.33
CA MET D 429 32.14 -57.72 35.67
C MET D 429 31.10 -58.85 35.58
N LEU D 430 30.20 -58.77 34.60
CA LEU D 430 29.15 -59.79 34.38
C LEU D 430 29.81 -61.15 34.09
N LEU D 431 31.06 -61.16 33.64
CA LEU D 431 31.80 -62.41 33.38
C LEU D 431 32.67 -62.74 34.59
N LYS D 432 32.17 -62.51 35.81
CA LYS D 432 32.86 -62.84 37.08
C LYS D 432 34.38 -62.62 36.94
N LYS D 433 34.82 -61.40 36.67
CA LYS D 433 36.26 -61.06 36.52
C LYS D 433 36.55 -59.78 37.30
N PRO D 434 37.77 -59.63 37.86
CA PRO D 434 38.12 -58.46 38.65
C PRO D 434 38.32 -57.21 37.75
N VAL D 435 38.12 -56.01 38.30
CA VAL D 435 38.21 -54.74 37.51
C VAL D 435 39.01 -53.69 38.28
N VAL D 436 39.91 -52.99 37.59
CA VAL D 436 40.68 -51.86 38.17
C VAL D 436 40.49 -50.65 37.24
N ALA D 437 39.40 -49.90 37.42
CA ALA D 437 39.02 -48.80 36.48
C ALA D 437 39.37 -47.44 37.07
N PHE D 438 39.73 -46.48 36.20
CA PHE D 438 39.98 -45.07 36.60
C PHE D 438 38.61 -44.40 36.76
N ASP D 439 38.39 -43.72 37.87
CA ASP D 439 37.12 -42.97 38.12
C ASP D 439 37.07 -41.82 37.11
N VAL D 440 36.25 -41.95 36.06
CA VAL D 440 36.23 -40.94 34.95
C VAL D 440 34.79 -40.49 34.71
N LYS D 441 34.61 -39.56 33.77
CA LYS D 441 33.30 -38.95 33.43
C LYS D 441 32.29 -40.07 33.15
N TYR D 442 31.28 -40.21 34.00
CA TYR D 442 30.14 -41.15 33.83
C TYR D 442 30.67 -42.55 33.51
N GLY D 443 31.60 -43.05 34.33
CA GLY D 443 32.25 -44.36 34.12
C GLY D 443 32.03 -45.30 35.31
N PRO D 444 33.12 -45.86 35.85
CA PRO D 444 33.04 -46.85 36.93
C PRO D 444 32.27 -46.43 38.19
N SER D 445 32.32 -45.16 38.56
CA SER D 445 31.75 -44.63 39.83
C SER D 445 30.37 -45.24 40.08
N ASP D 446 29.57 -45.47 39.04
CA ASP D 446 28.17 -45.93 39.20
C ASP D 446 28.13 -47.41 39.59
N PHE D 447 29.04 -48.24 39.09
CA PHE D 447 28.95 -49.71 39.31
C PHE D 447 30.17 -50.24 40.08
N VAL D 448 31.40 -49.85 39.72
CA VAL D 448 32.62 -50.41 40.36
C VAL D 448 32.62 -49.99 41.85
N LYS D 449 32.69 -50.96 42.76
CA LYS D 449 32.76 -50.70 44.22
C LYS D 449 34.17 -51.06 44.70
N ASP D 450 34.97 -50.07 45.08
CA ASP D 450 36.37 -50.26 45.52
C ASP D 450 36.40 -51.29 46.67
N GLY D 451 37.12 -52.41 46.48
CA GLY D 451 37.25 -53.47 47.49
C GLY D 451 36.14 -54.50 47.38
N LYS D 452 34.90 -54.07 47.14
CA LYS D 452 33.73 -54.99 47.07
C LYS D 452 33.79 -55.79 45.76
N ASN D 453 33.89 -55.12 44.61
CA ASN D 453 33.90 -55.83 43.30
C ASN D 453 35.07 -55.37 42.41
N GLY D 454 35.95 -54.50 42.90
CA GLY D 454 37.05 -53.99 42.08
C GLY D 454 37.87 -52.94 42.79
N TYR D 455 38.42 -51.98 42.04
CA TYR D 455 39.26 -50.88 42.59
C TYR D 455 39.10 -49.62 41.75
N LEU D 456 38.16 -48.76 42.12
CA LEU D 456 37.95 -47.45 41.44
C LEU D 456 39.14 -46.56 41.80
N ILE D 457 40.13 -46.45 40.91
CA ILE D 457 41.37 -45.68 41.17
C ILE D 457 41.20 -44.27 40.61
N GLU D 458 41.65 -43.24 41.33
CA GLU D 458 41.61 -41.83 40.87
C GLU D 458 42.33 -41.73 39.52
N ASN D 459 41.79 -40.98 38.56
CA ASN D 459 42.34 -40.88 37.18
C ASN D 459 43.79 -40.38 37.23
N LYS D 460 44.63 -40.86 36.32
CA LYS D 460 46.05 -40.43 36.15
C LYS D 460 46.96 -41.05 37.21
N ASP D 461 46.42 -41.57 38.32
CA ASP D 461 47.25 -42.16 39.42
C ASP D 461 47.65 -43.58 39.02
N ILE D 462 48.74 -43.72 38.26
CA ILE D 462 49.24 -45.04 37.80
C ILE D 462 49.80 -45.81 39.01
N LYS D 463 50.38 -45.10 39.98
CA LYS D 463 50.97 -45.70 41.21
C LYS D 463 49.90 -46.49 41.97
N LYS D 464 48.73 -45.88 42.21
CA LYS D 464 47.60 -46.53 42.94
C LYS D 464 47.07 -47.67 42.07
N MET D 465 46.84 -47.40 40.78
CA MET D 465 46.28 -48.35 39.78
C MET D 465 47.16 -49.60 39.64
N ALA D 466 48.49 -49.45 39.66
CA ALA D 466 49.46 -50.56 39.48
C ALA D 466 49.44 -51.49 40.70
N ASN D 467 49.61 -50.95 41.92
CA ASN D 467 49.67 -51.70 43.21
C ASN D 467 48.38 -52.52 43.42
N LYS D 468 47.22 -51.96 43.09
CA LYS D 468 45.91 -52.65 43.22
C LYS D 468 45.78 -53.72 42.14
N ILE D 469 46.35 -53.51 40.95
CA ILE D 469 46.36 -54.51 39.84
C ILE D 469 47.33 -55.63 40.23
N LEU D 470 48.40 -55.27 40.94
CA LEU D 470 49.41 -56.23 41.47
C LEU D 470 48.79 -57.06 42.60
N LYS D 471 47.99 -56.44 43.47
CA LYS D 471 47.32 -57.12 44.61
C LYS D 471 46.14 -57.98 44.11
N LEU D 472 45.67 -57.75 42.88
CA LEU D 472 44.59 -58.56 42.25
C LEU D 472 45.19 -59.82 41.62
N LEU D 473 46.33 -59.68 40.94
CA LEU D 473 47.06 -60.78 40.24
C LEU D 473 47.89 -61.60 41.24
N HIS D 474 48.22 -61.05 42.41
CA HIS D 474 48.99 -61.74 43.48
C HIS D 474 48.04 -62.24 44.59
N ASP D 475 46.84 -62.66 44.21
CA ASP D 475 45.79 -63.22 45.11
C ASP D 475 44.73 -63.90 44.23
N LYS D 476 44.73 -65.23 44.20
CA LYS D 476 43.83 -66.03 43.33
C LYS D 476 42.39 -65.93 43.84
N GLU D 477 42.18 -65.94 45.16
CA GLU D 477 40.81 -65.97 45.74
C GLU D 477 40.20 -64.57 45.80
N LEU D 478 40.94 -63.54 46.25
CA LEU D 478 40.40 -62.14 46.36
C LEU D 478 39.83 -61.69 45.01
N SER D 479 40.60 -61.80 43.92
CA SER D 479 40.17 -61.35 42.56
C SER D 479 39.00 -62.19 42.06
N LYS D 480 38.96 -63.48 42.40
CA LYS D 480 37.84 -64.42 42.05
C LYS D 480 36.60 -64.05 42.84
N SER D 481 36.76 -63.64 44.11
CA SER D 481 35.63 -63.29 45.03
C SER D 481 35.08 -61.91 44.68
N LEU D 482 35.96 -60.94 44.40
CA LEU D 482 35.57 -59.56 43.98
C LEU D 482 34.81 -59.67 42.66
N GLY D 483 35.36 -60.45 41.72
CA GLY D 483 34.75 -60.72 40.40
C GLY D 483 33.39 -61.39 40.52
N LYS D 484 33.25 -62.34 41.45
CA LYS D 484 31.97 -63.08 41.71
C LYS D 484 30.87 -62.07 42.04
N HIS D 485 31.20 -61.07 42.85
CA HIS D 485 30.29 -59.96 43.29
C HIS D 485 29.96 -59.09 42.07
N GLY D 486 30.98 -58.73 41.29
CA GLY D 486 30.89 -57.91 40.08
C GLY D 486 29.71 -58.28 39.20
N ARG D 487 29.56 -59.57 38.86
CA ARG D 487 28.45 -60.04 38.00
C ARG D 487 27.10 -59.78 38.67
N ASP D 488 26.98 -60.10 39.97
CA ASP D 488 25.73 -59.95 40.77
C ASP D 488 25.39 -58.46 40.91
N THR D 489 26.41 -57.60 41.00
CA THR D 489 26.27 -56.13 41.10
C THR D 489 25.60 -55.59 39.83
N ILE D 490 26.03 -56.06 38.66
CA ILE D 490 25.53 -55.63 37.32
C ILE D 490 24.10 -56.18 37.11
N ILE D 491 23.83 -57.43 37.50
CA ILE D 491 22.49 -58.09 37.38
C ILE D 491 21.47 -57.30 38.22
N ASP D 492 21.86 -56.84 39.42
CA ASP D 492 20.96 -56.15 40.38
C ASP D 492 20.70 -54.70 39.94
N MET D 493 21.73 -53.97 39.51
CA MET D 493 21.61 -52.53 39.12
C MET D 493 20.88 -52.41 37.78
N TYR D 494 21.31 -53.15 36.76
CA TYR D 494 20.78 -53.05 35.38
C TYR D 494 19.80 -54.22 35.11
N GLN D 495 18.55 -54.07 35.56
CA GLN D 495 17.49 -55.10 35.37
C GLN D 495 16.46 -54.62 34.34
N PRO D 496 16.15 -55.46 33.31
CA PRO D 496 15.22 -55.07 32.24
C PRO D 496 13.80 -54.68 32.67
N GLU D 497 13.23 -55.33 33.69
CA GLU D 497 11.83 -55.09 34.16
C GLU D 497 11.70 -53.68 34.79
N LYS D 498 12.71 -53.22 35.53
CA LYS D 498 12.72 -51.89 36.21
C LYS D 498 13.14 -50.80 35.22
N LEU D 499 14.06 -51.11 34.29
CA LEU D 499 14.51 -50.19 33.22
C LEU D 499 13.30 -49.84 32.35
N MET D 500 12.52 -50.86 31.98
CA MET D 500 11.28 -50.72 31.17
C MET D 500 10.26 -49.86 31.94
N VAL D 501 10.23 -49.96 33.28
CA VAL D 501 9.32 -49.18 34.15
C VAL D 501 9.66 -47.69 34.02
N LYS D 502 10.95 -47.33 34.07
CA LYS D 502 11.44 -45.94 33.91
C LYS D 502 11.00 -45.40 32.54
N TRP D 503 11.17 -46.20 31.49
CA TRP D 503 10.74 -45.92 30.09
C TRP D 503 9.22 -45.67 30.06
N LYS D 504 8.45 -46.67 30.52
CA LYS D 504 6.96 -46.68 30.54
C LYS D 504 6.41 -45.45 31.27
N GLN D 505 7.05 -45.00 32.35
CA GLN D 505 6.61 -43.83 33.16
C GLN D 505 6.65 -42.56 32.31
N LEU D 506 7.65 -42.43 31.42
CA LEU D 506 7.80 -41.27 30.50
C LEU D 506 6.72 -41.37 29.42
N PHE D 507 6.27 -42.60 29.12
CA PHE D 507 5.24 -42.89 28.09
C PHE D 507 3.84 -42.90 28.74
#